data_2GV9
#
_entry.id   2GV9
#
_cell.length_a   103.917
_cell.length_b   125.550
_cell.length_c   220.577
_cell.angle_alpha   90.00
_cell.angle_beta   90.00
_cell.angle_gamma   90.00
#
_symmetry.space_group_name_H-M   'P 21 21 21'
#
loop_
_entity.id
_entity.type
_entity.pdbx_description
1 polymer 'DNA polymerase'
2 non-polymer 'SULFATE ION'
3 non-polymer 'MERCURY (II) ION'
4 non-polymer GUANIDINE
5 water water
#
_entity_poly.entity_id   1
_entity_poly.type   'polypeptide(L)'
_entity_poly.pdbx_seq_one_letter_code
;NFYNPYLAPVGTQQKPTGPTQRHTYYSECDEFRFIAPRVLDEDAPPEKRAGVHDGHLKRAPKVYCGGDERDVLRVGSGGF
WPRRSRLWGGVDHAPAGFNPTVTVFHVYDILENVEHAYGMRAAQFHARFMDAITPTGTVITLLGLTPEGHRVAVHVYGTR
QYFYMNKEEVDRHLQCRAPRDLCERMAAALRESPGASFRGISADHFEAEVVERTDVYYYETRPALFYRVYVRSGRVLSYL
CDNFCPAIKKYEGGVDATTRFILDNPGFVTFGWYRLKPGRNNTLAQPRAPMAFGTSSDVEFNCTADNLAIEGGMSDLPAY
KLMCFDIECKAGGEDELAFPVAGHPEDLVIQISCLLYDLSTTALEHVLLFSLGSCDLPESHLNELAARGLPTPVVLEFDS
EFEMLLAFMTLVKQYGPEFVTGYNIINFDWPFLLAKLTDIYKVPLDGYGRMNGRGVFRVWDIGQSHFQKRSKIKVNGMVN
IDMYGIITDKIKLSSYKLNAVAEAVLKDKKKDLSYRDIPAYYATGPAQRGVIGEYCIQDSLLVGQLFFKFLPHLELSAVA
RLAGINITRTIYDGQQIRVFTCLLRLADQKGFILPDTQGRFRGAGGEAPKRPAAAREDEERPEEEGEDEDEREEGGGERE
PEGARETAGRHVGYQGAKVLDPTSGFHVNPVVVFDFASLYPSIIQAHNLCFSTLSLRADAVAHLEAGKDYLEIEVGGRRL
FFVKAHVRESLLSILLRDWLAMRKQIRSRIPQSSPEEAVLLDKQQAAIKVVCNSVYGFTGVQHGLLPCLHVAATVTTIGR
EMLLATREYVHARWAAFEQLLADFPEAADMRAPGPYSMRIIYGDTDSIFVLCRGLTAAGLTAMGDKMASHISRALFLPPI
KLECEKTFTKLLLIAKKKYIGVIYGGKMLIKGVDLVRKNNCAFINRTSRALVDLLFYDDTVSGAAAALAERPAEEWLARP
LPEGLQAFGAVLVDAHRRITDPERDIQDFVLTAELSRHPRAYTNKRLAHLTVYYKLMARRAQVPSIKDRIPYVIVAQTRE
VEETVARLAALRELDAAAPGDEPAPPAALPSPAKRPRETPSHADPPGGASKPRKLLVSELAEDPAYAIAHGVALNTDYYF
SHLLGAACVTFKALFGNNAKITESLLKRFIPEVWHPPDDVAARLRAAGFGAVGAGATAEETRRMLHRAFDTLA
;
_entity_poly.pdbx_strand_id   A,B
#
# COMPACT_ATOMS: atom_id res chain seq x y z
N GLY A 18 10.76 62.44 20.22
CA GLY A 18 12.00 61.87 19.57
C GLY A 18 12.21 60.41 19.99
N PRO A 19 12.34 59.49 19.00
CA PRO A 19 12.41 58.05 19.35
C PRO A 19 13.45 57.70 20.44
N THR A 20 13.04 56.92 21.43
CA THR A 20 13.98 56.46 22.47
C THR A 20 15.19 55.66 21.85
N GLN A 21 14.98 55.05 20.68
CA GLN A 21 16.04 54.41 19.89
C GLN A 21 16.02 54.99 18.48
N ARG A 22 17.17 55.42 18.01
CA ARG A 22 17.21 56.22 16.81
C ARG A 22 16.83 55.45 15.54
N HIS A 23 16.22 56.19 14.62
CA HIS A 23 15.98 55.72 13.27
C HIS A 23 17.21 56.12 12.44
N THR A 24 17.90 55.13 11.86
CA THR A 24 19.16 55.32 11.14
C THR A 24 19.03 55.31 9.62
N TYR A 25 17.89 54.86 9.11
CA TYR A 25 17.52 55.05 7.68
C TYR A 25 17.36 56.56 7.43
N TYR A 26 17.29 56.99 6.17
CA TYR A 26 17.28 58.41 5.83
C TYR A 26 15.88 58.84 5.72
N SER A 27 15.55 59.88 6.50
CA SER A 27 14.34 60.68 6.39
C SER A 27 14.65 62.11 5.85
N GLU A 28 15.93 62.49 5.77
CA GLU A 28 16.37 63.63 4.93
C GLU A 28 17.75 63.47 4.33
N CYS A 29 17.97 63.95 3.09
CA CYS A 29 19.35 64.23 2.58
C CYS A 29 19.13 65.55 1.84
N ASP A 30 20.06 66.49 2.07
CA ASP A 30 20.12 67.77 1.39
C ASP A 30 21.16 67.76 0.28
N GLU A 31 22.15 66.85 0.40
CA GLU A 31 23.18 66.68 -0.62
C GLU A 31 23.54 65.22 -0.79
N PHE A 32 24.25 64.94 -1.87
CA PHE A 32 24.54 63.56 -2.25
C PHE A 32 25.38 63.50 -3.53
N ARG A 33 25.90 62.29 -3.82
CA ARG A 33 26.80 62.04 -4.97
C ARG A 33 26.01 61.82 -6.28
N PHE A 34 26.18 62.72 -7.25
CA PHE A 34 25.36 62.69 -8.43
C PHE A 34 26.02 61.96 -9.58
N ILE A 35 25.49 60.78 -9.91
CA ILE A 35 26.07 59.98 -10.99
C ILE A 35 24.99 59.66 -12.00
N ALA A 36 25.27 60.01 -13.25
CA ALA A 36 24.34 59.79 -14.37
C ALA A 36 25.07 59.79 -15.69
N PRO A 37 24.57 58.99 -16.64
CA PRO A 37 25.17 58.92 -17.96
C PRO A 37 24.96 60.20 -18.68
N ARG A 38 25.99 60.68 -19.35
CA ARG A 38 25.88 61.93 -20.08
C ARG A 38 24.94 61.88 -21.31
N VAL A 39 24.78 60.70 -21.90
CA VAL A 39 23.75 60.47 -22.94
C VAL A 39 22.41 61.12 -22.53
N LEU A 40 22.04 61.01 -21.26
CA LEU A 40 20.83 61.62 -20.75
C LEU A 40 20.73 63.12 -21.08
N ASP A 41 21.86 63.81 -21.20
CA ASP A 41 21.84 65.20 -21.65
C ASP A 41 21.42 65.30 -23.12
N GLU A 42 20.46 66.18 -23.39
CA GLU A 42 20.06 66.46 -24.77
C GLU A 42 20.43 67.89 -25.20
N ASP A 43 20.61 68.79 -24.22
CA ASP A 43 21.50 69.93 -24.41
C ASP A 43 22.87 69.27 -24.51
N ALA A 44 23.25 68.80 -25.69
CA ALA A 44 24.35 67.82 -25.76
C ALA A 44 25.20 67.83 -27.04
N PRO A 45 26.40 68.47 -26.99
CA PRO A 45 27.33 68.45 -28.12
C PRO A 45 27.72 67.02 -28.52
N PRO A 46 28.28 66.83 -29.73
CA PRO A 46 28.55 65.44 -30.15
C PRO A 46 29.51 64.70 -29.23
N GLU A 47 30.39 65.45 -28.54
CA GLU A 47 31.49 64.85 -27.79
C GLU A 47 31.18 64.69 -26.32
N LYS A 48 30.28 65.51 -25.78
CA LYS A 48 30.03 65.52 -24.32
C LYS A 48 28.97 64.50 -23.90
N ARG A 49 28.71 63.49 -24.73
CA ARG A 49 27.65 62.50 -24.47
C ARG A 49 28.10 61.10 -24.03
N ALA A 50 29.42 60.90 -23.84
CA ALA A 50 29.92 59.61 -23.35
C ALA A 50 30.12 59.62 -21.85
N GLY A 51 30.37 58.44 -21.29
CA GLY A 51 30.65 58.31 -19.89
C GLY A 51 29.55 58.79 -18.97
N VAL A 52 29.95 59.44 -17.89
CA VAL A 52 29.10 59.60 -16.76
C VAL A 52 29.46 60.87 -16.03
N HIS A 53 28.49 61.56 -15.47
CA HIS A 53 28.76 62.65 -14.52
C HIS A 53 29.04 62.05 -13.16
N ASP A 54 30.03 62.57 -12.44
CA ASP A 54 30.29 62.10 -11.07
C ASP A 54 30.69 63.29 -10.21
N GLY A 55 29.72 63.86 -9.52
CA GLY A 55 29.98 65.07 -8.73
C GLY A 55 29.14 65.08 -7.51
N HIS A 56 29.29 66.14 -6.70
CA HIS A 56 28.45 66.35 -5.53
C HIS A 56 27.35 67.35 -5.89
N LEU A 57 26.12 67.04 -5.48
CA LEU A 57 25.00 67.96 -5.65
C LEU A 57 24.20 68.22 -4.35
N LYS A 58 23.90 69.50 -4.11
CA LYS A 58 23.13 69.93 -2.92
C LYS A 58 21.70 70.19 -3.32
N ARG A 59 20.83 69.25 -3.01
CA ARG A 59 19.41 69.37 -3.25
C ARG A 59 18.78 68.10 -2.69
N ALA A 60 17.49 68.13 -2.35
CA ALA A 60 16.81 66.89 -1.97
C ALA A 60 16.75 65.93 -3.16
N PRO A 61 16.86 64.62 -2.89
CA PRO A 61 16.47 63.58 -3.87
C PRO A 61 15.02 63.68 -4.36
N LYS A 62 14.87 63.62 -5.69
CA LYS A 62 13.64 63.81 -6.41
C LYS A 62 13.20 62.51 -7.13
N VAL A 63 11.88 62.35 -7.30
CA VAL A 63 11.29 61.27 -8.11
C VAL A 63 10.46 62.00 -9.12
N TYR A 64 10.38 61.47 -10.33
CA TYR A 64 9.40 61.95 -11.31
C TYR A 64 8.41 60.81 -11.57
N CYS A 65 7.13 61.16 -11.74
CA CYS A 65 6.12 60.17 -12.06
C CYS A 65 5.09 60.94 -12.75
N GLY A 66 4.83 60.64 -14.02
CA GLY A 66 3.99 61.55 -14.85
C GLY A 66 4.74 62.88 -15.00
N GLY A 67 3.99 63.95 -15.28
CA GLY A 67 4.58 65.31 -15.20
C GLY A 67 4.93 65.73 -13.76
N ASP A 68 4.37 65.00 -12.79
CA ASP A 68 4.56 65.28 -11.37
C ASP A 68 5.99 64.97 -10.88
N GLU A 69 6.42 65.72 -9.88
CA GLU A 69 7.62 65.44 -9.15
C GLU A 69 7.42 65.56 -7.64
N ARG A 70 8.50 65.32 -6.90
CA ARG A 70 8.39 65.06 -5.46
C ARG A 70 9.72 64.60 -4.84
N ASP A 71 9.91 64.97 -3.58
CA ASP A 71 11.08 64.57 -2.80
C ASP A 71 10.88 63.14 -2.48
N VAL A 72 11.94 62.37 -2.61
CA VAL A 72 11.87 60.94 -2.46
C VAL A 72 11.56 60.62 -1.02
N LEU A 73 11.95 61.49 -0.07
CA LEU A 73 11.79 61.17 1.35
C LEU A 73 10.55 61.82 2.02
N ARG A 74 9.69 62.46 1.25
CA ARG A 74 8.39 62.94 1.79
C ARG A 74 7.36 61.80 1.92
N VAL A 75 6.72 61.72 3.09
CA VAL A 75 5.46 60.92 3.22
C VAL A 75 4.31 61.82 3.64
N GLY A 76 3.15 61.53 3.04
CA GLY A 76 1.93 62.33 3.19
C GLY A 76 1.24 62.31 1.83
N SER A 77 0.67 63.46 1.46
CA SER A 77 0.04 63.73 0.14
C SER A 77 0.56 62.92 -1.04
N GLY A 78 -0.26 62.73 -2.07
CA GLY A 78 0.16 62.18 -3.38
C GLY A 78 1.51 61.48 -3.58
N GLY A 79 1.79 60.50 -2.70
CA GLY A 79 2.94 59.63 -2.81
C GLY A 79 2.82 58.66 -3.97
N PHE A 80 3.92 58.46 -4.67
CA PHE A 80 3.91 57.72 -5.92
C PHE A 80 3.89 56.21 -5.74
N TRP A 81 4.13 55.75 -4.53
CA TRP A 81 4.22 54.33 -4.31
C TRP A 81 3.54 53.99 -2.99
N PRO A 82 3.03 52.76 -2.88
CA PRO A 82 2.27 52.33 -1.69
C PRO A 82 3.15 52.10 -0.45
N ARG A 83 2.63 52.53 0.70
CA ARG A 83 3.26 52.36 2.02
C ARG A 83 2.45 51.47 2.95
N ARG A 84 3.12 50.88 3.91
CA ARG A 84 2.48 50.12 4.96
C ARG A 84 3.14 50.60 6.25
N SER A 85 3.30 51.92 6.41
CA SER A 85 4.19 52.50 7.43
C SER A 85 3.48 53.47 8.36
N ARG A 86 3.50 53.18 9.65
CA ARG A 86 2.97 54.10 10.66
C ARG A 86 3.97 55.28 10.92
N LEU A 87 5.15 54.98 11.46
CA LEU A 87 6.13 56.00 11.81
C LEU A 87 7.11 56.25 10.65
N TRP A 88 7.32 57.53 10.33
CA TRP A 88 8.36 57.91 9.39
C TRP A 88 9.25 58.98 10.01
N GLY A 89 10.44 58.57 10.46
CA GLY A 89 11.43 59.44 11.11
C GLY A 89 10.75 60.51 11.94
N GLY A 90 10.22 60.10 13.10
CA GLY A 90 9.74 61.03 14.13
C GLY A 90 8.25 61.34 14.12
N VAL A 91 7.62 61.32 12.93
CA VAL A 91 6.17 61.62 12.81
C VAL A 91 5.35 60.32 12.79
N ASP A 92 4.26 60.33 13.58
CA ASP A 92 3.25 59.27 13.55
C ASP A 92 2.23 59.64 12.43
N HIS A 93 2.15 58.82 11.37
CA HIS A 93 1.27 59.11 10.23
C HIS A 93 -0.03 58.33 10.33
N ALA A 94 -0.25 57.68 11.46
CA ALA A 94 -1.50 56.98 11.66
C ALA A 94 -2.64 58.00 11.86
N PRO A 95 -3.82 57.71 11.27
CA PRO A 95 -5.03 58.50 11.53
C PRO A 95 -5.25 58.79 13.03
N ALA A 96 -5.39 60.07 13.38
CA ALA A 96 -5.70 60.46 14.76
C ALA A 96 -6.98 59.71 15.09
N GLY A 97 -6.88 58.76 16.03
CA GLY A 97 -8.00 57.86 16.36
C GLY A 97 -7.56 56.41 16.32
N PHE A 98 -6.97 56.03 15.19
CA PHE A 98 -6.35 54.71 15.04
C PHE A 98 -5.83 54.18 16.39
N ASN A 99 -6.54 53.20 16.95
CA ASN A 99 -6.05 52.45 18.11
C ASN A 99 -6.73 51.09 18.16
N PRO A 100 -6.22 50.12 17.39
CA PRO A 100 -6.88 48.83 17.27
C PRO A 100 -6.47 47.95 18.43
N THR A 101 -7.32 47.00 18.78
CA THR A 101 -6.99 46.05 19.82
C THR A 101 -6.54 44.78 19.10
N VAL A 102 -5.59 44.07 19.69
CA VAL A 102 -5.07 42.82 19.14
C VAL A 102 -5.40 41.66 20.06
N THR A 103 -5.74 40.51 19.49
CA THR A 103 -5.87 39.28 20.27
C THR A 103 -5.00 38.21 19.61
N VAL A 104 -5.46 37.73 18.46
CA VAL A 104 -4.68 36.80 17.66
C VAL A 104 -3.85 37.57 16.64
N PHE A 105 -2.70 37.01 16.30
CA PHE A 105 -1.82 37.60 15.31
C PHE A 105 -0.96 36.45 14.80
N HIS A 106 -0.48 36.57 13.57
CA HIS A 106 0.42 35.57 12.98
C HIS A 106 1.88 36.01 13.04
N VAL A 107 2.76 35.00 13.11
CA VAL A 107 4.19 35.16 13.29
C VAL A 107 4.92 34.44 12.14
N TYR A 108 5.70 35.19 11.38
CA TYR A 108 6.55 34.63 10.31
C TYR A 108 8.06 34.69 10.61
N ASP A 109 8.47 35.68 11.44
CA ASP A 109 9.88 35.92 11.80
C ASP A 109 10.13 36.31 13.27
N ILE A 110 11.30 35.95 13.79
CA ILE A 110 11.68 36.26 15.19
C ILE A 110 13.10 36.92 15.23
N LEU A 111 13.25 37.97 16.05
CA LEU A 111 14.53 38.67 16.22
C LEU A 111 15.03 38.45 17.64
N GLU A 112 16.35 38.41 17.85
CA GLU A 112 16.93 38.58 19.17
C GLU A 112 17.70 39.90 19.20
N ASN A 113 17.43 40.78 20.16
CA ASN A 113 18.25 41.98 20.42
C ASN A 113 18.44 42.20 21.92
N VAL A 114 19.52 42.87 22.29
CA VAL A 114 19.65 43.27 23.68
C VAL A 114 19.00 44.62 23.80
N GLU A 115 18.35 44.80 24.93
CA GLU A 115 17.87 46.10 25.39
C GLU A 115 18.50 46.30 26.75
N HIS A 116 18.67 47.56 27.12
CA HIS A 116 19.31 47.92 28.36
C HIS A 116 18.34 48.78 29.12
N ALA A 117 18.14 48.52 30.41
CA ALA A 117 17.11 49.29 31.15
C ALA A 117 17.35 50.80 31.08
N TYR A 118 18.58 51.25 31.21
CA TYR A 118 18.80 52.70 31.23
C TYR A 118 18.42 53.40 29.92
N GLY A 119 18.69 52.78 28.78
CA GLY A 119 18.31 53.40 27.50
C GLY A 119 16.81 53.51 27.28
N MET A 120 16.04 52.89 28.16
CA MET A 120 14.61 52.75 27.97
C MET A 120 13.78 53.51 29.01
N ARG A 121 14.46 54.21 29.93
CA ARG A 121 13.75 54.98 30.98
C ARG A 121 12.54 55.78 30.52
N ALA A 122 12.67 56.44 29.39
CA ALA A 122 11.68 57.37 28.90
C ALA A 122 10.67 56.67 28.05
N ALA A 123 10.95 55.41 27.64
CA ALA A 123 9.92 54.54 27.03
C ALA A 123 8.94 54.30 28.15
N GLN A 124 7.68 54.01 27.88
CA GLN A 124 6.76 54.04 29.05
C GLN A 124 6.44 52.61 29.47
N PHE A 125 7.48 51.87 29.85
CA PHE A 125 7.37 50.42 30.00
C PHE A 125 7.05 50.09 31.42
N HIS A 126 6.12 49.19 31.62
CA HIS A 126 5.86 48.66 32.95
C HIS A 126 7.11 47.97 33.50
N ALA A 127 7.34 48.14 34.79
CA ALA A 127 8.51 47.59 35.50
C ALA A 127 8.79 46.09 35.30
N ARG A 128 7.78 45.23 35.20
CA ARG A 128 8.14 43.84 34.93
C ARG A 128 9.07 43.73 33.70
N PHE A 129 8.83 44.55 32.68
CA PHE A 129 9.63 44.50 31.46
C PHE A 129 11.05 45.04 31.74
N MET A 130 11.12 46.18 32.41
CA MET A 130 12.39 46.82 32.72
C MET A 130 13.22 45.91 33.60
N ASP A 131 12.59 45.34 34.62
CA ASP A 131 13.20 44.32 35.44
C ASP A 131 13.92 43.31 34.54
N ALA A 132 13.24 42.79 33.52
CA ALA A 132 13.84 41.77 32.65
C ALA A 132 15.11 42.19 31.87
N ILE A 133 15.35 43.50 31.74
CA ILE A 133 16.51 44.02 31.01
C ILE A 133 17.38 44.98 31.85
N THR A 134 17.53 44.74 33.15
CA THR A 134 18.08 45.82 33.94
C THR A 134 19.57 46.06 33.65
N PRO A 135 20.45 45.19 34.13
CA PRO A 135 21.72 45.71 33.55
C PRO A 135 21.46 45.51 32.04
N THR A 136 20.99 44.32 31.67
CA THR A 136 20.83 43.96 30.28
C THR A 136 19.86 42.81 30.19
N GLY A 137 19.37 42.53 28.99
CA GLY A 137 18.48 41.43 28.74
C GLY A 137 18.17 41.29 27.27
N THR A 138 17.92 40.06 26.84
CA THR A 138 17.69 39.76 25.46
C THR A 138 16.21 39.87 25.18
N VAL A 139 15.82 40.63 24.15
CA VAL A 139 14.40 40.72 23.81
C VAL A 139 14.16 39.95 22.49
N ILE A 140 13.18 39.05 22.51
CA ILE A 140 12.76 38.28 21.37
C ILE A 140 11.54 38.96 20.75
N THR A 141 11.65 39.46 19.52
CA THR A 141 10.56 40.22 18.91
C THR A 141 9.87 39.37 17.85
N LEU A 142 8.61 39.05 18.11
CA LEU A 142 7.78 38.30 17.21
C LEU A 142 7.22 39.28 16.13
N LEU A 143 7.50 38.96 14.87
CA LEU A 143 7.14 39.82 13.76
C LEU A 143 6.01 39.16 13.01
N GLY A 144 5.04 39.97 12.57
CA GLY A 144 3.90 39.40 11.80
C GLY A 144 2.72 40.35 11.61
N LEU A 145 1.53 39.78 11.45
CA LEU A 145 0.34 40.60 11.44
C LEU A 145 -1.03 40.00 11.92
N THR A 146 -2.01 40.87 12.06
CA THR A 146 -3.26 40.43 12.64
C THR A 146 -4.13 39.88 11.52
N PRO A 147 -5.30 39.39 11.88
CA PRO A 147 -6.25 39.08 10.81
C PRO A 147 -6.62 40.28 9.93
N GLU A 148 -6.56 41.51 10.46
CA GLU A 148 -7.06 42.71 9.77
C GLU A 148 -6.02 43.24 8.83
N GLY A 149 -4.79 42.81 9.02
CA GLY A 149 -3.68 43.18 8.14
C GLY A 149 -2.63 43.98 8.87
N HIS A 150 -2.95 44.31 10.11
CA HIS A 150 -2.16 45.24 10.91
C HIS A 150 -0.78 44.71 11.25
N ARG A 151 0.24 45.50 11.04
CA ARG A 151 1.60 45.03 11.28
C ARG A 151 2.04 45.05 12.75
N VAL A 152 2.48 43.89 13.24
CA VAL A 152 2.78 43.72 14.65
C VAL A 152 4.22 43.33 14.98
N ALA A 153 4.66 43.86 16.12
CA ALA A 153 5.90 43.44 16.72
C ALA A 153 5.55 43.24 18.19
N VAL A 154 5.75 42.02 18.69
CA VAL A 154 5.46 41.69 20.09
C VAL A 154 6.80 41.32 20.78
N HIS A 155 7.13 42.08 21.83
CA HIS A 155 8.46 42.03 22.38
C HIS A 155 8.42 41.17 23.62
N VAL A 156 9.03 39.99 23.51
CA VAL A 156 9.09 39.06 24.64
C VAL A 156 10.27 39.30 25.60
N TYR A 157 9.94 39.74 26.81
CA TYR A 157 10.92 39.87 27.85
C TYR A 157 10.92 38.60 28.65
N GLY A 158 12.03 38.34 29.34
CA GLY A 158 12.14 37.23 30.23
C GLY A 158 13.03 36.09 29.78
N THR A 159 13.23 35.86 28.49
CA THR A 159 13.98 34.63 28.10
C THR A 159 15.45 34.79 28.42
N ARG A 160 16.03 33.86 29.15
CA ARG A 160 17.47 33.86 29.36
C ARG A 160 18.04 32.64 28.72
N GLN A 161 19.25 32.79 28.20
CA GLN A 161 19.99 31.66 27.70
C GLN A 161 20.63 31.02 28.92
N TYR A 162 20.88 29.71 28.82
CA TYR A 162 21.59 29.01 29.90
C TYR A 162 22.56 27.97 29.37
N PHE A 163 23.41 27.49 30.26
CA PHE A 163 24.35 26.46 29.90
C PHE A 163 24.80 25.73 31.17
N TYR A 164 25.37 24.55 31.00
CA TYR A 164 25.70 23.70 32.17
C TYR A 164 27.20 23.51 32.31
N MET A 165 27.61 23.14 33.51
CA MET A 165 29.02 22.85 33.82
C MET A 165 29.06 21.87 34.98
N ASN A 166 30.06 21.00 34.99
CA ASN A 166 30.16 19.92 36.01
C ASN A 166 30.34 20.46 37.43
N LYS A 167 29.52 19.99 38.36
CA LYS A 167 29.53 20.55 39.72
C LYS A 167 30.88 20.30 40.41
N GLU A 168 31.13 19.05 40.81
CA GLU A 168 32.30 18.67 41.61
C GLU A 168 33.66 19.11 40.99
N GLU A 169 33.76 19.01 39.66
CA GLU A 169 34.95 19.40 38.88
C GLU A 169 35.25 20.89 39.05
N VAL A 170 34.23 21.71 38.82
CA VAL A 170 34.25 23.15 39.09
C VAL A 170 34.36 23.37 40.59
N ASP A 171 33.44 22.76 41.34
CA ASP A 171 33.49 22.83 42.78
C ASP A 171 34.85 22.56 43.38
N ARG A 172 35.67 21.74 42.72
CA ARG A 172 37.02 21.55 43.21
C ARG A 172 37.96 22.62 42.64
N HIS A 173 38.11 22.67 41.32
CA HIS A 173 39.05 23.62 40.67
C HIS A 173 38.57 25.08 40.76
N LEU A 174 38.45 25.54 42.01
CA LEU A 174 37.59 26.68 42.43
C LEU A 174 36.15 26.20 42.66
N GLN A 175 35.78 25.53 43.76
CA GLN A 175 36.28 25.59 45.18
C GLN A 175 35.07 25.78 46.11
N CYS A 176 33.90 25.99 45.51
CA CYS A 176 32.80 26.70 46.12
C CYS A 176 31.51 26.20 45.55
N ARG A 177 30.91 25.28 46.27
CA ARG A 177 29.64 24.71 45.92
C ARG A 177 28.66 25.82 45.87
N ALA A 178 28.73 26.63 46.94
CA ALA A 178 27.77 27.67 47.27
C ALA A 178 27.52 28.52 46.04
N PRO A 179 26.30 28.45 45.47
CA PRO A 179 26.03 28.97 44.12
C PRO A 179 26.31 30.45 43.91
N ARG A 180 26.25 31.26 44.96
CA ARG A 180 26.58 32.68 44.81
C ARG A 180 28.07 32.84 44.51
N ASP A 181 28.94 32.12 45.26
CA ASP A 181 30.39 32.12 45.01
C ASP A 181 30.72 31.93 43.53
N LEU A 182 29.99 31.02 42.89
CA LEU A 182 30.24 30.75 41.49
C LEU A 182 30.01 32.01 40.67
N CYS A 183 28.82 32.59 40.83
CA CYS A 183 28.40 33.77 40.05
C CYS A 183 29.38 34.91 40.21
N GLU A 184 29.81 35.15 41.46
CA GLU A 184 30.79 36.17 41.75
C GLU A 184 32.07 35.93 40.99
N ARG A 185 32.50 34.66 40.94
CA ARG A 185 33.73 34.31 40.22
C ARG A 185 33.61 34.53 38.73
N MET A 186 32.44 34.27 38.16
CA MET A 186 32.20 34.59 36.76
C MET A 186 32.13 36.08 36.47
N ALA A 187 31.49 36.83 37.36
CA ALA A 187 31.43 38.29 37.24
C ALA A 187 32.85 38.84 37.33
N ALA A 188 33.64 38.26 38.24
CA ALA A 188 35.05 38.60 38.43
C ALA A 188 35.92 38.16 37.25
N ALA A 189 35.50 37.12 36.56
CA ALA A 189 36.18 36.72 35.32
C ALA A 189 35.98 37.79 34.26
N LEU A 190 34.75 38.33 34.21
CA LEU A 190 34.34 39.26 33.14
C LEU A 190 34.88 40.69 33.26
N ARG A 191 35.19 41.09 34.48
CA ARG A 191 35.87 42.35 34.70
C ARG A 191 37.22 42.38 33.97
N GLU A 192 38.03 41.33 34.19
CA GLU A 192 39.41 41.29 33.71
C GLU A 192 39.58 41.32 32.19
N SER A 193 38.58 40.82 31.45
CA SER A 193 38.58 41.00 29.98
C SER A 193 38.32 42.48 29.72
N PRO A 194 39.23 43.15 28.99
CA PRO A 194 38.95 44.57 28.76
C PRO A 194 38.01 44.77 27.55
N GLY A 195 36.99 43.93 27.44
CA GLY A 195 36.13 43.87 26.23
C GLY A 195 34.68 44.27 26.44
N ALA A 196 34.46 45.25 27.32
CA ALA A 196 33.10 45.71 27.64
C ALA A 196 32.43 44.73 28.59
N SER A 197 32.91 44.75 29.84
CA SER A 197 32.15 44.19 30.94
C SER A 197 30.97 45.16 31.20
N PHE A 198 31.02 46.35 30.57
CA PHE A 198 30.01 47.41 30.73
C PHE A 198 29.47 47.28 32.19
N ARG A 199 30.44 47.27 33.10
CA ARG A 199 30.23 47.10 34.54
C ARG A 199 29.12 46.07 34.88
N GLY A 200 29.26 44.90 34.27
CA GLY A 200 28.48 43.72 34.61
C GLY A 200 29.35 42.79 35.42
N ILE A 201 29.92 43.35 36.48
CA ILE A 201 30.84 42.65 37.39
C ILE A 201 30.05 42.32 38.65
N SER A 202 28.79 41.89 38.47
CA SER A 202 27.93 41.52 39.60
C SER A 202 27.45 40.07 39.55
N ALA A 203 27.38 39.47 40.74
CA ALA A 203 26.89 38.12 40.96
C ALA A 203 25.39 37.97 40.70
N ASP A 204 24.70 39.10 40.53
CA ASP A 204 23.24 39.15 40.35
C ASP A 204 22.79 39.14 38.89
N HIS A 205 23.73 39.24 37.96
CA HIS A 205 23.43 39.16 36.54
C HIS A 205 23.34 37.66 36.12
N PHE A 206 23.47 36.78 37.13
CA PHE A 206 23.47 35.31 36.98
C PHE A 206 22.61 34.62 38.04
N GLU A 207 21.97 33.52 37.64
CA GLU A 207 21.40 32.55 38.58
C GLU A 207 22.03 31.18 38.29
N ALA A 208 22.35 30.44 39.33
CA ALA A 208 23.08 29.18 39.19
C ALA A 208 22.43 28.14 40.05
N GLU A 209 21.80 27.16 39.42
CA GLU A 209 21.17 26.05 40.14
C GLU A 209 21.74 24.70 39.76
N VAL A 210 21.89 23.83 40.77
CA VAL A 210 22.42 22.48 40.60
C VAL A 210 21.29 21.61 40.06
N VAL A 211 21.56 20.81 39.02
CA VAL A 211 20.63 19.76 38.55
C VAL A 211 21.40 18.48 38.21
N GLU A 212 20.71 17.35 38.23
CA GLU A 212 21.31 16.09 37.83
C GLU A 212 21.08 15.87 36.35
N ARG A 213 22.05 15.28 35.67
CA ARG A 213 21.99 15.08 34.21
C ARG A 213 23.16 14.26 33.63
N THR A 214 23.16 14.03 32.31
CA THR A 214 24.19 13.18 31.69
C THR A 214 24.61 13.69 30.29
N ASP A 215 25.93 13.81 30.10
CA ASP A 215 26.55 14.01 28.80
C ASP A 215 25.96 12.95 27.83
N VAL A 216 25.35 13.35 26.70
CA VAL A 216 24.78 12.36 25.75
C VAL A 216 25.70 11.21 25.36
N TYR A 217 26.98 11.50 25.21
CA TYR A 217 27.97 10.48 24.80
C TYR A 217 28.11 9.22 25.72
N TYR A 218 28.14 8.07 25.04
CA TYR A 218 28.53 6.78 25.60
C TYR A 218 27.43 6.10 26.45
N TYR A 219 27.44 4.77 26.46
CA TYR A 219 26.43 4.00 27.22
C TYR A 219 26.72 4.10 28.71
N GLU A 220 28.01 4.14 29.04
CA GLU A 220 28.45 4.04 30.43
C GLU A 220 28.08 5.32 31.16
N THR A 221 28.43 6.44 30.54
CA THR A 221 28.45 7.72 31.23
C THR A 221 27.22 7.90 32.15
N ARG A 222 27.50 8.15 33.42
CA ARG A 222 26.45 8.13 34.46
C ARG A 222 26.00 9.54 34.85
N PRO A 223 24.71 9.68 35.24
CA PRO A 223 24.29 10.99 35.71
C PRO A 223 25.21 11.61 36.78
N ALA A 224 25.75 12.80 36.49
CA ALA A 224 26.50 13.61 37.46
C ALA A 224 25.62 14.77 37.90
N LEU A 225 26.17 15.68 38.72
CA LEU A 225 25.48 16.92 39.12
C LEU A 225 26.15 18.06 38.38
N PHE A 226 25.34 18.95 37.81
CA PHE A 226 25.87 20.12 37.09
C PHE A 226 25.22 21.38 37.59
N TYR A 227 25.92 22.50 37.37
CA TYR A 227 25.35 23.83 37.56
C TYR A 227 24.70 24.26 36.27
N ARG A 228 23.40 24.58 36.33
CA ARG A 228 22.75 25.35 35.25
C ARG A 228 22.96 26.82 35.62
N VAL A 229 23.49 27.58 34.66
CA VAL A 229 23.75 28.98 34.86
C VAL A 229 23.12 29.82 33.73
N TYR A 230 22.27 30.75 34.16
CA TYR A 230 21.59 31.72 33.31
C TYR A 230 22.38 32.98 33.16
N VAL A 231 22.15 33.63 32.04
CA VAL A 231 22.94 34.74 31.59
C VAL A 231 21.99 35.74 30.91
N ARG A 232 22.32 37.02 30.99
CA ARG A 232 21.45 38.11 30.53
C ARG A 232 21.65 38.53 29.07
N SER A 233 22.75 38.10 28.46
CA SER A 233 23.08 38.53 27.09
C SER A 233 24.01 37.54 26.41
N GLY A 234 23.84 37.29 25.12
CA GLY A 234 24.79 36.44 24.38
C GLY A 234 26.22 36.95 24.42
N ARG A 235 26.36 38.27 24.40
CA ARG A 235 27.63 38.95 24.60
C ARG A 235 28.29 38.24 25.79
N VAL A 236 27.63 38.25 26.95
CA VAL A 236 28.18 37.62 28.16
C VAL A 236 28.46 36.14 27.92
N LEU A 237 27.43 35.40 27.54
CA LEU A 237 27.54 33.96 27.36
C LEU A 237 28.76 33.56 26.54
N SER A 238 28.90 34.19 25.37
CA SER A 238 30.04 33.97 24.50
C SER A 238 31.36 34.06 25.24
N TYR A 239 31.62 35.19 25.89
CA TYR A 239 32.92 35.36 26.54
C TYR A 239 33.16 34.17 27.47
N LEU A 240 32.18 33.88 28.32
CA LEU A 240 32.33 32.80 29.31
C LEU A 240 32.57 31.45 28.66
N CYS A 241 32.08 31.24 27.44
CA CYS A 241 32.40 30.02 26.69
C CYS A 241 33.91 29.90 26.54
N ASP A 242 34.47 30.93 25.93
CA ASP A 242 35.85 30.90 25.46
C ASP A 242 36.87 31.10 26.59
N ASN A 243 36.41 31.53 27.77
CA ASN A 243 37.31 32.02 28.82
C ASN A 243 37.10 31.42 30.22
N PHE A 244 35.86 31.24 30.69
CA PHE A 244 35.64 30.68 32.04
C PHE A 244 35.89 29.16 32.19
N CYS A 245 35.85 28.48 31.05
CA CYS A 245 35.93 27.02 31.03
C CYS A 245 37.35 26.45 30.81
N PRO A 246 38.41 27.11 31.32
CA PRO A 246 39.70 26.68 30.72
C PRO A 246 39.74 25.17 30.40
N ALA A 247 39.78 24.34 31.44
CA ALA A 247 39.70 22.89 31.30
C ALA A 247 38.26 22.40 31.45
N ILE A 248 37.41 23.24 32.04
CA ILE A 248 36.09 22.80 32.49
C ILE A 248 35.21 22.64 31.26
N LYS A 249 34.40 21.59 31.25
CA LYS A 249 33.56 21.29 30.08
C LYS A 249 32.23 22.03 30.19
N LYS A 250 31.76 22.52 29.04
CA LYS A 250 30.63 23.44 28.94
C LYS A 250 29.58 22.90 27.99
N TYR A 251 28.31 23.00 28.37
CA TYR A 251 27.22 22.35 27.65
C TYR A 251 26.05 23.31 27.27
N GLU A 252 25.70 23.33 25.98
CA GLU A 252 24.55 24.08 25.42
C GLU A 252 24.71 25.61 25.44
N GLY A 253 25.96 26.04 25.55
CA GLY A 253 26.33 27.43 25.38
C GLY A 253 26.05 27.93 23.98
N GLY A 254 26.08 27.06 22.99
CA GLY A 254 25.74 27.47 21.64
C GLY A 254 24.27 27.67 21.35
N VAL A 255 23.40 27.55 22.36
CA VAL A 255 21.94 27.56 22.18
C VAL A 255 21.36 29.00 22.32
N ASP A 256 20.81 29.54 21.24
CA ASP A 256 20.32 30.93 21.27
C ASP A 256 18.99 31.10 21.99
N ALA A 257 18.69 32.35 22.31
CA ALA A 257 17.57 32.71 23.14
C ALA A 257 16.24 32.37 22.46
N THR A 258 16.19 32.53 21.13
CA THR A 258 14.97 32.17 20.41
C THR A 258 14.66 30.70 20.63
N THR A 259 15.71 29.88 20.63
CA THR A 259 15.49 28.44 20.72
C THR A 259 15.12 28.02 22.16
N ARG A 260 15.61 28.74 23.16
CA ARG A 260 15.15 28.55 24.52
C ARG A 260 13.71 29.00 24.65
N PHE A 261 13.40 30.14 24.03
CA PHE A 261 12.03 30.61 24.06
C PHE A 261 11.09 29.59 23.41
N ILE A 262 11.50 28.95 22.33
CA ILE A 262 10.58 27.98 21.72
C ILE A 262 10.55 26.67 22.51
N LEU A 263 11.72 26.11 22.81
CA LEU A 263 11.80 24.80 23.51
C LEU A 263 11.26 24.78 24.95
N ASP A 264 11.42 25.86 25.71
CA ASP A 264 10.92 25.90 27.07
C ASP A 264 9.43 26.27 27.15
N ASN A 265 8.86 26.71 26.05
CA ASN A 265 7.42 26.92 25.96
C ASN A 265 6.74 25.89 25.07
N PRO A 266 6.28 24.79 25.66
CA PRO A 266 5.71 23.67 24.90
C PRO A 266 4.62 24.13 23.92
N GLY A 267 4.68 23.59 22.70
CA GLY A 267 3.74 23.99 21.66
C GLY A 267 4.16 25.18 20.84
N PHE A 268 4.80 26.18 21.46
CA PHE A 268 5.27 27.40 20.74
C PHE A 268 5.97 27.09 19.42
N VAL A 269 5.82 28.00 18.44
CA VAL A 269 6.43 27.82 17.12
C VAL A 269 7.15 29.08 16.63
N THR A 270 7.88 28.94 15.53
CA THR A 270 8.60 30.04 14.84
C THR A 270 7.72 30.62 13.72
N PHE A 271 6.67 29.90 13.35
CA PHE A 271 5.82 30.31 12.27
C PHE A 271 4.44 29.78 12.59
N GLY A 272 3.57 30.66 13.01
CA GLY A 272 2.26 30.23 13.40
C GLY A 272 1.42 31.37 13.86
N TRP A 273 0.19 31.03 14.25
CA TRP A 273 -0.72 31.97 14.84
C TRP A 273 -0.66 31.85 16.36
N TYR A 274 -0.91 32.97 17.02
CA TYR A 274 -0.75 33.08 18.47
C TYR A 274 -1.91 33.89 19.03
N ARG A 275 -2.02 33.90 20.34
CA ARG A 275 -2.85 34.88 20.93
C ARG A 275 -2.23 35.35 22.22
N LEU A 276 -2.30 36.66 22.47
CA LEU A 276 -1.96 37.19 23.78
C LEU A 276 -3.15 37.02 24.78
N LYS A 277 -2.81 36.72 26.05
CA LYS A 277 -3.79 36.41 27.14
C LYS A 277 -3.26 36.83 28.54
N PRO A 278 -4.09 36.79 29.59
CA PRO A 278 -3.52 37.14 30.89
C PRO A 278 -2.51 36.12 31.36
N GLY A 279 -1.70 36.47 32.36
CA GLY A 279 -0.67 35.57 32.87
C GLY A 279 -0.44 35.68 34.37
N ARG A 280 0.44 34.83 34.88
CA ARG A 280 0.59 34.61 36.32
C ARG A 280 -0.27 35.45 37.28
N ASN A 281 -0.21 36.77 37.24
CA ASN A 281 -1.10 37.53 38.18
C ASN A 281 -2.06 38.50 37.47
N ASN A 282 -2.83 37.88 36.58
CA ASN A 282 -3.46 38.53 35.44
C ASN A 282 -2.62 39.61 34.82
N THR A 283 -1.38 39.27 34.55
CA THR A 283 -0.52 40.20 33.91
C THR A 283 -0.93 40.29 32.43
N LEU A 284 -0.90 41.50 31.87
CA LEU A 284 -1.31 41.75 30.48
C LEU A 284 -0.18 42.30 29.65
N ALA A 285 -0.15 41.91 28.38
CA ALA A 285 0.66 42.59 27.37
C ALA A 285 0.39 44.13 27.38
N GLN A 286 1.46 44.90 27.26
CA GLN A 286 1.43 46.36 27.27
C GLN A 286 1.67 46.89 25.84
N PRO A 287 0.72 47.71 25.34
CA PRO A 287 1.01 48.37 24.06
C PRO A 287 2.09 49.43 24.25
N ARG A 288 2.97 49.52 23.27
CA ARG A 288 4.02 50.53 23.27
C ARG A 288 3.56 51.89 22.71
N ALA A 289 4.09 52.98 23.26
CA ALA A 289 3.89 54.32 22.68
C ALA A 289 4.69 54.34 21.38
N PRO A 290 4.08 54.89 20.28
CA PRO A 290 4.66 54.98 18.91
C PRO A 290 6.15 55.40 18.88
N MET A 291 6.50 56.26 19.81
CA MET A 291 7.84 56.77 19.98
C MET A 291 8.80 55.78 20.61
N ALA A 292 8.32 54.63 21.05
CA ALA A 292 9.22 53.59 21.53
C ALA A 292 9.09 52.39 20.64
N PHE A 293 8.42 52.50 19.47
CA PHE A 293 8.41 51.37 18.52
C PHE A 293 9.88 51.13 18.09
N GLY A 294 10.27 49.87 17.99
CA GLY A 294 11.63 49.47 17.65
C GLY A 294 11.71 49.00 16.21
N THR A 295 10.53 48.85 15.62
CA THR A 295 10.40 48.43 14.22
C THR A 295 9.42 49.33 13.45
N SER A 296 9.30 49.10 12.17
CA SER A 296 8.28 49.77 11.38
C SER A 296 7.10 48.81 11.31
N SER A 297 6.28 48.87 12.34
CA SER A 297 5.04 48.13 12.39
C SER A 297 3.97 49.14 12.81
N ASP A 298 2.72 48.75 12.71
CA ASP A 298 1.64 49.68 12.98
C ASP A 298 1.35 49.66 14.51
N VAL A 299 1.50 48.50 15.15
CA VAL A 299 1.32 48.33 16.61
C VAL A 299 2.47 47.48 17.22
N GLU A 300 2.85 47.84 18.45
CA GLU A 300 3.83 47.07 19.21
C GLU A 300 3.44 46.86 20.69
N PHE A 301 3.91 45.76 21.26
CA PHE A 301 3.54 45.29 22.58
C PHE A 301 4.71 44.67 23.26
N ASN A 302 4.81 44.93 24.57
CA ASN A 302 5.73 44.22 25.44
C ASN A 302 4.98 43.08 26.10
N CYS A 303 5.63 41.94 26.29
CA CYS A 303 5.05 40.90 27.15
C CYS A 303 6.11 39.85 27.55
N THR A 304 5.68 38.89 28.35
CA THR A 304 6.47 37.75 28.78
C THR A 304 5.76 36.50 28.20
N ALA A 305 6.48 35.39 28.03
CA ALA A 305 5.94 34.12 27.47
C ALA A 305 4.54 33.66 27.98
N ASP A 306 4.23 33.93 29.25
CA ASP A 306 2.92 33.53 29.84
C ASP A 306 1.73 34.38 29.36
N ASN A 307 2.04 35.44 28.61
CA ASN A 307 1.03 36.30 28.01
C ASN A 307 0.70 35.79 26.64
N LEU A 308 1.40 34.73 26.21
CA LEU A 308 1.22 34.12 24.90
C LEU A 308 0.66 32.66 24.93
N ALA A 309 -0.16 32.33 23.93
CA ALA A 309 -0.71 30.97 23.72
C ALA A 309 -0.80 30.66 22.23
N ILE A 310 -0.45 29.43 21.86
CA ILE A 310 -0.64 28.92 20.51
C ILE A 310 -2.13 28.95 20.16
N GLU A 311 -2.44 29.39 18.93
CA GLU A 311 -3.82 29.51 18.48
C GLU A 311 -4.01 28.48 17.39
N GLY A 312 -4.07 27.21 17.80
CA GLY A 312 -4.24 26.07 16.90
C GLY A 312 -5.69 25.92 16.46
N GLY A 313 -5.89 25.24 15.34
CA GLY A 313 -7.16 25.33 14.60
C GLY A 313 -7.05 26.46 13.59
N MET A 314 -7.01 27.70 14.08
CA MET A 314 -6.72 28.87 13.24
C MET A 314 -5.38 28.61 12.60
N SER A 315 -5.39 28.66 11.26
CA SER A 315 -4.26 28.22 10.44
C SER A 315 -3.99 29.06 9.17
N ASP A 316 -5.01 29.71 8.59
CA ASP A 316 -4.89 30.42 7.30
C ASP A 316 -3.85 31.52 7.25
N LEU A 317 -3.14 31.61 6.14
CA LEU A 317 -2.08 32.59 5.98
C LEU A 317 -2.74 33.98 5.95
N PRO A 318 -2.18 34.93 6.72
CA PRO A 318 -2.70 36.29 6.65
C PRO A 318 -2.21 37.04 5.40
N ALA A 319 -2.71 38.27 5.20
CA ALA A 319 -2.37 39.10 4.05
C ALA A 319 -0.92 39.70 4.03
N TYR A 320 0.12 38.86 4.19
CA TYR A 320 1.53 39.30 4.03
C TYR A 320 1.81 39.59 2.57
N LYS A 321 2.79 40.43 2.30
CA LYS A 321 3.13 40.82 0.94
C LYS A 321 4.45 40.18 0.43
N LEU A 322 4.48 40.01 -0.89
CA LEU A 322 5.63 39.49 -1.61
C LEU A 322 6.07 40.60 -2.55
N MET A 323 7.32 41.04 -2.42
CA MET A 323 7.91 41.91 -3.39
C MET A 323 8.79 41.10 -4.27
N CYS A 324 8.56 41.22 -5.55
CA CYS A 324 9.34 40.47 -6.52
C CYS A 324 10.00 41.50 -7.41
N PHE A 325 11.33 41.50 -7.40
CA PHE A 325 12.09 42.50 -8.13
C PHE A 325 13.15 41.82 -8.94
N ASP A 326 13.70 42.62 -9.85
CA ASP A 326 14.85 42.27 -10.68
C ASP A 326 15.37 43.60 -11.26
N ILE A 327 16.70 43.74 -11.32
CA ILE A 327 17.39 44.97 -11.72
C ILE A 327 18.06 44.86 -13.07
N GLU A 328 18.22 45.98 -13.75
CA GLU A 328 19.02 46.06 -14.99
C GLU A 328 20.08 47.17 -14.88
N CYS A 329 21.32 46.86 -15.30
CA CYS A 329 22.51 47.73 -15.23
C CYS A 329 23.11 48.01 -16.59
N LYS A 330 23.97 49.02 -16.66
CA LYS A 330 24.71 49.35 -17.90
C LYS A 330 26.12 49.85 -17.64
N ALA A 331 27.05 49.42 -18.48
CA ALA A 331 28.48 49.63 -18.25
C ALA A 331 28.86 50.97 -18.82
N GLY A 332 29.72 51.72 -18.13
CA GLY A 332 30.34 52.94 -18.65
C GLY A 332 31.78 52.53 -18.85
N GLY A 333 32.71 53.47 -18.84
CA GLY A 333 34.10 53.09 -19.07
C GLY A 333 34.33 52.82 -20.53
N GLU A 334 35.58 52.93 -20.94
CA GLU A 334 36.13 52.57 -22.27
C GLU A 334 35.20 51.76 -23.18
N ASP A 335 34.86 50.57 -22.68
CA ASP A 335 34.17 49.55 -23.42
C ASP A 335 32.82 49.25 -22.82
N GLU A 336 31.78 49.77 -23.43
CA GLU A 336 30.43 49.58 -22.92
C GLU A 336 29.84 48.18 -23.01
N LEU A 337 30.50 47.26 -23.72
CA LEU A 337 30.03 45.87 -23.71
C LEU A 337 30.75 45.01 -22.67
N ALA A 338 31.58 45.63 -21.82
CA ALA A 338 32.15 44.97 -20.65
C ALA A 338 31.04 44.67 -19.69
N PHE A 339 31.13 43.54 -19.03
CA PHE A 339 30.13 43.20 -18.04
C PHE A 339 30.19 44.27 -16.96
N PRO A 340 29.05 44.74 -16.44
CA PRO A 340 29.08 45.80 -15.43
C PRO A 340 29.64 45.38 -14.07
N VAL A 341 30.32 46.29 -13.37
CA VAL A 341 30.86 46.00 -12.05
C VAL A 341 30.48 47.09 -11.08
N ALA A 342 29.76 46.73 -10.03
CA ALA A 342 29.21 47.66 -9.04
C ALA A 342 30.24 48.61 -8.42
N GLY A 343 31.48 48.17 -8.25
CA GLY A 343 32.54 49.05 -7.71
C GLY A 343 32.93 50.17 -8.66
N HIS A 344 32.50 50.07 -9.91
CA HIS A 344 32.77 51.11 -10.86
C HIS A 344 31.66 52.10 -10.69
N PRO A 345 32.02 53.37 -10.43
CA PRO A 345 31.03 54.43 -10.42
C PRO A 345 30.30 54.67 -11.76
N GLU A 346 30.94 54.33 -12.87
CA GLU A 346 30.38 54.54 -14.24
C GLU A 346 29.35 53.46 -14.64
N ASP A 347 29.32 52.36 -13.90
CA ASP A 347 28.58 51.19 -14.28
C ASP A 347 27.27 51.09 -13.49
N LEU A 348 26.22 51.70 -14.02
CA LEU A 348 25.05 52.07 -13.21
C LEU A 348 23.88 51.09 -13.21
N VAL A 349 23.20 51.01 -12.07
CA VAL A 349 21.89 50.37 -12.03
C VAL A 349 21.02 51.36 -12.78
N ILE A 350 20.41 50.93 -13.88
CA ILE A 350 19.56 51.85 -14.68
C ILE A 350 18.04 51.62 -14.51
N GLN A 351 17.63 50.46 -14.00
CA GLN A 351 16.22 50.17 -13.82
C GLN A 351 16.02 49.04 -12.79
N ILE A 352 14.92 49.11 -12.01
CA ILE A 352 14.50 48.04 -11.08
C ILE A 352 13.00 47.69 -11.31
N SER A 353 12.72 46.42 -11.52
CA SER A 353 11.36 45.91 -11.68
C SER A 353 10.88 45.44 -10.32
N CYS A 354 9.81 46.07 -9.83
CA CYS A 354 9.28 45.78 -8.49
C CYS A 354 7.77 45.42 -8.53
N LEU A 355 7.45 44.18 -8.19
CA LEU A 355 6.05 43.71 -8.21
C LEU A 355 5.56 43.33 -6.78
N LEU A 356 4.36 43.78 -6.43
CA LEU A 356 3.83 43.57 -5.09
C LEU A 356 2.52 42.74 -5.09
N TYR A 357 2.61 41.53 -4.52
CA TYR A 357 1.52 40.56 -4.44
C TYR A 357 0.91 40.39 -3.06
N ASP A 358 -0.37 40.06 -2.98
CA ASP A 358 -0.86 39.53 -1.74
C ASP A 358 -0.55 38.05 -1.75
N LEU A 359 0.17 37.62 -0.73
CA LEU A 359 0.75 36.29 -0.68
C LEU A 359 -0.31 35.25 -0.26
N SER A 360 -1.26 35.73 0.54
CA SER A 360 -2.48 35.00 0.95
C SER A 360 -3.51 34.90 -0.15
N THR A 361 -3.57 35.94 -0.98
CA THR A 361 -4.54 36.01 -2.08
C THR A 361 -3.90 35.43 -3.28
N THR A 362 -2.71 35.93 -3.62
CA THR A 362 -1.99 35.57 -4.87
C THR A 362 -2.00 36.70 -5.92
N ALA A 363 -2.94 37.63 -5.77
CA ALA A 363 -3.15 38.74 -6.68
C ALA A 363 -1.93 39.67 -6.75
N LEU A 364 -1.64 40.13 -7.97
CA LEU A 364 -0.59 41.14 -8.21
C LEU A 364 -1.14 42.55 -8.03
N GLU A 365 -0.83 43.20 -6.93
CA GLU A 365 -1.46 44.48 -6.57
C GLU A 365 -0.78 45.71 -7.18
N HIS A 366 0.54 45.65 -7.40
CA HIS A 366 1.30 46.80 -7.87
C HIS A 366 2.44 46.43 -8.81
N VAL A 367 2.50 47.11 -9.97
CA VAL A 367 3.61 46.98 -10.90
C VAL A 367 4.39 48.30 -11.03
N LEU A 368 5.58 48.33 -10.44
CA LEU A 368 6.43 49.53 -10.39
C LEU A 368 7.74 49.31 -11.14
N LEU A 369 8.12 50.30 -11.94
CA LEU A 369 9.39 50.30 -12.61
C LEU A 369 10.13 51.57 -12.24
N PHE A 370 11.24 51.42 -11.53
CA PHE A 370 12.15 52.52 -11.18
C PHE A 370 13.13 52.72 -12.33
N SER A 371 13.40 53.96 -12.74
CA SER A 371 14.21 54.23 -13.95
C SER A 371 15.10 55.44 -13.95
N LEU A 372 16.38 55.18 -14.18
CA LEU A 372 17.38 56.22 -14.28
C LEU A 372 17.34 56.76 -15.70
N GLY A 373 16.68 57.90 -15.87
CA GLY A 373 16.41 58.48 -17.20
C GLY A 373 14.95 58.31 -17.59
N SER A 374 14.47 59.10 -18.56
CA SER A 374 13.04 59.00 -18.95
C SER A 374 12.75 57.62 -19.55
N CYS A 375 11.58 57.09 -19.28
CA CYS A 375 11.22 55.73 -19.69
C CYS A 375 9.73 55.66 -20.12
N ASP A 376 9.47 55.34 -21.39
CA ASP A 376 8.11 55.33 -21.95
C ASP A 376 7.72 53.94 -22.39
N LEU A 377 7.00 53.23 -21.53
CA LEU A 377 6.75 51.84 -21.78
C LEU A 377 6.00 51.74 -23.10
N PRO A 378 6.18 50.63 -23.85
CA PRO A 378 5.42 50.49 -25.13
C PRO A 378 3.91 50.35 -24.93
N GLU A 379 3.13 50.87 -25.89
CA GLU A 379 1.68 50.78 -25.79
C GLU A 379 1.21 49.31 -25.80
N SER A 380 1.89 48.52 -26.64
CA SER A 380 1.66 47.09 -26.77
C SER A 380 1.76 46.34 -25.45
N HIS A 381 2.80 46.66 -24.69
CA HIS A 381 3.05 46.03 -23.38
C HIS A 381 2.03 46.45 -22.35
N LEU A 382 1.59 47.69 -22.48
CA LEU A 382 0.52 48.26 -21.66
C LEU A 382 -0.82 47.63 -22.04
N ASN A 383 -1.05 47.43 -23.33
CA ASN A 383 -2.28 46.74 -23.76
C ASN A 383 -2.33 45.32 -23.22
N GLU A 384 -1.18 44.65 -23.23
CA GLU A 384 -1.09 43.27 -22.78
C GLU A 384 -1.36 43.13 -21.26
N LEU A 385 -0.85 44.07 -20.45
CA LEU A 385 -1.18 44.14 -19.00
C LEU A 385 -2.67 44.32 -18.69
N ALA A 386 -3.31 45.31 -19.31
CA ALA A 386 -4.75 45.50 -19.09
C ALA A 386 -5.46 44.24 -19.51
N ALA A 387 -5.08 43.71 -20.68
CA ALA A 387 -5.78 42.54 -21.25
C ALA A 387 -5.71 41.33 -20.33
N ARG A 388 -4.65 41.25 -19.52
CA ARG A 388 -4.49 40.16 -18.55
C ARG A 388 -5.09 40.47 -17.16
N GLY A 389 -5.76 41.61 -17.01
CA GLY A 389 -6.35 42.00 -15.73
C GLY A 389 -5.29 42.32 -14.67
N LEU A 390 -4.18 42.88 -15.13
CA LEU A 390 -3.06 43.16 -14.27
C LEU A 390 -2.97 44.68 -14.08
N PRO A 391 -2.46 45.12 -12.91
CA PRO A 391 -2.27 46.55 -12.61
C PRO A 391 -1.46 47.30 -13.65
N THR A 392 -1.88 48.53 -13.94
CA THR A 392 -1.17 49.39 -14.88
C THR A 392 0.16 49.78 -14.24
N PRO A 393 1.28 49.58 -14.97
CA PRO A 393 2.54 49.94 -14.30
C PRO A 393 2.62 51.43 -13.93
N VAL A 394 3.41 51.70 -12.88
CA VAL A 394 3.70 53.03 -12.40
C VAL A 394 5.20 53.26 -12.53
N VAL A 395 5.57 54.16 -13.44
CA VAL A 395 6.97 54.42 -13.80
C VAL A 395 7.53 55.59 -12.99
N LEU A 396 8.48 55.26 -12.11
CA LEU A 396 9.21 56.25 -11.32
C LEU A 396 10.55 56.46 -12.02
N GLU A 397 10.86 57.72 -12.30
CA GLU A 397 12.00 58.09 -13.16
C GLU A 397 12.86 59.02 -12.36
N PHE A 398 14.16 59.08 -12.68
CA PHE A 398 15.11 59.84 -11.87
C PHE A 398 16.24 60.32 -12.71
N ASP A 399 16.98 61.31 -12.23
CA ASP A 399 18.17 61.88 -12.92
C ASP A 399 19.50 61.17 -12.58
N SER A 400 19.57 60.55 -11.39
CA SER A 400 20.79 59.90 -10.90
C SER A 400 20.53 58.51 -10.35
N GLU A 401 21.60 57.74 -10.28
CA GLU A 401 21.50 56.41 -9.72
C GLU A 401 21.09 56.51 -8.24
N PHE A 402 21.65 57.49 -7.53
CA PHE A 402 21.46 57.58 -6.08
C PHE A 402 20.02 57.82 -5.75
N GLU A 403 19.42 58.75 -6.48
CA GLU A 403 18.00 59.09 -6.25
C GLU A 403 17.07 57.88 -6.45
N MET A 404 17.44 57.04 -7.40
CA MET A 404 16.66 55.87 -7.71
C MET A 404 16.91 54.77 -6.66
N LEU A 405 18.14 54.68 -6.19
CA LEU A 405 18.46 53.60 -5.22
C LEU A 405 17.82 53.88 -3.87
N LEU A 406 17.84 55.17 -3.49
CA LEU A 406 17.22 55.64 -2.25
C LEU A 406 15.72 55.36 -2.33
N ALA A 407 15.10 55.78 -3.44
CA ALA A 407 13.69 55.57 -3.66
C ALA A 407 13.32 54.12 -3.41
N PHE A 408 14.06 53.22 -4.01
CA PHE A 408 13.85 51.78 -3.93
C PHE A 408 13.96 51.28 -2.50
N MET A 409 15.05 51.71 -1.85
CA MET A 409 15.25 51.43 -0.45
C MET A 409 14.17 52.12 0.45
N THR A 410 13.72 53.30 0.07
CA THR A 410 12.64 53.92 0.82
C THR A 410 11.35 53.09 0.72
N LEU A 411 11.08 52.57 -0.48
CA LEU A 411 9.99 51.67 -0.66
C LEU A 411 10.25 50.40 0.12
N VAL A 412 11.49 49.93 0.20
CA VAL A 412 11.68 48.66 0.90
C VAL A 412 11.39 48.76 2.39
N LYS A 413 11.63 49.95 2.94
CA LYS A 413 11.36 50.24 4.37
C LYS A 413 9.89 50.55 4.60
N GLN A 414 9.25 51.23 3.65
CA GLN A 414 7.94 51.79 3.91
C GLN A 414 6.80 50.81 3.64
N TYR A 415 7.03 49.94 2.64
CA TYR A 415 6.04 48.94 2.26
C TYR A 415 6.35 47.63 3.04
N GLY A 416 7.64 47.37 3.25
CA GLY A 416 8.11 46.30 4.14
C GLY A 416 7.65 44.90 3.79
N PRO A 417 7.90 44.46 2.53
CA PRO A 417 7.44 43.14 2.11
C PRO A 417 8.13 42.11 2.98
N GLU A 418 7.35 41.33 3.70
CA GLU A 418 7.92 40.36 4.67
C GLU A 418 8.59 39.25 3.86
N PHE A 419 8.16 39.15 2.61
CA PHE A 419 8.69 38.20 1.64
C PHE A 419 9.17 38.91 0.37
N VAL A 420 10.30 38.43 -0.15
CA VAL A 420 10.96 39.04 -1.29
C VAL A 420 11.54 37.95 -2.21
N THR A 421 11.47 38.19 -3.52
CA THR A 421 11.92 37.18 -4.44
C THR A 421 12.34 37.71 -5.80
N GLY A 422 12.81 36.77 -6.63
CA GLY A 422 13.23 37.05 -7.97
C GLY A 422 14.21 35.96 -8.34
N TYR A 423 14.93 36.22 -9.42
CA TYR A 423 15.84 35.25 -10.04
C TYR A 423 17.29 35.76 -10.00
N ASN A 424 18.12 35.01 -9.25
CA ASN A 424 19.52 35.35 -8.94
C ASN A 424 19.61 36.65 -8.11
N ILE A 425 18.54 37.03 -7.42
CA ILE A 425 18.65 38.28 -6.66
C ILE A 425 19.71 38.18 -5.53
N ILE A 426 19.84 37.01 -4.92
CA ILE A 426 20.87 36.78 -3.90
C ILE A 426 22.28 36.88 -4.51
N ASN A 427 22.50 36.31 -5.69
CA ASN A 427 23.81 36.34 -6.33
C ASN A 427 24.18 37.57 -7.13
N PHE A 428 23.22 38.25 -7.68
CA PHE A 428 23.58 39.37 -8.51
C PHE A 428 22.84 40.60 -8.07
N ASP A 429 21.52 40.54 -7.97
CA ASP A 429 20.75 41.75 -7.79
C ASP A 429 21.03 42.52 -6.49
N TRP A 430 20.80 41.87 -5.36
CA TRP A 430 21.06 42.47 -4.05
C TRP A 430 22.55 42.82 -3.83
N PRO A 431 23.47 41.90 -4.08
CA PRO A 431 24.91 42.36 -4.02
C PRO A 431 25.23 43.62 -4.90
N PHE A 432 24.73 43.66 -6.12
CA PHE A 432 25.05 44.83 -6.92
C PHE A 432 24.55 46.07 -6.26
N LEU A 433 23.29 46.07 -5.80
CA LEU A 433 22.67 47.30 -5.28
C LEU A 433 23.28 47.76 -3.98
N LEU A 434 23.66 46.81 -3.12
CA LEU A 434 24.23 47.14 -1.82
C LEU A 434 25.68 47.61 -1.96
N ALA A 435 26.42 47.01 -2.89
CA ALA A 435 27.80 47.42 -3.18
C ALA A 435 27.73 48.90 -3.48
N LYS A 436 26.74 49.29 -4.28
CA LYS A 436 26.58 50.67 -4.68
C LYS A 436 26.19 51.53 -3.45
N LEU A 437 25.21 51.07 -2.68
CA LEU A 437 24.75 51.84 -1.52
C LEU A 437 25.86 52.06 -0.48
N THR A 438 26.58 51.00 -0.12
CA THR A 438 27.54 51.14 0.95
C THR A 438 28.84 51.79 0.43
N ASP A 439 29.43 51.25 -0.62
CA ASP A 439 30.75 51.69 -1.10
C ASP A 439 30.70 53.03 -1.78
N ILE A 440 29.87 53.20 -2.78
CA ILE A 440 29.87 54.42 -3.54
C ILE A 440 29.06 55.52 -2.85
N TYR A 441 27.93 55.20 -2.22
CA TYR A 441 27.11 56.25 -1.61
C TYR A 441 27.13 56.31 -0.09
N LYS A 442 27.95 55.45 0.55
CA LYS A 442 28.15 55.46 2.04
C LYS A 442 26.87 55.49 2.88
N VAL A 443 25.78 54.95 2.34
CA VAL A 443 24.52 54.87 3.04
C VAL A 443 24.54 53.69 4.01
N PRO A 444 24.17 53.92 5.25
CA PRO A 444 24.08 52.73 6.14
C PRO A 444 22.75 51.97 5.94
N LEU A 445 22.74 50.69 6.20
CA LEU A 445 21.57 49.90 5.92
C LEU A 445 20.92 49.29 7.15
N ASP A 446 21.53 49.45 8.31
CA ASP A 446 21.06 48.76 9.48
C ASP A 446 19.64 49.11 9.85
N GLY A 447 19.11 50.20 9.28
CA GLY A 447 17.78 50.68 9.53
C GLY A 447 16.74 50.41 8.48
N TYR A 448 17.11 49.75 7.39
CA TYR A 448 16.18 49.61 6.24
C TYR A 448 15.37 48.38 6.30
N GLY A 449 15.78 47.40 7.08
CA GLY A 449 14.90 46.24 7.35
C GLY A 449 13.76 46.62 8.28
N ARG A 450 13.32 45.65 9.07
CA ARG A 450 12.17 45.86 9.95
C ARG A 450 12.52 46.71 11.19
N MET A 451 13.69 46.49 11.78
CA MET A 451 14.22 47.31 12.84
C MET A 451 14.48 48.72 12.33
N ASN A 452 14.32 49.69 13.19
CA ASN A 452 14.56 51.10 12.82
C ASN A 452 16.07 51.50 12.80
N GLY A 453 16.90 50.71 13.47
CA GLY A 453 18.32 50.92 13.43
C GLY A 453 18.95 49.70 14.04
N ARG A 454 20.24 49.52 13.80
CA ARG A 454 20.99 48.38 14.38
C ARG A 454 20.55 47.00 13.90
N GLY A 455 19.80 46.91 12.83
CA GLY A 455 19.38 45.58 12.37
C GLY A 455 20.36 44.98 11.40
N VAL A 456 20.23 43.68 11.15
CA VAL A 456 21.14 43.07 10.19
C VAL A 456 20.57 43.28 8.79
N PHE A 457 21.47 43.61 7.86
CA PHE A 457 21.16 43.89 6.44
C PHE A 457 22.44 43.72 5.59
N ARG A 458 22.77 42.46 5.30
CA ARG A 458 24.06 42.08 4.72
C ARG A 458 24.00 40.91 3.77
N VAL A 459 24.92 40.94 2.80
CA VAL A 459 25.21 39.84 1.91
C VAL A 459 26.63 39.35 2.22
N TRP A 460 26.90 38.04 2.05
CA TRP A 460 28.22 37.41 2.28
C TRP A 460 28.38 36.43 1.13
N ASP A 461 29.55 35.80 1.08
CA ASP A 461 29.75 34.52 0.39
C ASP A 461 30.29 33.46 1.34
N LYS A 472 22.89 33.56 1.77
CA LYS A 472 23.97 34.50 1.91
C LYS A 472 23.44 35.90 1.73
N ILE A 473 22.16 36.13 2.04
CA ILE A 473 21.82 37.43 2.55
C ILE A 473 20.85 37.33 3.68
N LYS A 474 20.93 38.33 4.56
CA LYS A 474 20.14 38.35 5.78
C LYS A 474 19.68 39.77 5.95
N VAL A 475 18.39 39.93 5.94
CA VAL A 475 17.77 41.21 6.17
C VAL A 475 16.70 40.88 7.19
N ASN A 476 16.84 41.42 8.40
CA ASN A 476 15.88 41.21 9.50
C ASN A 476 14.43 41.58 9.11
N GLY A 477 13.52 40.63 9.45
CA GLY A 477 12.13 40.70 9.10
C GLY A 477 11.91 40.66 7.61
N MET A 478 12.83 40.08 6.84
CA MET A 478 12.59 39.92 5.40
C MET A 478 13.02 38.49 5.03
N VAL A 479 12.08 37.71 4.49
CA VAL A 479 12.37 36.35 4.05
C VAL A 479 12.58 36.43 2.53
N ASN A 480 13.85 36.38 2.11
CA ASN A 480 14.25 36.29 0.71
C ASN A 480 14.25 34.82 0.24
N ILE A 481 13.40 34.51 -0.74
CA ILE A 481 13.44 33.20 -1.42
C ILE A 481 13.73 33.45 -2.88
N ASP A 482 14.82 32.85 -3.35
CA ASP A 482 15.39 33.12 -4.67
C ASP A 482 14.97 31.99 -5.56
N MET A 483 14.29 32.31 -6.66
CA MET A 483 13.66 31.26 -7.47
C MET A 483 14.67 30.39 -8.18
N TYR A 484 15.81 30.97 -8.52
CA TYR A 484 16.91 30.24 -9.14
C TYR A 484 17.25 28.95 -8.37
N GLY A 485 17.46 29.08 -7.07
CA GLY A 485 17.84 27.92 -6.25
C GLY A 485 16.71 26.91 -6.07
N ILE A 486 15.47 27.39 -5.84
CA ILE A 486 14.26 26.55 -5.85
C ILE A 486 14.21 25.72 -7.13
N ILE A 487 14.28 26.40 -8.28
CA ILE A 487 14.23 25.70 -9.56
C ILE A 487 15.38 24.69 -9.72
N THR A 488 16.61 25.09 -9.34
CA THR A 488 17.73 24.14 -9.16
C THR A 488 17.56 23.33 -7.86
N ASP A 489 16.62 22.38 -7.89
CA ASP A 489 16.10 21.73 -6.67
C ASP A 489 14.82 20.97 -6.92
N LYS A 490 14.18 21.23 -8.04
CA LYS A 490 13.00 20.46 -8.42
C LYS A 490 13.19 19.90 -9.80
N ILE A 491 13.45 20.78 -10.76
CA ILE A 491 13.58 20.35 -12.13
C ILE A 491 15.07 20.21 -12.54
N LYS A 492 15.35 19.27 -13.47
CA LYS A 492 16.70 19.07 -14.06
C LYS A 492 16.76 19.61 -15.50
N LEU A 493 17.83 20.36 -15.84
CA LEU A 493 17.93 20.99 -17.16
C LEU A 493 19.36 21.25 -17.70
N SER A 494 19.43 21.28 -19.03
CA SER A 494 20.59 21.78 -19.77
C SER A 494 20.89 23.25 -19.50
N SER A 495 19.85 24.03 -19.19
CA SER A 495 20.01 25.46 -18.91
C SER A 495 19.16 25.86 -17.70
N TYR A 496 19.58 26.92 -17.01
CA TYR A 496 18.78 27.50 -15.92
C TYR A 496 18.49 28.98 -16.10
N LYS A 497 18.75 29.51 -17.29
CA LYS A 497 18.40 30.90 -17.60
C LYS A 497 16.89 31.03 -17.65
N LEU A 498 16.42 32.23 -17.33
CA LEU A 498 15.00 32.43 -17.07
C LEU A 498 14.17 32.10 -18.30
N ASN A 499 14.44 32.78 -19.40
CA ASN A 499 13.78 32.51 -20.70
C ASN A 499 13.81 31.02 -21.06
N ALA A 500 14.94 30.37 -20.76
CA ALA A 500 15.07 28.91 -20.87
C ALA A 500 14.08 28.23 -19.91
N VAL A 501 14.23 28.53 -18.61
CA VAL A 501 13.36 27.99 -17.57
C VAL A 501 11.87 28.28 -17.86
N ALA A 502 11.58 29.47 -18.35
CA ALA A 502 10.21 29.88 -18.68
C ALA A 502 9.59 29.03 -19.84
N GLU A 503 10.45 28.46 -20.69
CA GLU A 503 10.00 27.61 -21.80
C GLU A 503 9.80 26.14 -21.41
N ALA A 504 10.49 25.67 -20.37
CA ALA A 504 10.36 24.27 -19.91
C ALA A 504 9.24 24.09 -18.88
N VAL A 505 9.11 25.08 -18.00
CA VAL A 505 8.29 24.97 -16.80
C VAL A 505 6.94 25.63 -16.99
N LEU A 506 6.95 26.78 -17.67
CA LEU A 506 5.73 27.51 -18.00
C LEU A 506 5.42 27.31 -19.47
N LYS A 507 6.17 26.42 -20.14
CA LYS A 507 6.02 26.13 -21.57
C LYS A 507 5.87 27.40 -22.41
N ASP A 508 6.62 28.45 -22.05
CA ASP A 508 6.44 29.80 -22.61
C ASP A 508 7.71 30.36 -23.27
N LYS A 509 7.49 31.15 -24.33
CA LYS A 509 8.54 31.54 -25.28
C LYS A 509 8.67 33.07 -25.47
N LYS A 510 9.76 33.65 -24.95
CA LYS A 510 10.15 35.06 -25.21
C LYS A 510 11.69 35.17 -25.22
N LYS A 511 12.23 35.87 -26.24
CA LYS A 511 13.67 35.81 -26.54
C LYS A 511 14.19 37.04 -27.30
N ASP A 512 14.38 38.14 -26.58
CA ASP A 512 14.63 39.42 -27.26
C ASP A 512 15.58 40.34 -26.51
N LEU A 513 16.43 39.80 -25.66
CA LEU A 513 17.30 40.68 -24.90
C LEU A 513 18.66 40.08 -24.67
N SER A 514 19.62 40.97 -24.46
CA SER A 514 21.00 40.61 -24.28
C SER A 514 21.66 41.81 -23.63
N TYR A 515 22.37 41.58 -22.53
CA TYR A 515 23.02 42.69 -21.81
C TYR A 515 23.93 43.51 -22.74
N ARG A 516 24.40 42.92 -23.82
CA ARG A 516 25.22 43.67 -24.76
C ARG A 516 24.43 44.74 -25.55
N ASP A 517 23.14 44.54 -25.77
CA ASP A 517 22.33 45.54 -26.50
C ASP A 517 21.96 46.78 -25.65
N ILE A 518 21.89 46.61 -24.33
CA ILE A 518 21.42 47.70 -23.44
C ILE A 518 22.02 49.08 -23.73
N PRO A 519 23.34 49.20 -23.75
CA PRO A 519 23.89 50.54 -23.99
C PRO A 519 23.32 51.18 -25.26
N ALA A 520 23.36 50.45 -26.36
CA ALA A 520 22.90 50.95 -27.64
C ALA A 520 21.50 51.53 -27.48
N TYR A 521 20.58 50.69 -27.00
CA TYR A 521 19.17 51.07 -26.71
C TYR A 521 19.06 52.19 -25.68
N TYR A 522 19.80 52.09 -24.57
CA TYR A 522 19.78 53.17 -23.57
C TYR A 522 20.01 54.54 -24.20
N ALA A 523 21.00 54.63 -25.09
CA ALA A 523 21.40 55.89 -25.66
C ALA A 523 20.37 56.40 -26.65
N THR A 524 19.52 55.52 -27.19
CA THR A 524 18.59 55.95 -28.25
C THR A 524 17.57 57.02 -27.75
N GLY A 525 16.95 56.81 -26.58
CA GLY A 525 15.93 57.76 -26.05
C GLY A 525 14.94 57.09 -25.09
N PRO A 526 13.88 57.80 -24.73
CA PRO A 526 12.93 57.29 -23.75
C PRO A 526 12.07 56.10 -24.20
N ALA A 527 11.79 55.97 -25.48
CA ALA A 527 10.98 54.84 -25.94
C ALA A 527 11.78 53.52 -25.83
N GLN A 528 13.04 53.57 -26.25
CA GLN A 528 13.90 52.41 -26.24
C GLN A 528 14.25 51.98 -24.79
N ARG A 529 14.29 52.95 -23.90
CA ARG A 529 14.38 52.63 -22.48
C ARG A 529 13.09 51.89 -22.02
N GLY A 530 11.96 52.23 -22.64
CA GLY A 530 10.68 51.58 -22.35
C GLY A 530 10.78 50.09 -22.63
N VAL A 531 11.46 49.77 -23.74
CA VAL A 531 11.62 48.40 -24.20
C VAL A 531 12.43 47.64 -23.17
N ILE A 532 13.46 48.32 -22.66
CA ILE A 532 14.28 47.72 -21.64
C ILE A 532 13.35 47.41 -20.45
N GLY A 533 12.55 48.42 -20.07
CA GLY A 533 11.59 48.28 -19.00
C GLY A 533 10.56 47.19 -19.23
N GLU A 534 10.16 46.97 -20.48
CA GLU A 534 9.19 45.90 -20.76
C GLU A 534 9.76 44.55 -20.31
N TYR A 535 10.96 44.25 -20.80
CA TYR A 535 11.54 42.93 -20.65
C TYR A 535 11.86 42.72 -19.20
N CYS A 536 12.03 43.83 -18.49
CA CYS A 536 12.28 43.85 -17.05
C CYS A 536 11.03 43.47 -16.23
N ILE A 537 9.90 44.02 -16.62
CA ILE A 537 8.64 43.80 -15.92
C ILE A 537 8.25 42.38 -16.22
N GLN A 538 8.34 42.01 -17.49
CA GLN A 538 7.99 40.66 -17.91
C GLN A 538 8.83 39.59 -17.20
N ASP A 539 10.09 39.95 -16.90
CA ASP A 539 11.00 39.06 -16.17
C ASP A 539 10.46 38.73 -14.77
N SER A 540 9.99 39.76 -14.05
CA SER A 540 9.39 39.54 -12.73
C SER A 540 8.01 38.86 -12.84
N LEU A 541 7.23 39.21 -13.86
CA LEU A 541 5.95 38.55 -14.07
C LEU A 541 6.14 37.04 -14.09
N LEU A 542 7.13 36.57 -14.86
CA LEU A 542 7.45 35.14 -14.99
C LEU A 542 7.95 34.53 -13.68
N VAL A 543 8.75 35.31 -12.92
CA VAL A 543 9.29 34.82 -11.65
C VAL A 543 8.14 34.68 -10.65
N GLY A 544 7.22 35.63 -10.66
CA GLY A 544 6.00 35.51 -9.89
C GLY A 544 5.35 34.20 -10.20
N GLN A 545 4.97 34.04 -11.46
CA GLN A 545 4.20 32.89 -11.91
C GLN A 545 4.82 31.58 -11.41
N LEU A 546 6.14 31.59 -11.29
CA LEU A 546 6.91 30.45 -10.76
C LEU A 546 6.81 30.27 -9.24
N PHE A 547 6.88 31.36 -8.49
CA PHE A 547 6.74 31.31 -7.03
C PHE A 547 5.38 30.75 -6.59
N PHE A 548 4.34 31.09 -7.34
CA PHE A 548 2.99 30.63 -7.07
C PHE A 548 2.73 29.29 -7.71
N LYS A 549 3.61 28.89 -8.63
CA LYS A 549 3.64 27.50 -9.06
C LYS A 549 4.21 26.63 -7.93
N PHE A 550 5.41 26.96 -7.45
CA PHE A 550 6.18 26.08 -6.53
C PHE A 550 6.02 26.38 -5.02
N LEU A 551 5.36 27.49 -4.68
CA LEU A 551 4.98 27.82 -3.29
C LEU A 551 6.09 27.52 -2.26
N PRO A 552 7.30 28.07 -2.50
CA PRO A 552 8.50 27.72 -1.73
C PRO A 552 8.38 28.10 -0.27
N HIS A 553 7.90 29.31 -0.02
CA HIS A 553 7.70 29.81 1.35
C HIS A 553 6.96 28.81 2.26
N LEU A 554 6.09 28.00 1.63
CA LEU A 554 5.30 26.97 2.31
C LEU A 554 6.08 25.70 2.63
N GLU A 555 6.94 25.25 1.72
CA GLU A 555 7.96 24.25 2.04
C GLU A 555 8.81 24.75 3.23
N LEU A 556 9.17 26.02 3.19
CA LEU A 556 10.02 26.61 4.24
C LEU A 556 9.26 26.81 5.56
N SER A 557 8.09 27.42 5.54
CA SER A 557 7.33 27.55 6.77
C SER A 557 7.29 26.20 7.47
N ALA A 558 6.98 25.16 6.70
CA ALA A 558 6.74 23.80 7.24
C ALA A 558 7.99 23.26 7.92
N VAL A 559 9.14 23.38 7.26
CA VAL A 559 10.41 23.04 7.89
C VAL A 559 10.62 23.85 9.16
N ALA A 560 10.35 25.16 9.10
CA ALA A 560 10.58 26.07 10.22
C ALA A 560 9.77 25.53 11.38
N ARG A 561 8.46 25.52 11.14
CA ARG A 561 7.45 24.93 11.97
C ARG A 561 7.86 23.55 12.50
N LEU A 562 8.50 22.70 11.68
CA LEU A 562 8.94 21.35 12.14
C LEU A 562 10.26 21.34 12.92
N ALA A 563 11.22 22.18 12.52
CA ALA A 563 12.58 22.07 13.03
C ALA A 563 12.72 22.91 14.27
N GLY A 564 11.74 23.80 14.50
CA GLY A 564 11.80 24.75 15.61
C GLY A 564 12.75 25.90 15.38
N ILE A 565 12.84 26.35 14.13
CA ILE A 565 13.74 27.44 13.82
C ILE A 565 13.04 28.48 12.97
N ASN A 566 13.64 29.65 13.00
CA ASN A 566 13.17 30.81 12.28
C ASN A 566 13.16 30.48 10.78
N ILE A 567 12.17 30.97 10.04
CA ILE A 567 12.12 30.74 8.58
C ILE A 567 13.37 31.18 7.82
N THR A 568 14.00 32.26 8.27
CA THR A 568 15.17 32.85 7.60
C THR A 568 16.40 31.98 7.75
N ARG A 569 16.36 31.02 8.66
CA ARG A 569 17.49 30.10 8.88
C ARG A 569 17.25 28.73 8.27
N THR A 570 16.10 28.58 7.65
CA THR A 570 15.70 27.34 6.99
C THR A 570 16.29 27.27 5.57
N ILE A 571 16.88 28.40 5.13
CA ILE A 571 17.35 28.57 3.75
C ILE A 571 18.88 28.80 3.71
N TYR A 572 19.33 29.80 4.42
CA TYR A 572 20.72 30.18 4.37
C TYR A 572 21.56 29.20 5.17
N ASP A 573 21.10 28.82 6.36
CA ASP A 573 21.98 28.35 7.42
C ASP A 573 22.37 26.87 7.40
N GLY A 574 22.02 26.18 6.32
CA GLY A 574 22.50 24.83 6.07
C GLY A 574 21.77 23.70 6.76
N GLN A 575 22.56 22.77 7.29
CA GLN A 575 22.21 21.36 7.44
C GLN A 575 21.82 20.98 8.88
N GLN A 576 22.81 21.17 9.75
CA GLN A 576 22.75 20.69 11.10
C GLN A 576 21.73 21.44 11.93
N ILE A 577 21.34 22.65 11.47
CA ILE A 577 20.51 23.58 12.24
C ILE A 577 19.11 22.99 12.38
N ARG A 578 18.63 22.47 11.27
CA ARG A 578 17.32 21.86 11.18
C ARG A 578 17.14 20.60 12.02
N VAL A 579 18.21 20.06 12.60
CA VAL A 579 18.16 18.76 13.24
C VAL A 579 18.62 18.83 14.72
N PHE A 580 19.65 19.65 14.94
CA PHE A 580 20.09 19.99 16.28
C PHE A 580 18.92 20.41 17.17
N THR A 581 18.08 21.31 16.70
CA THR A 581 17.05 21.87 17.56
C THR A 581 16.17 20.73 18.10
N CYS A 582 15.82 19.79 17.24
CA CYS A 582 14.95 18.68 17.62
C CYS A 582 15.66 17.72 18.47
N LEU A 583 16.90 17.41 18.10
CA LEU A 583 17.74 16.63 18.97
C LEU A 583 17.81 17.24 20.38
N LEU A 584 17.84 18.58 20.46
CA LEU A 584 17.99 19.28 21.75
C LEU A 584 16.74 19.06 22.60
N ARG A 585 15.56 19.05 21.97
CA ARG A 585 14.33 18.98 22.75
C ARG A 585 14.21 17.58 23.38
N LEU A 586 14.27 16.56 22.52
CA LEU A 586 14.34 15.17 22.97
C LEU A 586 15.45 14.99 24.02
N ALA A 587 16.70 15.36 23.67
CA ALA A 587 17.84 15.13 24.58
C ALA A 587 17.54 15.55 26.03
N ASP A 588 16.99 16.75 26.18
CA ASP A 588 16.63 17.24 27.49
C ASP A 588 15.45 16.47 28.10
N GLN A 589 14.43 16.09 27.32
CA GLN A 589 13.39 15.18 27.85
C GLN A 589 14.04 14.06 28.62
N LYS A 590 14.91 13.34 27.92
CA LYS A 590 15.64 12.19 28.44
C LYS A 590 16.59 12.49 29.63
N GLY A 591 16.89 13.77 29.89
CA GLY A 591 17.82 14.15 30.96
C GLY A 591 19.26 14.12 30.46
N PHE A 592 19.44 14.43 29.18
CA PHE A 592 20.78 14.60 28.63
C PHE A 592 21.11 16.09 28.46
N ILE A 593 22.41 16.36 28.35
CA ILE A 593 22.93 17.65 27.93
C ILE A 593 23.82 17.48 26.70
N LEU A 594 23.90 18.52 25.87
CA LEU A 594 24.72 18.48 24.67
C LEU A 594 26.01 19.28 24.85
N PRO A 595 27.18 18.61 24.86
CA PRO A 595 28.49 19.35 24.94
C PRO A 595 28.71 20.33 23.80
N ASP A 596 29.77 21.15 23.85
CA ASP A 596 29.94 22.27 22.88
C ASP A 596 31.21 22.06 21.99
N THR A 597 31.43 22.97 21.02
CA THR A 597 32.66 23.02 20.18
C THR A 597 33.92 22.68 20.95
N GLN A 598 34.19 21.39 21.09
CA GLN A 598 35.26 20.87 21.97
C GLN A 598 35.36 19.34 21.78
N VAL A 659 35.99 -5.53 -2.27
CA VAL A 659 36.60 -5.49 -3.62
C VAL A 659 35.69 -6.26 -4.60
N LEU A 660 34.47 -5.74 -4.76
CA LEU A 660 33.48 -6.20 -5.77
C LEU A 660 32.76 -4.94 -6.26
N ASP A 661 33.47 -4.27 -7.17
CA ASP A 661 33.00 -3.13 -7.96
C ASP A 661 33.62 -3.34 -9.38
N PRO A 662 33.48 -2.39 -10.32
CA PRO A 662 33.29 -2.86 -11.74
C PRO A 662 34.47 -3.48 -12.46
N THR A 663 34.20 -4.46 -13.32
CA THR A 663 35.14 -4.90 -14.33
C THR A 663 34.70 -4.25 -15.62
N SER A 664 35.53 -3.36 -16.15
CA SER A 664 35.15 -2.53 -17.27
C SER A 664 34.82 -3.42 -18.44
N GLY A 665 33.81 -3.03 -19.22
CA GLY A 665 33.34 -3.84 -20.35
C GLY A 665 31.96 -3.44 -20.82
N PHE A 666 31.58 -3.97 -21.99
CA PHE A 666 30.29 -3.68 -22.60
C PHE A 666 29.29 -4.82 -22.36
N HIS A 667 28.00 -4.50 -22.28
CA HIS A 667 27.00 -5.50 -21.94
C HIS A 667 25.80 -5.42 -22.84
N VAL A 668 25.50 -6.56 -23.49
CA VAL A 668 24.40 -6.69 -24.42
C VAL A 668 23.23 -7.30 -23.71
N ASN A 669 23.45 -7.89 -22.54
CA ASN A 669 22.30 -8.35 -21.75
C ASN A 669 21.86 -7.29 -20.81
N PRO A 670 20.60 -7.39 -20.33
CA PRO A 670 20.05 -6.33 -19.52
C PRO A 670 20.70 -6.28 -18.18
N VAL A 671 20.83 -5.06 -17.65
CA VAL A 671 21.41 -4.81 -16.33
C VAL A 671 20.35 -4.10 -15.44
N VAL A 672 20.07 -4.68 -14.27
CA VAL A 672 19.02 -4.14 -13.38
C VAL A 672 19.65 -3.40 -12.26
N VAL A 673 19.05 -2.28 -11.88
CA VAL A 673 19.63 -1.39 -10.89
C VAL A 673 18.76 -1.31 -9.67
N PHE A 674 19.19 -1.97 -8.61
CA PHE A 674 18.54 -1.89 -7.30
C PHE A 674 19.15 -0.81 -6.45
N ASP A 675 18.28 0.06 -5.93
CA ASP A 675 18.72 1.06 -4.93
C ASP A 675 17.95 0.92 -3.59
N PHE A 676 18.65 1.12 -2.48
CA PHE A 676 17.99 1.34 -1.17
C PHE A 676 17.51 2.77 -1.08
N ALA A 677 16.30 2.93 -0.56
CA ALA A 677 15.67 4.22 -0.37
C ALA A 677 16.11 4.77 0.98
N SER A 678 16.65 6.00 0.99
CA SER A 678 17.15 6.65 2.22
C SER A 678 17.86 5.68 3.16
N LEU A 679 18.89 5.10 2.56
CA LEU A 679 19.73 4.11 3.18
C LEU A 679 20.18 4.60 4.52
N TYR A 680 20.97 5.66 4.56
CA TYR A 680 21.58 6.06 5.84
C TYR A 680 20.60 6.28 6.98
N PRO A 681 19.55 7.09 6.77
CA PRO A 681 18.57 7.26 7.85
C PRO A 681 17.87 5.94 8.30
N SER A 682 17.65 5.03 7.36
CA SER A 682 17.01 3.75 7.69
C SER A 682 17.94 2.81 8.47
N ILE A 683 19.26 2.90 8.21
CA ILE A 683 20.25 2.20 9.03
C ILE A 683 20.22 2.69 10.47
N ILE A 684 20.34 4.02 10.64
CA ILE A 684 20.33 4.66 11.98
C ILE A 684 19.17 4.18 12.87
N GLN A 685 17.97 4.22 12.31
CA GLN A 685 16.72 3.76 12.96
C GLN A 685 16.66 2.23 13.20
N ALA A 686 16.79 1.44 12.14
CA ALA A 686 16.83 -0.03 12.27
C ALA A 686 17.86 -0.51 13.32
N HIS A 687 19.10 -0.04 13.20
CA HIS A 687 20.19 -0.41 14.14
C HIS A 687 20.44 0.49 15.38
N ASN A 688 19.41 1.10 15.94
CA ASN A 688 19.54 1.90 17.20
C ASN A 688 20.87 2.70 17.47
N LEU A 689 21.36 3.43 16.46
CA LEU A 689 22.67 4.08 16.55
C LEU A 689 22.51 5.53 17.01
N CYS A 690 23.22 5.89 18.07
CA CYS A 690 23.15 7.26 18.62
C CYS A 690 24.40 7.63 19.42
N PHE A 691 24.50 8.88 19.82
CA PHE A 691 25.55 9.27 20.77
C PHE A 691 25.32 8.49 22.05
N SER A 692 24.05 8.33 22.42
CA SER A 692 23.68 7.79 23.74
C SER A 692 23.84 6.27 23.85
N THR A 693 23.82 5.56 22.73
CA THR A 693 23.78 4.11 22.77
C THR A 693 25.13 3.44 22.41
N LEU A 694 26.12 4.20 21.95
CA LEU A 694 27.46 3.62 21.60
C LEU A 694 28.46 3.57 22.76
N SER A 695 29.56 2.84 22.52
CA SER A 695 30.63 2.66 23.52
C SER A 695 31.94 2.14 22.91
N LEU A 696 33.05 2.58 23.50
CA LEU A 696 34.37 2.03 23.19
C LEU A 696 34.84 1.00 24.25
N ARG A 697 34.11 0.84 25.36
CA ARG A 697 34.47 -0.11 26.45
C ARG A 697 33.58 -1.36 26.44
N ALA A 698 34.15 -2.55 26.63
CA ALA A 698 33.36 -3.77 26.78
C ALA A 698 32.80 -3.86 28.20
N ASP A 699 33.64 -3.47 29.15
CA ASP A 699 33.27 -3.44 30.54
C ASP A 699 32.26 -2.32 30.78
N ALA A 700 31.77 -2.23 32.03
CA ALA A 700 30.77 -1.21 32.49
C ALA A 700 29.65 -0.93 31.48
N VAL A 701 29.38 -1.95 30.63
CA VAL A 701 28.33 -1.96 29.61
C VAL A 701 27.09 -2.76 30.13
N ALA A 702 26.74 -2.48 31.40
CA ALA A 702 25.68 -3.19 32.17
C ALA A 702 25.98 -4.67 32.26
N HIS A 703 27.23 -5.03 31.99
CA HIS A 703 27.57 -6.27 31.32
C HIS A 703 26.33 -7.10 31.00
N LEU A 704 25.58 -6.59 30.03
CA LEU A 704 24.53 -7.33 29.38
C LEU A 704 25.24 -8.10 28.28
N GLU A 705 24.51 -8.74 27.37
CA GLU A 705 25.11 -9.78 26.57
C GLU A 705 25.23 -9.50 25.09
N ALA A 706 26.25 -10.08 24.48
CA ALA A 706 26.48 -9.94 23.05
C ALA A 706 25.28 -10.49 22.29
N GLY A 707 25.27 -10.25 20.97
CA GLY A 707 24.19 -10.71 20.13
C GLY A 707 22.87 -10.00 20.45
N LYS A 708 22.16 -10.53 21.44
CA LYS A 708 20.78 -10.10 21.78
C LYS A 708 20.57 -8.63 22.04
N ASP A 709 21.37 -8.10 22.97
CA ASP A 709 21.23 -6.73 23.47
C ASP A 709 22.18 -5.77 22.76
N TYR A 710 23.19 -6.31 22.07
CA TYR A 710 24.33 -5.58 21.50
C TYR A 710 24.44 -5.65 19.98
N LEU A 711 24.64 -4.51 19.34
CA LEU A 711 25.31 -4.51 18.05
C LEU A 711 26.79 -4.63 18.38
N GLU A 712 27.57 -4.95 17.36
CA GLU A 712 28.87 -5.57 17.55
C GLU A 712 29.67 -5.41 16.27
N ILE A 713 30.52 -4.39 16.18
CA ILE A 713 31.19 -4.18 14.90
C ILE A 713 32.66 -3.76 14.94
N GLU A 714 33.38 -4.30 13.95
CA GLU A 714 34.79 -4.02 13.68
C GLU A 714 34.78 -2.75 12.85
N VAL A 715 34.57 -1.61 13.50
CA VAL A 715 34.21 -0.39 12.79
C VAL A 715 35.39 0.21 12.01
N GLY A 716 36.14 1.12 12.64
CA GLY A 716 37.30 1.74 12.01
C GLY A 716 38.58 1.10 12.53
N GLY A 717 39.33 1.83 13.35
CA GLY A 717 40.45 1.24 14.08
C GLY A 717 40.02 -0.03 14.80
N ARG A 718 39.14 0.12 15.80
CA ARG A 718 38.85 -0.94 16.75
C ARG A 718 37.43 -1.52 16.75
N ARG A 719 37.09 -2.19 17.85
CA ARG A 719 35.74 -2.72 18.07
C ARG A 719 34.87 -1.64 18.67
N LEU A 720 33.61 -1.65 18.24
CA LEU A 720 32.61 -0.76 18.81
C LEU A 720 31.39 -1.59 19.17
N PHE A 721 30.55 -1.01 20.01
CA PHE A 721 29.33 -1.66 20.44
C PHE A 721 28.21 -0.61 20.41
N PHE A 722 27.04 -1.03 19.94
CA PHE A 722 25.80 -0.23 20.05
C PHE A 722 24.68 -1.06 20.69
N VAL A 723 24.22 -0.59 21.83
CA VAL A 723 23.00 -1.10 22.45
C VAL A 723 21.79 -0.96 21.51
N LYS A 724 20.78 -1.82 21.71
CA LYS A 724 19.53 -1.79 20.91
C LYS A 724 18.33 -1.23 21.72
N ALA A 725 17.19 -1.06 21.05
CA ALA A 725 16.02 -0.32 21.59
C ALA A 725 15.30 -0.91 22.82
N HIS A 726 15.85 -1.98 23.40
CA HIS A 726 15.32 -2.49 24.65
C HIS A 726 16.19 -1.95 25.78
N VAL A 727 17.51 -2.00 25.63
CA VAL A 727 18.45 -1.54 26.69
C VAL A 727 18.46 0.02 26.87
N ARG A 728 18.65 0.70 25.74
CA ARG A 728 18.62 2.17 25.64
C ARG A 728 18.20 2.36 24.20
N GLU A 729 17.23 3.23 23.97
CA GLU A 729 16.85 3.51 22.60
C GLU A 729 17.41 4.84 22.15
N SER A 730 18.06 4.78 20.97
CA SER A 730 18.76 5.89 20.32
C SER A 730 17.94 7.19 20.04
N LEU A 731 18.53 8.34 20.41
CA LEU A 731 17.90 9.63 20.25
C LEU A 731 17.55 9.93 18.79
N LEU A 732 18.41 9.49 17.88
CA LEU A 732 18.22 9.71 16.43
C LEU A 732 17.09 8.83 15.96
N SER A 733 17.26 7.53 16.27
CA SER A 733 16.27 6.51 16.11
C SER A 733 14.88 7.03 16.40
N ILE A 734 14.72 7.60 17.59
CA ILE A 734 13.46 8.19 18.00
C ILE A 734 13.09 9.34 17.05
N LEU A 735 13.96 10.34 16.90
CA LEU A 735 13.66 11.42 15.96
C LEU A 735 13.09 10.88 14.65
N LEU A 736 13.80 9.93 14.04
CA LEU A 736 13.48 9.47 12.69
C LEU A 736 12.18 8.63 12.64
N ARG A 737 12.07 7.68 13.58
CA ARG A 737 10.89 6.84 13.64
C ARG A 737 9.67 7.75 13.72
N ASP A 738 9.71 8.71 14.64
CA ASP A 738 8.62 9.69 14.87
C ASP A 738 8.30 10.45 13.60
N TRP A 739 9.34 10.83 12.87
CA TRP A 739 9.19 11.51 11.62
C TRP A 739 8.72 10.62 10.49
N LEU A 740 9.07 9.33 10.53
CA LEU A 740 8.55 8.39 9.51
C LEU A 740 7.09 8.03 9.78
N ALA A 741 6.73 7.82 11.07
CA ALA A 741 5.33 7.57 11.47
C ALA A 741 4.46 8.79 11.13
N MET A 742 5.06 9.97 11.23
CA MET A 742 4.36 11.20 10.91
C MET A 742 4.12 11.35 9.43
N ARG A 743 5.14 11.06 8.64
CA ARG A 743 4.99 11.19 7.21
C ARG A 743 3.90 10.26 6.70
N LYS A 744 3.98 8.98 7.08
CA LYS A 744 3.02 7.93 6.66
C LYS A 744 1.55 8.14 7.11
N GLN A 745 1.36 8.81 8.25
CA GLN A 745 0.01 9.17 8.74
C GLN A 745 -0.53 10.41 8.02
N ILE A 746 0.36 11.34 7.69
CA ILE A 746 0.05 12.47 6.80
C ILE A 746 -0.29 11.99 5.40
N ARG A 747 0.42 10.98 4.92
CA ARG A 747 0.25 10.49 3.55
C ARG A 747 -1.01 9.65 3.38
N SER A 748 -1.38 8.90 4.42
CA SER A 748 -2.66 8.17 4.43
C SER A 748 -3.88 9.14 4.37
N ARG A 749 -3.65 10.42 4.76
CA ARG A 749 -4.69 11.44 4.78
C ARG A 749 -4.84 12.25 3.49
N ILE A 750 -3.77 12.43 2.72
CA ILE A 750 -3.79 13.33 1.55
C ILE A 750 -5.07 13.18 0.69
N PRO A 751 -5.44 11.94 0.30
CA PRO A 751 -6.64 11.72 -0.53
C PRO A 751 -8.04 11.97 0.08
N GLN A 752 -8.21 11.83 1.40
CA GLN A 752 -9.53 12.06 2.03
C GLN A 752 -9.72 13.48 2.64
N SER A 753 -8.77 14.37 2.32
CA SER A 753 -8.87 15.78 2.66
C SER A 753 -9.27 16.60 1.42
N SER A 754 -9.55 17.88 1.63
CA SER A 754 -9.88 18.81 0.55
C SER A 754 -8.67 19.07 -0.34
N PRO A 755 -8.89 19.56 -1.58
CA PRO A 755 -7.77 20.03 -2.42
C PRO A 755 -6.78 20.99 -1.69
N GLU A 756 -7.31 22.01 -1.01
CA GLU A 756 -6.48 22.98 -0.23
C GLU A 756 -5.78 22.34 1.00
N GLU A 757 -6.43 21.37 1.63
CA GLU A 757 -5.86 20.66 2.78
C GLU A 757 -4.74 19.78 2.29
N ALA A 758 -4.90 19.23 1.08
CA ALA A 758 -3.89 18.33 0.49
C ALA A 758 -2.62 19.09 0.03
N VAL A 759 -2.76 20.35 -0.38
CA VAL A 759 -1.58 21.13 -0.80
C VAL A 759 -0.66 21.44 0.38
N LEU A 760 -1.22 21.60 1.56
CA LEU A 760 -0.44 21.88 2.78
C LEU A 760 0.13 20.64 3.43
N LEU A 761 -0.57 19.51 3.29
CA LEU A 761 -0.07 18.21 3.77
C LEU A 761 1.08 17.66 2.89
N ASP A 762 1.11 18.06 1.62
CA ASP A 762 2.17 17.63 0.67
C ASP A 762 3.48 18.31 1.05
N LYS A 763 3.38 19.59 1.39
CA LYS A 763 4.53 20.44 1.73
C LYS A 763 5.19 19.92 3.03
N GLN A 764 4.34 19.57 4.00
CA GLN A 764 4.75 18.96 5.27
C GLN A 764 5.42 17.57 5.10
N GLN A 765 4.67 16.69 4.42
CA GLN A 765 5.16 15.38 3.99
C GLN A 765 6.54 15.48 3.28
N ALA A 766 6.76 16.51 2.46
CA ALA A 766 8.08 16.78 1.84
C ALA A 766 9.10 17.43 2.84
N ALA A 767 8.63 18.36 3.68
CA ALA A 767 9.44 18.88 4.75
C ALA A 767 10.04 17.78 5.66
N ILE A 768 9.23 16.76 6.02
CA ILE A 768 9.74 15.70 6.87
C ILE A 768 10.88 15.03 6.12
N LYS A 769 10.76 14.92 4.79
CA LYS A 769 11.80 14.27 4.01
C LYS A 769 13.07 15.09 3.95
N VAL A 770 12.97 16.41 3.79
CA VAL A 770 14.15 17.26 3.83
C VAL A 770 14.91 17.11 5.15
N VAL A 771 14.16 16.99 6.25
CA VAL A 771 14.74 16.94 7.58
C VAL A 771 15.37 15.56 7.87
N CYS A 772 14.75 14.48 7.39
CA CYS A 772 15.25 13.11 7.62
C CYS A 772 16.53 12.86 6.87
N ASN A 773 16.54 13.27 5.61
CA ASN A 773 17.77 13.20 4.82
C ASN A 773 18.91 14.05 5.38
N SER A 774 18.66 14.77 6.47
CA SER A 774 19.69 15.56 7.15
C SER A 774 20.40 14.84 8.30
N VAL A 775 19.74 13.86 8.92
CA VAL A 775 20.32 13.35 10.17
C VAL A 775 21.65 12.65 9.93
N TYR A 776 21.80 11.96 8.80
CA TYR A 776 23.09 11.31 8.58
C TYR A 776 24.22 12.35 8.60
N GLY A 777 24.10 13.33 7.69
CA GLY A 777 25.07 14.40 7.56
C GLY A 777 25.38 15.04 8.88
N PHE A 778 24.34 15.35 9.64
CA PHE A 778 24.52 15.91 10.97
C PHE A 778 25.60 15.23 11.83
N THR A 779 25.73 13.92 11.68
CA THR A 779 26.66 13.11 12.48
C THR A 779 28.14 13.33 12.16
N GLY A 780 28.45 13.52 10.88
CA GLY A 780 29.83 13.42 10.40
C GLY A 780 30.60 14.72 10.11
N VAL A 781 30.04 15.87 10.50
CA VAL A 781 30.77 17.17 10.42
C VAL A 781 31.77 17.25 11.58
N GLN A 782 33.03 17.00 11.28
CA GLN A 782 34.10 16.86 12.31
C GLN A 782 34.35 18.10 13.18
N HIS A 783 33.89 19.28 12.74
CA HIS A 783 33.99 20.48 13.56
C HIS A 783 32.67 21.26 13.65
N GLY A 784 31.56 20.59 13.33
CA GLY A 784 30.22 21.16 13.46
C GLY A 784 29.70 20.81 14.83
N LEU A 785 28.42 21.12 15.08
CA LEU A 785 27.81 20.92 16.42
C LEU A 785 27.53 19.42 16.60
N LEU A 786 27.87 18.89 17.76
CA LEU A 786 27.78 17.44 18.03
C LEU A 786 28.22 16.47 16.92
N PRO A 787 29.53 16.44 16.66
CA PRO A 787 29.99 15.45 15.70
C PRO A 787 30.03 14.11 16.37
N CYS A 788 30.24 13.09 15.58
CA CYS A 788 30.40 11.77 16.13
C CYS A 788 30.75 10.83 14.97
N LEU A 789 31.99 10.96 14.50
CA LEU A 789 32.48 10.30 13.27
C LEU A 789 32.39 8.78 13.38
N HIS A 790 32.34 8.30 14.62
CA HIS A 790 32.23 6.86 14.88
C HIS A 790 30.78 6.34 14.71
N VAL A 791 29.82 7.20 14.35
CA VAL A 791 28.43 6.79 14.01
C VAL A 791 28.32 6.84 12.48
N ALA A 792 28.74 7.95 11.88
CA ALA A 792 28.82 8.04 10.43
C ALA A 792 29.57 6.83 9.86
N ALA A 793 30.74 6.52 10.45
CA ALA A 793 31.62 5.40 10.01
C ALA A 793 31.00 4.04 10.24
N THR A 794 30.24 3.88 11.31
CA THR A 794 29.55 2.58 11.53
C THR A 794 28.43 2.41 10.51
N VAL A 795 27.74 3.51 10.21
CA VAL A 795 26.69 3.53 9.17
C VAL A 795 27.29 3.20 7.78
N THR A 796 28.49 3.72 7.46
CA THR A 796 29.27 3.34 6.26
C THR A 796 29.47 1.85 6.16
N THR A 797 29.98 1.26 7.25
CA THR A 797 30.36 -0.15 7.23
C THR A 797 29.13 -1.08 7.30
N ILE A 798 28.03 -0.60 7.88
CA ILE A 798 26.76 -1.36 7.78
C ILE A 798 26.13 -1.25 6.39
N GLY A 799 26.20 -0.06 5.80
CA GLY A 799 25.83 0.13 4.40
C GLY A 799 26.51 -0.92 3.54
N ARG A 800 27.81 -1.13 3.75
CA ARG A 800 28.57 -2.07 2.91
C ARG A 800 28.06 -3.51 3.10
N GLU A 801 28.01 -3.97 4.35
CA GLU A 801 27.60 -5.34 4.68
C GLU A 801 26.26 -5.64 4.00
N MET A 802 25.33 -4.68 4.10
CA MET A 802 23.98 -4.89 3.59
C MET A 802 23.95 -5.19 2.10
N LEU A 803 24.72 -4.44 1.33
CA LEU A 803 24.70 -4.64 -0.10
C LEU A 803 25.48 -5.92 -0.50
N LEU A 804 26.57 -6.23 0.21
CA LEU A 804 27.22 -7.56 0.16
C LEU A 804 26.26 -8.69 0.49
N ALA A 805 25.33 -8.44 1.40
CA ALA A 805 24.33 -9.45 1.75
C ALA A 805 23.32 -9.63 0.60
N THR A 806 22.96 -8.51 -0.02
CA THR A 806 22.04 -8.48 -1.15
C THR A 806 22.68 -9.19 -2.36
N ARG A 807 23.98 -8.96 -2.52
CA ARG A 807 24.78 -9.73 -3.45
C ARG A 807 24.70 -11.21 -3.11
N GLU A 808 25.09 -11.56 -1.87
CA GLU A 808 25.15 -12.94 -1.38
C GLU A 808 23.83 -13.60 -1.72
N TYR A 809 22.76 -12.93 -1.33
CA TYR A 809 21.45 -13.50 -1.44
C TYR A 809 21.04 -13.85 -2.90
N VAL A 810 21.04 -12.84 -3.76
CA VAL A 810 20.65 -12.94 -5.17
C VAL A 810 21.39 -14.08 -5.86
N HIS A 811 22.70 -14.17 -5.62
CA HIS A 811 23.47 -15.30 -6.15
C HIS A 811 22.93 -16.65 -5.59
N ALA A 812 22.70 -16.76 -4.30
CA ALA A 812 22.22 -18.06 -3.77
C ALA A 812 20.84 -18.36 -4.30
N ARG A 813 19.92 -17.40 -4.18
CA ARG A 813 18.51 -17.70 -4.43
C ARG A 813 18.15 -17.85 -5.88
N TRP A 814 18.78 -17.05 -6.75
CA TRP A 814 18.32 -16.95 -8.12
C TRP A 814 19.32 -17.48 -9.13
N ALA A 815 20.21 -18.37 -8.68
CA ALA A 815 21.17 -19.02 -9.56
C ALA A 815 20.50 -19.75 -10.69
N ALA A 816 19.30 -20.27 -10.47
CA ALA A 816 18.56 -20.98 -11.54
C ALA A 816 17.25 -20.29 -11.86
N PHE A 817 16.90 -20.32 -13.13
CA PHE A 817 15.66 -19.75 -13.58
C PHE A 817 14.45 -20.38 -12.91
N GLU A 818 14.55 -21.60 -12.41
CA GLU A 818 13.39 -22.29 -11.80
C GLU A 818 12.90 -21.62 -10.51
N GLN A 819 13.84 -21.16 -9.68
CA GLN A 819 13.51 -20.59 -8.40
C GLN A 819 12.91 -19.23 -8.68
N LEU A 820 13.43 -18.56 -9.70
CA LEU A 820 12.97 -17.24 -10.10
C LEU A 820 11.54 -17.32 -10.66
N LEU A 821 11.24 -18.36 -11.44
CA LEU A 821 9.87 -18.57 -11.94
C LEU A 821 8.90 -18.94 -10.82
N ALA A 822 9.39 -19.57 -9.76
CA ALA A 822 8.52 -19.99 -8.67
C ALA A 822 8.13 -18.75 -7.85
N ASP A 823 9.08 -17.85 -7.57
CA ASP A 823 8.78 -16.59 -6.85
C ASP A 823 7.94 -15.59 -7.68
N PHE A 824 8.21 -15.57 -9.00
CA PHE A 824 7.71 -14.54 -9.89
C PHE A 824 7.15 -15.23 -11.15
N PRO A 825 5.92 -15.72 -11.07
CA PRO A 825 5.35 -16.45 -12.21
C PRO A 825 5.38 -15.70 -13.52
N GLU A 826 5.38 -14.37 -13.50
CA GLU A 826 5.49 -13.61 -14.74
C GLU A 826 6.85 -13.71 -15.40
N ALA A 827 7.82 -14.37 -14.77
CA ALA A 827 9.09 -14.58 -15.45
C ALA A 827 8.89 -15.51 -16.62
N ALA A 828 7.76 -16.24 -16.65
CA ALA A 828 7.40 -17.11 -17.76
C ALA A 828 7.78 -16.43 -19.07
N ASP A 829 7.21 -15.25 -19.29
CA ASP A 829 7.36 -14.62 -20.59
C ASP A 829 8.60 -13.72 -20.67
N MET A 830 9.66 -14.07 -19.96
CA MET A 830 10.88 -13.26 -19.94
C MET A 830 12.17 -13.99 -20.29
N ARG A 831 12.07 -15.24 -20.71
CA ARG A 831 13.23 -16.09 -20.89
C ARG A 831 13.77 -15.86 -22.32
N ALA A 832 14.97 -15.33 -22.40
CA ALA A 832 15.59 -15.02 -23.68
C ALA A 832 16.35 -16.23 -24.19
N PRO A 833 16.81 -16.16 -25.45
CA PRO A 833 17.55 -17.23 -26.07
C PRO A 833 18.76 -17.77 -25.28
N GLY A 834 19.59 -16.91 -24.69
CA GLY A 834 20.88 -17.41 -24.16
C GLY A 834 20.83 -18.55 -23.13
N PRO A 835 21.94 -18.80 -22.40
CA PRO A 835 21.86 -19.48 -21.09
C PRO A 835 21.52 -18.44 -20.04
N TYR A 836 20.94 -18.85 -18.91
CA TYR A 836 20.44 -17.91 -17.87
C TYR A 836 21.46 -17.68 -16.78
N SER A 837 21.62 -16.46 -16.32
CA SER A 837 22.66 -16.19 -15.36
C SER A 837 22.36 -14.85 -14.71
N MET A 838 22.24 -14.82 -13.39
CA MET A 838 22.00 -13.55 -12.70
C MET A 838 23.13 -13.19 -11.76
N ARG A 839 23.83 -12.13 -12.08
CA ARG A 839 25.11 -11.86 -11.45
C ARG A 839 25.25 -10.39 -11.19
N ILE A 840 25.67 -10.05 -10.00
CA ILE A 840 25.84 -8.65 -9.72
C ILE A 840 27.24 -8.22 -10.22
N ILE A 841 27.28 -7.04 -10.83
CA ILE A 841 28.41 -6.59 -11.63
C ILE A 841 28.98 -5.28 -11.11
N TYR A 842 28.15 -4.46 -10.48
CA TYR A 842 28.60 -3.20 -9.94
C TYR A 842 27.90 -2.95 -8.63
N GLY A 843 28.68 -2.59 -7.63
CA GLY A 843 28.11 -2.21 -6.34
C GLY A 843 28.58 -0.81 -6.13
N ASP A 844 27.72 0.07 -5.62
CA ASP A 844 28.15 1.39 -5.17
C ASP A 844 27.48 1.72 -3.86
N THR A 845 27.36 3.00 -3.53
CA THR A 845 26.92 3.49 -2.23
C THR A 845 25.67 2.78 -1.72
N ASP A 846 24.59 2.90 -2.48
CA ASP A 846 23.27 2.39 -2.11
C ASP A 846 22.57 1.64 -3.25
N SER A 847 23.36 1.23 -4.24
CA SER A 847 22.82 0.63 -5.45
C SER A 847 23.72 -0.48 -5.95
N ILE A 848 23.07 -1.48 -6.53
CA ILE A 848 23.67 -2.70 -7.01
C ILE A 848 23.26 -2.86 -8.48
N PHE A 849 24.16 -3.28 -9.34
CA PHE A 849 23.85 -3.60 -10.76
C PHE A 849 23.87 -5.09 -10.99
N VAL A 850 22.79 -5.64 -11.52
CA VAL A 850 22.67 -7.07 -11.69
C VAL A 850 22.48 -7.45 -13.14
N LEU A 851 23.54 -8.03 -13.70
CA LEU A 851 23.54 -8.50 -15.08
C LEU A 851 22.70 -9.75 -15.22
N CYS A 852 21.69 -9.65 -16.08
CA CYS A 852 20.69 -10.69 -16.24
C CYS A 852 20.75 -11.38 -17.59
N ARG A 853 21.63 -12.35 -17.73
CA ARG A 853 21.67 -13.18 -18.93
C ARG A 853 20.47 -14.06 -19.03
N GLY A 854 19.94 -14.19 -20.24
CA GLY A 854 18.86 -15.10 -20.55
C GLY A 854 17.51 -14.53 -20.19
N LEU A 855 17.49 -13.28 -19.75
CA LEU A 855 16.25 -12.57 -19.50
C LEU A 855 16.03 -11.43 -20.48
N THR A 856 14.77 -11.15 -20.79
CA THR A 856 14.45 -9.97 -21.59
C THR A 856 14.61 -8.68 -20.81
N ALA A 857 15.03 -7.63 -21.48
CA ALA A 857 14.97 -6.30 -20.89
C ALA A 857 13.53 -5.89 -20.69
N ALA A 858 12.57 -6.56 -21.32
CA ALA A 858 11.19 -6.08 -21.41
C ALA A 858 10.51 -5.89 -20.07
N GLY A 859 10.22 -6.93 -19.33
CA GLY A 859 9.46 -6.65 -18.10
C GLY A 859 10.31 -6.56 -16.86
N LEU A 860 11.60 -6.34 -17.03
CA LEU A 860 12.54 -6.56 -15.92
C LEU A 860 12.47 -5.47 -14.85
N THR A 861 11.87 -4.34 -15.16
CA THR A 861 11.85 -3.27 -14.19
C THR A 861 10.74 -3.58 -13.21
N ALA A 862 9.63 -4.12 -13.71
CA ALA A 862 8.51 -4.50 -12.87
C ALA A 862 8.86 -5.74 -12.02
N MET A 863 9.55 -6.69 -12.64
CA MET A 863 9.95 -7.85 -11.89
C MET A 863 10.99 -7.43 -10.86
N GLY A 864 11.83 -6.50 -11.25
CA GLY A 864 12.81 -6.00 -10.32
C GLY A 864 12.22 -5.35 -9.06
N ASP A 865 11.04 -4.71 -9.15
CA ASP A 865 10.47 -4.09 -7.95
C ASP A 865 10.27 -5.22 -6.95
N LYS A 866 9.51 -6.22 -7.41
CA LYS A 866 9.20 -7.40 -6.66
C LYS A 866 10.42 -8.08 -6.10
N MET A 867 11.46 -8.19 -6.90
CA MET A 867 12.70 -8.81 -6.43
C MET A 867 13.15 -8.04 -5.21
N ALA A 868 13.23 -6.74 -5.37
CA ALA A 868 13.72 -5.88 -4.31
C ALA A 868 12.76 -5.95 -3.12
N SER A 869 11.47 -5.95 -3.39
CA SER A 869 10.50 -6.04 -2.32
C SER A 869 10.70 -7.35 -1.56
N HIS A 870 10.76 -8.44 -2.32
CA HIS A 870 11.07 -9.73 -1.81
C HIS A 870 12.32 -9.72 -0.95
N ILE A 871 13.43 -9.24 -1.51
CA ILE A 871 14.70 -9.21 -0.78
C ILE A 871 14.53 -8.41 0.51
N SER A 872 13.84 -7.29 0.38
CA SER A 872 13.72 -6.33 1.44
C SER A 872 12.98 -6.96 2.65
N ARG A 873 11.80 -7.49 2.36
CA ARG A 873 11.02 -8.30 3.28
C ARG A 873 11.70 -9.57 3.81
N ALA A 874 12.70 -10.10 3.12
CA ALA A 874 13.38 -11.32 3.57
C ALA A 874 14.64 -11.10 4.44
N LEU A 875 15.40 -10.02 4.23
CA LEU A 875 16.70 -9.80 4.89
C LEU A 875 16.78 -8.67 5.92
N PHE A 876 15.99 -7.59 5.72
CA PHE A 876 16.23 -6.36 6.49
C PHE A 876 15.08 -5.85 7.36
N LEU A 877 15.48 -5.15 8.42
CA LEU A 877 14.56 -4.58 9.40
C LEU A 877 13.92 -3.30 8.90
N PRO A 878 12.59 -3.14 9.09
CA PRO A 878 11.85 -1.97 8.71
C PRO A 878 12.60 -0.66 8.94
N PRO A 879 12.26 0.28 8.07
CA PRO A 879 12.32 1.32 7.12
C PRO A 879 13.17 0.85 5.96
N ILE A 880 14.22 0.05 6.21
CA ILE A 880 15.17 -0.34 5.16
C ILE A 880 14.40 -0.94 4.00
N LYS A 881 14.47 -0.28 2.84
CA LYS A 881 13.67 -0.67 1.71
C LYS A 881 14.49 -0.58 0.42
N LEU A 882 14.82 -1.73 -0.14
CA LEU A 882 15.40 -1.80 -1.49
C LEU A 882 14.29 -1.73 -2.55
N GLU A 883 14.54 -0.99 -3.63
CA GLU A 883 13.58 -0.88 -4.74
C GLU A 883 14.27 -0.96 -6.10
N CYS A 884 13.48 -0.97 -7.16
CA CYS A 884 14.03 -1.01 -8.50
C CYS A 884 13.59 0.21 -9.31
N GLU A 885 14.56 0.86 -9.93
CA GLU A 885 14.38 2.08 -10.72
C GLU A 885 14.27 1.92 -12.20
N LYS A 886 15.08 1.00 -12.73
CA LYS A 886 15.81 1.24 -13.96
C LYS A 886 16.48 -0.07 -14.46
N THR A 887 16.24 -0.39 -15.73
CA THR A 887 16.94 -1.46 -16.43
C THR A 887 17.77 -0.83 -17.56
N PHE A 888 19.02 -1.27 -17.70
CA PHE A 888 19.86 -0.91 -18.86
C PHE A 888 19.76 -2.02 -19.92
N THR A 889 19.19 -1.70 -21.07
CA THR A 889 19.28 -2.59 -22.22
C THR A 889 20.73 -2.93 -22.60
N LYS A 890 21.60 -1.94 -22.49
CA LYS A 890 23.02 -2.09 -22.81
C LYS A 890 23.80 -1.17 -21.90
N LEU A 891 25.06 -1.53 -21.65
CA LEU A 891 25.87 -0.80 -20.70
C LEU A 891 27.37 -0.91 -20.96
N LEU A 892 28.01 0.25 -21.09
CA LEU A 892 29.47 0.37 -21.04
C LEU A 892 29.83 0.64 -19.59
N LEU A 893 30.48 -0.31 -18.96
CA LEU A 893 30.89 -0.15 -17.59
C LEU A 893 32.32 0.26 -17.74
N ILE A 894 32.61 1.53 -17.43
CA ILE A 894 33.97 2.07 -17.56
C ILE A 894 34.70 1.84 -16.27
N ALA A 895 34.18 2.43 -15.19
CA ALA A 895 34.86 2.35 -13.91
C ALA A 895 34.03 2.74 -12.69
N LYS A 896 34.73 2.61 -11.57
CA LYS A 896 34.43 3.30 -10.30
C LYS A 896 33.09 4.03 -10.19
N LYS A 897 32.92 5.12 -10.91
CA LYS A 897 31.64 5.82 -10.91
C LYS A 897 31.44 6.41 -12.28
N LYS A 898 31.67 5.56 -13.29
CA LYS A 898 31.76 5.98 -14.68
C LYS A 898 31.13 4.95 -15.61
N TYR A 899 30.04 5.31 -16.25
CA TYR A 899 29.43 4.40 -17.20
C TYR A 899 28.50 5.12 -18.19
N ILE A 900 28.22 4.44 -19.31
CA ILE A 900 27.21 4.90 -20.25
C ILE A 900 26.26 3.76 -20.47
N GLY A 901 24.97 4.07 -20.44
CA GLY A 901 23.94 3.04 -20.66
C GLY A 901 22.74 3.62 -21.36
N VAL A 902 22.02 2.79 -22.11
CA VAL A 902 20.72 3.17 -22.63
C VAL A 902 19.73 2.50 -21.72
N ILE A 903 18.64 3.19 -21.42
CA ILE A 903 17.71 2.68 -20.42
C ILE A 903 16.53 2.10 -21.12
N TYR A 904 16.15 0.88 -20.78
CA TYR A 904 15.00 0.31 -21.43
C TYR A 904 13.83 1.25 -21.18
N GLY A 905 13.23 1.77 -22.24
CA GLY A 905 12.12 2.63 -22.05
C GLY A 905 12.51 4.08 -21.90
N GLY A 906 13.79 4.39 -22.00
CA GLY A 906 14.24 5.76 -21.97
C GLY A 906 15.46 6.13 -22.78
N LYS A 907 16.29 6.96 -22.19
CA LYS A 907 17.27 7.70 -22.91
C LYS A 907 18.64 7.17 -22.59
N MET A 908 19.67 7.80 -23.12
CA MET A 908 21.02 7.45 -22.70
C MET A 908 21.31 8.09 -21.35
N LEU A 909 22.12 7.42 -20.53
CA LEU A 909 22.53 7.95 -19.23
C LEU A 909 24.04 7.85 -19.22
N ILE A 910 24.71 8.96 -18.95
CA ILE A 910 26.15 9.10 -19.09
C ILE A 910 26.64 9.57 -17.72
N LYS A 911 27.55 8.85 -17.07
CA LYS A 911 28.01 9.23 -15.75
C LYS A 911 29.52 9.28 -15.63
N GLY A 912 30.02 10.47 -15.21
CA GLY A 912 31.43 10.68 -14.92
C GLY A 912 32.26 10.85 -16.16
N VAL A 913 31.60 11.21 -17.27
CA VAL A 913 32.27 11.43 -18.53
C VAL A 913 31.42 12.42 -19.34
N ASP A 914 32.05 13.08 -20.31
CA ASP A 914 31.30 13.73 -21.38
C ASP A 914 31.92 13.27 -22.67
N LEU A 915 31.12 13.34 -23.71
CA LEU A 915 31.53 12.92 -25.05
C LEU A 915 31.58 14.15 -25.95
N VAL A 916 31.33 15.30 -25.31
CA VAL A 916 31.26 16.58 -25.95
C VAL A 916 32.31 17.45 -25.23
N ARG A 917 32.71 18.53 -25.88
CA ARG A 917 33.51 19.59 -25.28
C ARG A 917 33.04 20.87 -25.92
N LYS A 918 32.62 21.87 -25.14
CA LYS A 918 32.25 23.14 -25.77
C LYS A 918 33.41 23.63 -26.67
N ASN A 919 34.65 23.41 -26.22
CA ASN A 919 35.86 23.87 -26.91
C ASN A 919 36.20 23.23 -28.26
N ASN A 920 35.63 22.06 -28.53
CA ASN A 920 35.94 21.31 -29.74
C ASN A 920 35.02 21.67 -30.89
N CYS A 921 35.49 21.48 -32.11
CA CYS A 921 34.64 21.81 -33.25
C CYS A 921 33.47 20.83 -33.37
N ALA A 922 32.42 21.27 -34.07
CA ALA A 922 31.21 20.50 -34.26
C ALA A 922 31.60 19.12 -34.70
N PHE A 923 32.45 19.10 -35.70
CA PHE A 923 32.81 17.89 -36.35
C PHE A 923 33.44 16.85 -35.44
N ILE A 924 34.32 17.23 -34.55
CA ILE A 924 34.87 16.21 -33.66
C ILE A 924 33.78 15.73 -32.68
N ASN A 925 32.88 16.63 -32.30
CA ASN A 925 31.83 16.26 -31.36
C ASN A 925 30.77 15.36 -32.00
N ARG A 926 30.40 15.68 -33.24
CA ARG A 926 29.31 14.95 -33.90
C ARG A 926 29.73 13.54 -34.19
N THR A 927 30.98 13.39 -34.60
CA THR A 927 31.48 12.08 -34.94
C THR A 927 31.75 11.27 -33.68
N SER A 928 32.37 11.91 -32.71
CA SER A 928 32.67 11.20 -31.48
C SER A 928 31.40 10.58 -30.96
N ARG A 929 30.33 11.31 -31.14
CA ARG A 929 29.01 10.95 -30.70
C ARG A 929 28.49 9.81 -31.56
N ALA A 930 28.48 10.00 -32.88
CA ALA A 930 28.10 8.94 -33.84
C ALA A 930 28.71 7.56 -33.51
N LEU A 931 29.99 7.56 -33.10
CA LEU A 931 30.66 6.34 -32.63
C LEU A 931 29.90 5.69 -31.48
N VAL A 932 29.71 6.41 -30.38
CA VAL A 932 29.04 5.83 -29.24
C VAL A 932 27.61 5.33 -29.58
N ASP A 933 26.95 6.00 -30.51
CA ASP A 933 25.66 5.52 -30.97
C ASP A 933 25.77 4.23 -31.75
N LEU A 934 26.73 4.10 -32.64
CA LEU A 934 26.92 2.82 -33.30
C LEU A 934 27.07 1.70 -32.26
N LEU A 935 27.83 1.95 -31.22
CA LEU A 935 28.05 0.94 -30.19
C LEU A 935 26.76 0.56 -29.46
N PHE A 936 25.85 1.51 -29.32
CA PHE A 936 24.61 1.26 -28.61
C PHE A 936 23.40 0.87 -29.45
N TYR A 937 23.30 1.42 -30.65
CA TYR A 937 22.10 1.32 -31.47
C TYR A 937 22.25 0.33 -32.66
N ASP A 938 23.48 0.03 -33.04
CA ASP A 938 23.76 -0.96 -34.10
C ASP A 938 24.05 -2.30 -33.47
N ASP A 939 23.12 -3.25 -33.64
CA ASP A 939 23.23 -4.56 -33.00
C ASP A 939 24.45 -5.37 -33.43
N THR A 940 24.91 -5.26 -34.67
CA THR A 940 26.17 -5.95 -35.04
C THR A 940 27.40 -5.42 -34.26
N VAL A 941 27.48 -4.11 -34.14
CA VAL A 941 28.58 -3.53 -33.42
C VAL A 941 28.44 -3.87 -31.97
N SER A 942 27.20 -4.03 -31.51
CA SER A 942 26.95 -4.29 -30.07
C SER A 942 27.38 -5.68 -29.61
N GLY A 943 27.19 -6.68 -30.45
CA GLY A 943 27.62 -8.01 -30.08
C GLY A 943 29.12 -8.12 -30.16
N ALA A 944 29.66 -7.60 -31.27
CA ALA A 944 31.08 -7.60 -31.51
C ALA A 944 31.79 -6.87 -30.36
N ALA A 945 31.28 -5.71 -29.95
CA ALA A 945 31.79 -5.04 -28.73
C ALA A 945 31.65 -5.91 -27.47
N ALA A 946 30.56 -6.64 -27.33
CA ALA A 946 30.35 -7.52 -26.16
C ALA A 946 31.40 -8.63 -26.13
N ALA A 947 31.67 -9.19 -27.31
CA ALA A 947 32.59 -10.33 -27.45
C ALA A 947 34.02 -9.97 -27.06
N LEU A 948 34.36 -8.70 -27.07
CA LEU A 948 35.69 -8.26 -26.67
C LEU A 948 35.97 -8.60 -25.20
N ALA A 949 34.92 -8.64 -24.36
CA ALA A 949 35.05 -8.95 -22.94
C ALA A 949 35.47 -10.41 -22.69
N GLU A 950 35.39 -11.27 -23.73
CA GLU A 950 35.74 -12.68 -23.58
C GLU A 950 37.26 -12.96 -23.71
N ARG A 951 38.11 -12.00 -23.34
CA ARG A 951 39.48 -11.99 -23.85
C ARG A 951 40.25 -10.75 -23.36
N PRO A 952 41.36 -10.95 -22.62
CA PRO A 952 42.15 -9.81 -22.13
C PRO A 952 42.73 -8.88 -23.22
N ALA A 953 42.62 -7.57 -22.98
CA ALA A 953 43.20 -6.55 -23.85
C ALA A 953 44.36 -7.08 -24.68
N GLU A 954 45.42 -7.53 -24.02
CA GLU A 954 46.68 -7.93 -24.69
C GLU A 954 46.53 -9.06 -25.73
N GLU A 955 45.50 -9.91 -25.59
CA GLU A 955 45.37 -11.06 -26.47
C GLU A 955 44.72 -10.65 -27.79
N TRP A 956 43.98 -9.53 -27.78
CA TRP A 956 43.47 -8.96 -29.02
C TRP A 956 44.58 -8.29 -29.85
N LEU A 957 45.66 -7.84 -29.20
CA LEU A 957 46.81 -7.37 -29.97
C LEU A 957 47.40 -8.51 -30.84
N ALA A 958 47.26 -9.76 -30.40
CA ALA A 958 47.87 -10.88 -31.13
C ALA A 958 47.06 -11.31 -32.35
N ARG A 959 45.74 -11.08 -32.29
CA ARG A 959 44.79 -11.69 -33.22
C ARG A 959 43.82 -10.65 -33.80
N PRO A 960 42.98 -11.03 -34.78
CA PRO A 960 42.13 -10.02 -35.42
C PRO A 960 40.86 -9.76 -34.62
N LEU A 961 40.45 -8.50 -34.53
CA LEU A 961 39.24 -8.11 -33.81
C LEU A 961 38.03 -8.75 -34.47
N PRO A 962 36.96 -9.04 -33.72
CA PRO A 962 35.73 -9.60 -34.33
C PRO A 962 35.12 -8.77 -35.44
N GLU A 963 34.67 -9.42 -36.49
CA GLU A 963 34.25 -8.69 -37.68
C GLU A 963 33.10 -7.72 -37.41
N GLY A 964 32.30 -7.95 -36.37
CA GLY A 964 31.11 -7.14 -36.16
C GLY A 964 31.35 -5.64 -36.04
N LEU A 965 32.61 -5.26 -35.84
CA LEU A 965 32.97 -3.85 -35.69
C LEU A 965 33.24 -3.13 -37.01
N GLN A 966 33.14 -3.81 -38.15
CA GLN A 966 33.36 -3.20 -39.49
C GLN A 966 32.79 -1.78 -39.52
N ALA A 967 31.55 -1.60 -39.06
CA ALA A 967 30.87 -0.30 -39.13
C ALA A 967 31.51 0.78 -38.25
N PHE A 968 32.08 0.38 -37.13
CA PHE A 968 32.81 1.33 -36.29
C PHE A 968 33.95 1.95 -37.03
N GLY A 969 34.77 1.11 -37.65
CA GLY A 969 35.86 1.54 -38.52
C GLY A 969 35.37 2.35 -39.70
N ALA A 970 34.22 2.01 -40.25
CA ALA A 970 33.70 2.75 -41.41
C ALA A 970 33.52 4.21 -41.03
N VAL A 971 33.10 4.49 -39.78
CA VAL A 971 32.94 5.88 -39.33
C VAL A 971 34.23 6.71 -39.27
N LEU A 972 35.32 6.13 -38.74
CA LEU A 972 36.63 6.85 -38.64
C LEU A 972 37.23 7.09 -40.03
N VAL A 973 37.29 6.02 -40.80
CA VAL A 973 37.67 6.12 -42.21
C VAL A 973 36.88 7.24 -42.85
N ASP A 974 35.59 7.24 -42.57
CA ASP A 974 34.72 8.17 -43.23
C ASP A 974 35.02 9.62 -42.82
N ALA A 975 35.43 9.79 -41.58
CA ALA A 975 35.72 11.10 -41.02
C ALA A 975 36.96 11.67 -41.67
N HIS A 976 37.96 10.83 -41.89
CA HIS A 976 39.19 11.23 -42.60
C HIS A 976 38.85 11.89 -43.94
N ARG A 977 37.88 11.31 -44.65
CA ARG A 977 37.49 11.80 -45.96
C ARG A 977 36.72 13.08 -45.83
N ARG A 978 35.96 13.21 -44.76
CA ARG A 978 35.22 14.43 -44.53
C ARG A 978 36.14 15.66 -44.52
N ILE A 979 37.36 15.46 -44.02
CA ILE A 979 38.37 16.50 -43.89
C ILE A 979 39.10 16.84 -45.19
N THR A 980 39.60 15.81 -45.87
CA THR A 980 40.55 15.98 -46.98
C THR A 980 39.92 16.57 -48.20
N ASP A 981 38.61 16.38 -48.34
CA ASP A 981 38.03 16.59 -49.64
C ASP A 981 37.56 18.05 -49.77
N PRO A 982 37.37 18.57 -51.02
CA PRO A 982 36.99 19.99 -51.26
C PRO A 982 35.68 20.32 -50.56
N GLU A 983 35.63 19.90 -49.30
CA GLU A 983 34.37 19.54 -48.67
C GLU A 983 33.76 20.73 -47.99
N ARG A 984 32.67 21.10 -48.64
CA ARG A 984 31.91 22.26 -48.30
C ARG A 984 31.11 21.95 -47.07
N ASP A 985 31.82 21.82 -45.97
CA ASP A 985 31.40 22.52 -44.81
C ASP A 985 32.59 22.76 -43.94
N ILE A 986 33.18 23.92 -44.15
CA ILE A 986 34.34 24.29 -43.40
C ILE A 986 33.81 24.69 -42.01
N GLN A 987 32.66 25.36 -41.95
CA GLN A 987 32.04 25.79 -40.68
C GLN A 987 32.10 24.73 -39.57
N ASP A 988 31.95 23.50 -39.99
CA ASP A 988 31.98 22.31 -39.14
C ASP A 988 33.34 22.12 -38.42
N PHE A 989 34.41 22.63 -39.00
CA PHE A 989 35.75 22.54 -38.41
C PHE A 989 36.22 23.79 -37.69
N VAL A 990 35.33 24.76 -37.50
CA VAL A 990 35.70 26.03 -36.89
C VAL A 990 35.98 25.91 -35.40
N LEU A 991 37.07 26.53 -34.97
CA LEU A 991 37.43 26.68 -33.57
C LEU A 991 37.32 28.15 -33.18
N THR A 992 37.27 28.38 -31.87
CA THR A 992 37.17 29.74 -31.34
C THR A 992 37.93 29.87 -30.01
N ALA A 993 39.08 29.22 -29.86
CA ALA A 993 39.78 29.15 -28.57
C ALA A 993 40.83 30.25 -28.40
N SER A 1025 33.69 38.07 -25.88
CA SER A 1025 33.81 39.35 -26.56
C SER A 1025 34.69 39.30 -27.85
N ILE A 1026 35.72 40.14 -27.93
CA ILE A 1026 36.72 40.15 -29.06
C ILE A 1026 37.28 38.78 -29.31
N LYS A 1027 37.65 38.16 -28.18
CA LYS A 1027 38.49 36.99 -28.05
C LYS A 1027 37.79 35.83 -28.74
N ASP A 1028 37.81 34.65 -28.12
CA ASP A 1028 37.27 33.44 -28.74
C ASP A 1028 36.63 33.80 -30.08
N ARG A 1029 35.43 34.38 -29.98
CA ARG A 1029 34.59 34.80 -31.11
C ARG A 1029 35.23 34.85 -32.51
N ILE A 1030 36.49 35.27 -32.62
CA ILE A 1030 37.20 35.21 -33.91
C ILE A 1030 37.34 33.76 -34.43
N PRO A 1031 36.50 33.38 -35.41
CA PRO A 1031 36.50 32.02 -35.89
C PRO A 1031 37.74 31.74 -36.69
N TYR A 1032 38.32 30.56 -36.52
CA TYR A 1032 39.44 30.17 -37.34
C TYR A 1032 39.37 28.70 -37.68
N VAL A 1033 40.34 28.26 -38.48
CA VAL A 1033 40.45 26.87 -38.84
C VAL A 1033 41.91 26.51 -38.87
N ILE A 1034 42.25 25.25 -38.60
CA ILE A 1034 43.67 24.88 -38.72
C ILE A 1034 43.92 24.32 -40.11
N VAL A 1035 45.03 24.73 -40.73
CA VAL A 1035 45.32 24.48 -42.14
C VAL A 1035 46.68 23.76 -42.37
N ALA A 1036 46.83 23.10 -43.51
CA ALA A 1036 48.08 22.43 -43.88
C ALA A 1036 49.19 23.43 -44.23
N GLN A 1037 50.44 23.00 -44.07
CA GLN A 1037 51.58 23.73 -44.67
C GLN A 1037 51.48 23.68 -46.19
N LYS A 1094 61.99 24.64 -40.86
CA LYS A 1094 60.92 24.86 -39.89
C LYS A 1094 59.80 23.83 -40.08
N LEU A 1095 59.12 23.46 -38.98
CA LEU A 1095 57.93 22.57 -39.01
C LEU A 1095 56.94 23.07 -37.95
N LEU A 1096 55.85 23.71 -38.41
CA LEU A 1096 55.04 24.66 -37.59
C LEU A 1096 54.15 24.02 -36.52
N VAL A 1097 53.73 24.82 -35.53
CA VAL A 1097 52.89 24.33 -34.41
C VAL A 1097 51.66 25.25 -34.21
N SER A 1098 50.50 24.85 -34.75
CA SER A 1098 49.27 25.67 -34.67
C SER A 1098 49.58 27.16 -34.84
N GLU A 1099 50.49 27.44 -35.77
CA GLU A 1099 50.68 28.76 -36.31
C GLU A 1099 49.97 28.69 -37.64
N LEU A 1100 49.07 27.71 -37.78
CA LEU A 1100 48.36 27.50 -39.03
C LEU A 1100 46.87 27.75 -38.86
N ALA A 1101 46.54 28.71 -37.99
CA ALA A 1101 45.18 29.24 -37.92
C ALA A 1101 44.88 30.09 -39.16
N GLU A 1102 43.60 30.28 -39.44
CA GLU A 1102 43.19 31.03 -40.62
C GLU A 1102 41.71 31.35 -40.60
N ASP A 1103 41.34 32.56 -40.99
CA ASP A 1103 39.94 32.86 -41.20
C ASP A 1103 39.38 31.77 -42.09
N PRO A 1104 38.17 31.29 -41.77
CA PRO A 1104 37.53 30.29 -42.65
C PRO A 1104 37.37 30.75 -44.09
N ALA A 1105 36.76 31.93 -44.28
CA ALA A 1105 36.46 32.45 -45.62
C ALA A 1105 37.69 32.44 -46.49
N TYR A 1106 38.82 32.77 -45.87
CA TYR A 1106 40.09 32.81 -46.57
C TYR A 1106 40.48 31.42 -47.08
N ALA A 1107 40.34 30.44 -46.21
CA ALA A 1107 40.56 29.06 -46.63
C ALA A 1107 39.68 28.74 -47.85
N ILE A 1108 38.37 28.87 -47.71
CA ILE A 1108 37.45 28.66 -48.82
C ILE A 1108 37.93 29.49 -50.02
N ALA A 1109 37.89 30.81 -49.91
CA ALA A 1109 38.30 31.67 -51.03
C ALA A 1109 39.59 31.20 -51.71
N HIS A 1110 40.53 30.62 -50.95
CA HIS A 1110 41.81 30.14 -51.50
C HIS A 1110 41.93 28.64 -51.65
N GLY A 1111 40.83 27.93 -51.53
CA GLY A 1111 40.86 26.48 -51.58
C GLY A 1111 41.94 25.87 -50.73
N VAL A 1112 41.99 26.24 -49.44
CA VAL A 1112 43.07 25.75 -48.60
C VAL A 1112 42.63 24.45 -47.97
N ALA A 1113 43.53 23.48 -47.96
CA ALA A 1113 43.27 22.22 -47.28
C ALA A 1113 43.24 22.44 -45.77
N LEU A 1114 42.43 21.66 -45.08
CA LEU A 1114 42.52 21.59 -43.62
C LEU A 1114 43.65 20.68 -43.22
N ASN A 1115 44.01 20.75 -41.95
CA ASN A 1115 45.15 20.01 -41.45
C ASN A 1115 44.75 18.61 -41.03
N THR A 1116 44.70 17.70 -42.00
CA THR A 1116 44.36 16.29 -41.73
C THR A 1116 44.95 15.79 -40.40
N ASP A 1117 46.27 15.82 -40.29
CA ASP A 1117 46.96 15.26 -39.16
C ASP A 1117 46.38 15.81 -37.88
N TYR A 1118 46.08 17.11 -37.84
CA TYR A 1118 45.56 17.75 -36.60
C TYR A 1118 44.14 17.36 -36.21
N TYR A 1119 43.21 17.52 -37.12
CA TYR A 1119 41.84 17.26 -36.78
C TYR A 1119 41.67 15.76 -36.51
N PHE A 1120 42.27 14.93 -37.36
CA PHE A 1120 42.11 13.51 -37.23
C PHE A 1120 42.70 13.00 -35.92
N SER A 1121 43.95 13.37 -35.59
CA SER A 1121 44.55 12.89 -34.31
C SER A 1121 43.72 13.30 -33.09
N HIS A 1122 43.01 14.43 -33.18
CA HIS A 1122 42.05 14.80 -32.11
C HIS A 1122 40.83 13.86 -32.04
N LEU A 1123 40.26 13.44 -33.19
CA LEU A 1123 39.19 12.41 -33.19
C LEU A 1123 39.71 11.06 -32.68
N LEU A 1124 40.85 10.62 -33.16
CA LEU A 1124 41.46 9.36 -32.68
C LEU A 1124 41.71 9.34 -31.16
N GLY A 1125 42.19 10.46 -30.65
CA GLY A 1125 42.36 10.67 -29.23
C GLY A 1125 41.06 10.62 -28.47
N ALA A 1126 40.03 11.35 -28.91
CA ALA A 1126 38.71 11.30 -28.25
C ALA A 1126 38.08 9.87 -28.28
N ALA A 1127 38.07 9.22 -29.43
CA ALA A 1127 37.59 7.83 -29.52
C ALA A 1127 38.37 6.94 -28.54
N CYS A 1128 39.67 7.18 -28.47
CA CYS A 1128 40.53 6.38 -27.63
C CYS A 1128 40.17 6.49 -26.13
N VAL A 1129 39.75 7.67 -25.65
CA VAL A 1129 39.42 7.83 -24.22
C VAL A 1129 38.04 7.32 -23.90
N THR A 1130 37.16 7.25 -24.90
CA THR A 1130 35.81 6.79 -24.69
C THR A 1130 35.71 5.27 -24.75
N PHE A 1131 36.48 4.62 -25.60
CA PHE A 1131 36.35 3.19 -25.81
C PHE A 1131 37.55 2.41 -25.24
N LYS A 1132 38.37 3.01 -24.37
CA LYS A 1132 39.37 2.21 -23.63
C LYS A 1132 38.66 1.07 -22.89
N ALA A 1133 37.47 1.38 -22.35
CA ALA A 1133 36.70 0.43 -21.55
C ALA A 1133 36.60 -0.93 -22.22
N LEU A 1134 36.54 -0.98 -23.55
CA LEU A 1134 36.44 -2.26 -24.25
C LEU A 1134 37.75 -3.06 -24.11
N PHE A 1135 38.80 -2.40 -23.63
CA PHE A 1135 40.12 -2.98 -23.51
C PHE A 1135 40.75 -2.66 -22.13
N GLY A 1136 39.93 -2.84 -21.09
CA GLY A 1136 40.40 -2.66 -19.70
C GLY A 1136 41.07 -1.34 -19.41
N ASN A 1137 40.65 -0.28 -20.09
CA ASN A 1137 41.18 1.07 -19.87
C ASN A 1137 42.63 1.29 -20.23
N ASN A 1138 43.22 0.40 -21.00
CA ASN A 1138 44.56 0.65 -21.48
C ASN A 1138 44.44 1.52 -22.72
N ALA A 1139 44.73 2.81 -22.59
CA ALA A 1139 44.67 3.75 -23.73
C ALA A 1139 45.59 3.30 -24.86
N LYS A 1140 46.78 2.85 -24.51
CA LYS A 1140 47.74 2.35 -25.52
C LYS A 1140 47.15 1.27 -26.45
N ILE A 1141 46.66 0.18 -25.87
CA ILE A 1141 46.12 -0.92 -26.67
C ILE A 1141 44.98 -0.39 -27.53
N THR A 1142 44.13 0.45 -26.96
CA THR A 1142 42.99 0.99 -27.67
C THR A 1142 43.48 1.73 -28.90
N GLU A 1143 44.35 2.72 -28.68
CA GLU A 1143 45.02 3.44 -29.76
C GLU A 1143 45.44 2.47 -30.88
N SER A 1144 46.21 1.46 -30.51
CA SER A 1144 46.71 0.49 -31.50
C SER A 1144 45.62 -0.26 -32.28
N LEU A 1145 44.53 -0.64 -31.62
CA LEU A 1145 43.53 -1.47 -32.27
C LEU A 1145 42.61 -0.67 -33.24
N LEU A 1146 42.26 0.56 -32.84
CA LEU A 1146 41.47 1.43 -33.69
C LEU A 1146 42.30 1.86 -34.92
N LYS A 1147 43.62 1.77 -34.81
CA LYS A 1147 44.48 2.03 -35.96
C LYS A 1147 44.21 1.01 -37.07
N ARG A 1148 43.82 -0.21 -36.72
CA ARG A 1148 43.61 -1.26 -37.73
C ARG A 1148 42.47 -0.94 -38.71
N PHE A 1149 41.60 -0.03 -38.31
CA PHE A 1149 40.44 0.36 -39.09
C PHE A 1149 40.76 1.48 -40.05
N ILE A 1150 41.98 2.01 -39.99
CA ILE A 1150 42.33 3.05 -40.91
C ILE A 1150 43.71 2.73 -41.53
N PRO A 1151 43.89 3.01 -42.83
CA PRO A 1151 45.22 2.72 -43.41
C PRO A 1151 46.37 3.46 -42.69
N GLU A 1152 47.47 2.74 -42.43
CA GLU A 1152 48.66 3.27 -41.72
C GLU A 1152 49.16 4.59 -42.28
N VAL A 1153 48.99 4.80 -43.57
CA VAL A 1153 49.43 6.07 -44.18
C VAL A 1153 48.60 7.29 -43.73
N TRP A 1154 47.53 7.08 -42.97
CA TRP A 1154 46.67 8.15 -42.46
C TRP A 1154 46.87 8.33 -40.96
N HIS A 1155 47.72 7.49 -40.38
CA HIS A 1155 48.14 7.69 -38.99
C HIS A 1155 48.95 8.99 -38.92
N THR B 17 -26.90 -35.79 46.00
CA THR B 17 -27.96 -34.76 45.67
C THR B 17 -28.43 -34.82 44.17
N GLY B 18 -27.51 -35.11 43.24
CA GLY B 18 -27.84 -35.06 41.78
C GLY B 18 -27.55 -33.70 41.13
N PRO B 19 -27.45 -33.63 39.79
CA PRO B 19 -27.21 -32.37 39.06
C PRO B 19 -28.40 -31.37 39.06
N THR B 20 -28.12 -30.08 39.19
CA THR B 20 -29.10 -29.03 38.87
C THR B 20 -29.94 -29.30 37.62
N GLN B 21 -29.29 -29.60 36.51
CA GLN B 21 -29.93 -29.87 35.25
C GLN B 21 -29.66 -31.33 34.84
N ARG B 22 -30.73 -32.02 34.46
CA ARG B 22 -30.66 -33.42 34.17
C ARG B 22 -29.66 -33.65 33.06
N HIS B 23 -28.89 -34.70 33.20
CA HIS B 23 -28.15 -35.23 32.08
C HIS B 23 -29.13 -36.09 31.28
N THR B 24 -29.28 -35.88 29.99
CA THR B 24 -30.23 -36.62 29.23
C THR B 24 -29.60 -37.63 28.30
N TYR B 25 -28.28 -37.65 28.19
CA TYR B 25 -27.61 -38.72 27.46
C TYR B 25 -27.75 -39.96 28.31
N TYR B 26 -27.55 -41.14 27.76
CA TYR B 26 -27.73 -42.38 28.49
C TYR B 26 -26.49 -42.68 29.30
N SER B 27 -26.69 -42.91 30.57
CA SER B 27 -25.67 -43.54 31.37
C SER B 27 -26.20 -44.80 32.05
N GLU B 28 -27.43 -45.19 31.72
CA GLU B 28 -28.05 -46.40 32.22
C GLU B 28 -28.85 -46.99 31.10
N CYS B 29 -28.89 -48.31 31.04
CA CYS B 29 -29.67 -48.97 30.06
C CYS B 29 -29.70 -50.47 30.29
N ASP B 30 -30.88 -50.99 30.56
CA ASP B 30 -31.06 -52.38 30.94
C ASP B 30 -31.90 -53.16 29.97
N GLU B 31 -32.29 -52.52 28.88
CA GLU B 31 -32.99 -53.20 27.80
C GLU B 31 -33.01 -52.39 26.53
N PHE B 32 -32.83 -53.06 25.42
CA PHE B 32 -32.73 -52.33 24.20
C PHE B 32 -33.26 -53.12 23.02
N ARG B 33 -33.45 -52.41 21.92
CA ARG B 33 -33.92 -53.04 20.71
C ARG B 33 -32.71 -53.64 20.05
N PHE B 34 -32.70 -54.96 19.84
CA PHE B 34 -31.55 -55.69 19.40
C PHE B 34 -31.80 -56.06 17.97
N ILE B 35 -31.01 -55.49 17.06
CA ILE B 35 -31.05 -55.81 15.61
C ILE B 35 -29.69 -56.20 15.04
N ALA B 36 -29.58 -57.40 14.47
CA ALA B 36 -28.28 -57.89 13.96
C ALA B 36 -28.52 -58.88 12.84
N PRO B 37 -27.64 -58.90 11.86
CA PRO B 37 -27.77 -59.82 10.78
C PRO B 37 -27.72 -61.31 11.20
N ARG B 38 -28.62 -62.13 10.68
CA ARG B 38 -28.60 -63.54 11.03
C ARG B 38 -27.33 -64.25 10.56
N VAL B 39 -26.65 -63.76 9.51
CA VAL B 39 -25.41 -64.42 9.05
C VAL B 39 -24.34 -64.49 10.11
N LEU B 40 -24.55 -63.80 11.22
CA LEU B 40 -23.58 -63.85 12.29
C LEU B 40 -23.78 -65.04 13.19
N ASP B 41 -24.88 -65.78 13.06
CA ASP B 41 -25.07 -67.00 13.88
C ASP B 41 -24.43 -68.16 13.19
N GLU B 42 -23.23 -68.53 13.61
CA GLU B 42 -22.50 -69.54 12.83
C GLU B 42 -23.11 -70.93 12.95
N ASP B 43 -23.86 -71.14 14.03
CA ASP B 43 -24.65 -72.37 14.19
C ASP B 43 -26.04 -72.30 13.55
N ALA B 44 -26.39 -71.21 12.86
CA ALA B 44 -27.70 -71.15 12.21
C ALA B 44 -27.75 -72.15 11.07
N PRO B 45 -28.78 -73.01 11.02
CA PRO B 45 -28.98 -73.73 9.75
C PRO B 45 -29.07 -72.72 8.59
N PRO B 46 -28.54 -73.05 7.38
CA PRO B 46 -28.50 -72.15 6.19
C PRO B 46 -29.86 -71.46 5.87
N GLU B 47 -30.96 -72.12 6.20
CA GLU B 47 -32.29 -71.53 6.13
C GLU B 47 -32.29 -70.25 6.96
N LYS B 48 -32.08 -70.43 8.27
CA LYS B 48 -32.31 -69.38 9.26
C LYS B 48 -31.15 -68.39 9.33
N ARG B 49 -30.66 -67.93 8.18
CA ARG B 49 -29.56 -67.00 8.17
C ARG B 49 -29.62 -65.87 7.15
N ALA B 50 -30.80 -65.57 6.61
CA ALA B 50 -30.87 -64.59 5.52
C ALA B 50 -31.13 -63.18 6.01
N GLY B 51 -31.93 -62.98 7.06
CA GLY B 51 -32.22 -61.60 7.38
C GLY B 51 -31.54 -61.04 8.62
N VAL B 52 -32.33 -60.26 9.33
CA VAL B 52 -31.94 -59.57 10.53
C VAL B 52 -32.83 -60.08 11.64
N HIS B 53 -32.30 -60.29 12.86
CA HIS B 53 -33.17 -60.40 14.03
C HIS B 53 -33.54 -59.00 14.40
N ASP B 54 -34.73 -58.80 14.89
CA ASP B 54 -35.25 -57.49 15.30
C ASP B 54 -36.16 -57.74 16.50
N GLY B 55 -35.71 -57.36 17.69
CA GLY B 55 -36.36 -57.76 18.94
C GLY B 55 -35.80 -57.08 20.16
N HIS B 56 -36.51 -57.17 21.24
CA HIS B 56 -36.15 -56.53 22.47
C HIS B 56 -35.28 -57.51 23.30
N LEU B 57 -34.26 -56.98 23.96
CA LEU B 57 -33.39 -57.81 24.80
C LEU B 57 -33.18 -57.08 26.12
N LYS B 58 -33.41 -57.80 27.22
CA LYS B 58 -33.21 -57.22 28.53
C LYS B 58 -31.77 -57.52 28.98
N ARG B 59 -30.82 -56.68 28.59
CA ARG B 59 -29.48 -56.70 29.20
C ARG B 59 -28.78 -55.38 29.01
N ALA B 60 -27.75 -55.11 29.79
CA ALA B 60 -27.01 -53.90 29.53
C ALA B 60 -26.36 -54.02 28.12
N PRO B 61 -26.32 -52.92 27.36
CA PRO B 61 -25.54 -52.92 26.15
C PRO B 61 -24.12 -53.29 26.44
N LYS B 62 -23.51 -53.95 25.48
CA LYS B 62 -22.25 -54.63 25.72
C LYS B 62 -21.26 -54.44 24.55
N VAL B 63 -19.98 -54.20 24.88
CA VAL B 63 -18.87 -54.04 23.92
C VAL B 63 -17.80 -55.13 24.14
N TYR B 64 -17.30 -55.67 23.05
CA TYR B 64 -16.23 -56.65 23.08
C TYR B 64 -14.95 -56.11 22.51
N CYS B 65 -13.82 -56.40 23.13
CA CYS B 65 -12.57 -55.96 22.65
C CYS B 65 -11.43 -56.88 23.07
N GLY B 66 -10.72 -57.44 22.08
CA GLY B 66 -9.59 -58.31 22.26
C GLY B 66 -9.77 -59.42 23.26
N GLY B 67 -10.97 -59.96 23.33
CA GLY B 67 -11.26 -61.02 24.28
C GLY B 67 -11.94 -60.65 25.59
N ASP B 68 -11.88 -59.41 26.06
CA ASP B 68 -12.73 -59.00 27.16
C ASP B 68 -14.00 -58.43 26.62
N GLU B 69 -14.92 -58.23 27.54
CA GLU B 69 -16.13 -57.53 27.31
C GLU B 69 -16.45 -56.66 28.51
N ARG B 70 -17.13 -55.55 28.25
CA ARG B 70 -17.56 -54.55 29.22
C ARG B 70 -18.91 -54.07 28.82
N ASP B 71 -19.51 -53.36 29.74
CA ASP B 71 -20.75 -52.69 29.45
C ASP B 71 -20.43 -51.38 28.80
N VAL B 72 -21.21 -51.09 27.78
CA VAL B 72 -20.94 -49.94 27.00
C VAL B 72 -20.91 -48.71 27.91
N LEU B 73 -21.82 -48.65 28.88
CA LEU B 73 -22.06 -47.42 29.60
C LEU B 73 -21.33 -47.32 30.91
N ARG B 74 -20.56 -48.33 31.27
CA ARG B 74 -19.81 -48.35 32.51
C ARG B 74 -18.61 -47.42 32.41
N VAL B 75 -18.40 -46.55 33.38
CA VAL B 75 -17.17 -45.76 33.46
C VAL B 75 -16.57 -45.99 34.83
N GLY B 76 -15.39 -46.59 34.83
CA GLY B 76 -14.63 -46.75 36.03
C GLY B 76 -13.38 -47.33 35.44
N SER B 77 -13.28 -48.66 35.63
CA SER B 77 -12.08 -49.48 35.36
C SER B 77 -11.29 -49.09 34.09
N GLY B 78 -10.57 -50.05 33.52
CA GLY B 78 -9.96 -49.88 32.19
C GLY B 78 -10.99 -49.98 31.05
N GLY B 79 -11.64 -48.84 30.72
CA GLY B 79 -12.46 -48.77 29.52
C GLY B 79 -11.62 -48.99 28.25
N PHE B 80 -12.27 -49.17 27.10
CA PHE B 80 -11.65 -49.55 25.82
C PHE B 80 -11.43 -48.43 24.81
N TRP B 81 -12.04 -47.29 25.03
CA TRP B 81 -11.80 -46.04 24.25
C TRP B 81 -11.36 -44.95 25.22
N PRO B 82 -10.68 -43.95 24.73
CA PRO B 82 -10.21 -42.90 25.65
C PRO B 82 -11.35 -42.03 25.97
N ARG B 83 -11.23 -41.29 27.06
CA ARG B 83 -12.22 -40.35 27.51
C ARG B 83 -11.62 -39.05 27.96
N ARG B 84 -12.45 -38.01 27.99
CA ARG B 84 -12.08 -36.70 28.46
C ARG B 84 -13.25 -36.12 29.20
N SER B 85 -13.62 -36.84 30.23
CA SER B 85 -14.91 -36.82 30.80
C SER B 85 -14.70 -36.75 32.29
N ARG B 86 -15.33 -35.79 32.92
CA ARG B 86 -15.24 -35.68 34.33
C ARG B 86 -16.51 -36.26 34.96
N LEU B 87 -17.69 -35.64 34.71
CA LEU B 87 -18.99 -36.12 35.29
C LEU B 87 -19.57 -37.21 34.40
N TRP B 88 -20.15 -38.25 34.94
CA TRP B 88 -20.79 -39.20 34.05
C TRP B 88 -22.09 -39.63 34.72
N GLY B 89 -23.19 -39.16 34.11
CA GLY B 89 -24.49 -39.25 34.74
C GLY B 89 -24.36 -38.96 36.22
N GLY B 90 -23.85 -37.76 36.56
CA GLY B 90 -23.89 -37.34 37.99
C GLY B 90 -22.96 -37.94 39.07
N VAL B 91 -22.17 -38.97 38.77
CA VAL B 91 -20.98 -39.26 39.56
C VAL B 91 -19.90 -38.32 39.01
N ASP B 92 -18.86 -38.03 39.79
CA ASP B 92 -17.79 -37.09 39.46
C ASP B 92 -16.50 -37.89 39.51
N HIS B 93 -15.96 -38.25 38.35
CA HIS B 93 -14.82 -39.17 38.29
C HIS B 93 -13.46 -38.45 38.40
N ALA B 94 -13.46 -37.18 38.80
CA ALA B 94 -12.21 -36.44 38.95
C ALA B 94 -11.49 -36.96 40.17
N PRO B 95 -10.18 -37.21 40.06
CA PRO B 95 -9.49 -37.62 41.32
C PRO B 95 -9.71 -36.58 42.41
N ALA B 96 -9.91 -37.03 43.66
CA ALA B 96 -10.09 -36.14 44.82
C ALA B 96 -8.99 -35.07 44.85
N GLY B 97 -9.38 -33.84 45.13
CA GLY B 97 -8.44 -32.74 45.07
C GLY B 97 -8.24 -32.19 43.67
N PHE B 98 -8.84 -32.79 42.66
CA PHE B 98 -8.73 -32.20 41.35
C PHE B 98 -9.25 -30.80 41.47
N ASN B 99 -8.41 -29.82 41.17
CA ASN B 99 -8.77 -28.42 41.43
C ASN B 99 -7.76 -27.49 40.80
N PRO B 100 -7.72 -27.46 39.49
CA PRO B 100 -6.68 -26.65 38.87
C PRO B 100 -7.01 -25.17 38.99
N THR B 101 -5.98 -24.35 39.08
CA THR B 101 -6.10 -22.93 38.90
C THR B 101 -6.20 -22.67 37.41
N VAL B 102 -7.07 -21.75 37.03
CA VAL B 102 -7.23 -21.38 35.66
C VAL B 102 -6.97 -19.89 35.57
N THR B 103 -6.03 -19.48 34.72
CA THR B 103 -5.80 -18.08 34.49
C THR B 103 -6.11 -17.85 33.03
N VAL B 104 -5.29 -18.41 32.16
CA VAL B 104 -5.47 -18.18 30.72
C VAL B 104 -6.27 -19.34 30.18
N PHE B 105 -7.16 -19.06 29.23
CA PHE B 105 -7.82 -20.16 28.53
C PHE B 105 -8.22 -19.78 27.12
N HIS B 106 -8.25 -20.77 26.24
CA HIS B 106 -8.66 -20.54 24.84
C HIS B 106 -10.14 -20.80 24.57
N VAL B 107 -10.69 -20.07 23.62
CA VAL B 107 -12.10 -20.21 23.29
C VAL B 107 -12.16 -20.50 21.82
N TYR B 108 -12.82 -21.61 21.46
CA TYR B 108 -13.10 -21.98 20.07
C TYR B 108 -14.56 -21.79 19.66
N ASP B 109 -15.49 -21.67 20.60
CA ASP B 109 -16.89 -21.60 20.24
C ASP B 109 -17.67 -21.00 21.38
N ILE B 110 -18.85 -20.46 21.07
CA ILE B 110 -19.67 -19.82 22.09
C ILE B 110 -21.12 -20.29 22.04
N LEU B 111 -21.67 -20.62 23.19
CA LEU B 111 -23.08 -21.00 23.24
C LEU B 111 -23.83 -19.86 23.87
N GLU B 112 -25.08 -19.77 23.50
CA GLU B 112 -25.97 -18.73 23.96
C GLU B 112 -27.18 -19.46 24.50
N ASN B 113 -27.31 -19.58 25.81
CA ASN B 113 -28.54 -20.10 26.44
C ASN B 113 -29.19 -19.09 27.40
N VAL B 114 -30.47 -19.33 27.66
CA VAL B 114 -31.30 -18.61 28.62
C VAL B 114 -31.31 -19.44 29.89
N GLU B 115 -30.96 -18.86 31.03
CA GLU B 115 -31.14 -19.49 32.35
C GLU B 115 -32.21 -18.74 33.16
N HIS B 116 -32.71 -19.44 34.18
CA HIS B 116 -33.79 -18.93 35.02
C HIS B 116 -33.39 -19.03 36.46
N ALA B 117 -33.40 -17.89 37.16
CA ALA B 117 -33.16 -17.85 38.62
C ALA B 117 -33.83 -19.00 39.34
N TYR B 118 -35.11 -19.21 39.05
CA TYR B 118 -35.89 -20.24 39.71
C TYR B 118 -35.25 -21.58 39.56
N GLY B 119 -34.91 -21.90 38.30
CA GLY B 119 -34.22 -23.14 37.97
C GLY B 119 -32.89 -23.35 38.65
N MET B 120 -32.15 -22.25 38.84
CA MET B 120 -30.76 -22.35 39.29
C MET B 120 -30.58 -22.04 40.75
N ARG B 121 -31.66 -21.85 41.49
CA ARG B 121 -31.49 -21.39 42.90
C ARG B 121 -30.68 -22.29 43.85
N ALA B 122 -30.51 -23.56 43.49
CA ALA B 122 -29.89 -24.53 44.38
C ALA B 122 -28.49 -24.87 43.93
N ALA B 123 -28.16 -24.58 42.66
CA ALA B 123 -26.77 -24.49 42.17
C ALA B 123 -26.24 -23.54 43.19
N GLN B 124 -24.99 -23.22 43.28
CA GLN B 124 -24.77 -22.32 44.45
C GLN B 124 -24.20 -21.01 44.08
N PHE B 125 -24.91 -20.29 43.23
CA PHE B 125 -24.30 -19.20 42.52
C PHE B 125 -24.29 -17.97 43.37
N HIS B 126 -23.25 -17.16 43.24
CA HIS B 126 -23.20 -15.90 43.93
C HIS B 126 -24.35 -15.07 43.34
N ALA B 127 -24.78 -14.05 44.09
CA ALA B 127 -25.96 -13.24 43.78
C ALA B 127 -25.83 -12.41 42.53
N ARG B 128 -24.65 -11.87 42.25
CA ARG B 128 -24.55 -11.00 41.07
C ARG B 128 -24.95 -11.79 39.82
N PHE B 129 -24.67 -13.10 39.82
CA PHE B 129 -25.02 -13.94 38.73
C PHE B 129 -26.49 -14.23 38.77
N MET B 130 -27.01 -14.50 39.94
CA MET B 130 -28.42 -14.79 40.06
C MET B 130 -29.22 -13.60 39.59
N ASP B 131 -28.81 -12.38 39.95
CA ASP B 131 -29.47 -11.17 39.49
C ASP B 131 -29.55 -11.13 37.98
N ALA B 132 -28.45 -11.45 37.32
CA ALA B 132 -28.46 -11.36 35.86
C ALA B 132 -29.49 -12.27 35.17
N ILE B 133 -30.15 -13.13 35.94
CA ILE B 133 -31.17 -14.03 35.39
C ILE B 133 -32.44 -14.08 36.20
N THR B 134 -32.71 -13.04 36.97
CA THR B 134 -33.69 -13.12 38.03
C THR B 134 -35.07 -13.62 37.64
N PRO B 135 -35.68 -13.04 36.61
CA PRO B 135 -36.68 -14.03 36.19
C PRO B 135 -35.95 -14.90 35.14
N THR B 136 -35.48 -14.29 34.06
CA THR B 136 -34.63 -14.99 33.15
C THR B 136 -33.48 -14.08 32.72
N GLY B 137 -32.52 -14.66 31.99
CA GLY B 137 -31.32 -13.95 31.53
C GLY B 137 -30.62 -14.77 30.45
N THR B 138 -29.87 -14.10 29.56
CA THR B 138 -29.12 -14.84 28.57
C THR B 138 -27.69 -15.03 29.05
N VAL B 139 -27.22 -16.26 29.09
CA VAL B 139 -25.86 -16.57 29.52
C VAL B 139 -25.05 -16.91 28.29
N ILE B 140 -23.86 -16.32 28.17
CA ILE B 140 -23.02 -16.55 27.03
C ILE B 140 -21.97 -17.57 27.49
N THR B 141 -21.96 -18.76 26.91
CA THR B 141 -21.05 -19.76 27.40
C THR B 141 -19.88 -19.94 26.42
N LEU B 142 -18.67 -19.70 26.95
CA LEU B 142 -17.43 -19.70 26.19
C LEU B 142 -16.80 -21.07 26.32
N LEU B 143 -16.69 -21.81 25.22
CA LEU B 143 -16.16 -23.20 25.34
C LEU B 143 -14.71 -23.28 24.92
N GLY B 144 -13.86 -23.94 25.71
CA GLY B 144 -12.49 -24.17 25.28
C GLY B 144 -11.63 -24.93 26.23
N LEU B 145 -10.34 -24.60 26.29
CA LEU B 145 -9.29 -25.43 26.92
C LEU B 145 -8.25 -24.54 27.57
N THR B 146 -7.44 -25.15 28.42
CA THR B 146 -6.39 -24.49 29.19
C THR B 146 -5.10 -24.97 28.63
N PRO B 147 -4.00 -24.29 28.96
CA PRO B 147 -2.77 -24.80 28.36
C PRO B 147 -2.52 -26.26 28.75
N GLU B 148 -3.05 -26.69 29.89
CA GLU B 148 -2.76 -28.05 30.35
C GLU B 148 -3.67 -29.09 29.72
N GLY B 149 -4.67 -28.70 28.90
CA GLY B 149 -5.60 -29.69 28.30
C GLY B 149 -7.00 -29.87 28.91
N HIS B 150 -7.26 -29.12 29.99
CA HIS B 150 -8.51 -29.22 30.71
C HIS B 150 -9.60 -28.51 29.94
N ARG B 151 -10.79 -29.08 29.95
CA ARG B 151 -11.89 -28.56 29.15
C ARG B 151 -12.64 -27.63 30.04
N VAL B 152 -12.87 -26.42 29.52
CA VAL B 152 -13.32 -25.30 30.36
C VAL B 152 -14.52 -24.70 29.71
N ALA B 153 -15.48 -24.29 30.51
CA ALA B 153 -16.69 -23.66 30.01
C ALA B 153 -16.85 -22.42 30.85
N VAL B 154 -16.74 -21.22 30.24
CA VAL B 154 -17.04 -20.05 31.07
C VAL B 154 -18.35 -19.35 30.74
N HIS B 155 -19.19 -19.27 31.74
CA HIS B 155 -20.55 -18.77 31.62
C HIS B 155 -20.56 -17.30 31.98
N VAL B 156 -20.73 -16.45 30.99
CA VAL B 156 -20.70 -15.01 31.22
C VAL B 156 -22.12 -14.53 31.44
N TYR B 157 -22.37 -13.89 32.58
CA TYR B 157 -23.66 -13.33 32.95
C TYR B 157 -23.77 -11.80 32.65
N GLY B 158 -24.99 -11.30 32.49
CA GLY B 158 -25.22 -9.88 32.30
C GLY B 158 -25.22 -9.25 30.94
N THR B 159 -24.83 -9.93 29.87
CA THR B 159 -25.07 -9.42 28.52
C THR B 159 -26.59 -9.46 28.28
N ARG B 160 -27.18 -8.30 28.06
CA ARG B 160 -28.57 -8.17 27.66
C ARG B 160 -28.50 -7.68 26.26
N GLN B 161 -29.40 -8.19 25.43
CA GLN B 161 -29.56 -7.62 24.12
C GLN B 161 -30.56 -6.49 24.14
N TYR B 162 -30.48 -5.61 23.14
CA TYR B 162 -31.23 -4.36 23.12
C TYR B 162 -31.42 -3.81 21.72
N PHE B 163 -32.51 -3.06 21.51
CA PHE B 163 -32.78 -2.47 20.18
C PHE B 163 -33.23 -1.03 20.30
N TYR B 164 -33.40 -0.35 19.17
CA TYR B 164 -33.88 1.03 19.24
C TYR B 164 -35.19 1.26 18.51
N MET B 165 -35.92 2.24 19.04
CA MET B 165 -37.09 2.87 18.40
C MET B 165 -37.04 4.38 18.64
N ASN B 166 -37.24 5.15 17.57
CA ASN B 166 -37.35 6.64 17.61
C ASN B 166 -38.44 7.25 18.54
N LYS B 167 -37.98 8.05 19.50
CA LYS B 167 -38.82 8.52 20.60
C LYS B 167 -40.07 9.24 20.07
N GLU B 168 -39.85 10.31 19.33
CA GLU B 168 -40.94 11.19 18.86
C GLU B 168 -42.13 10.40 18.29
N GLU B 169 -41.87 9.22 17.73
CA GLU B 169 -42.96 8.39 17.20
C GLU B 169 -43.66 7.67 18.32
N VAL B 170 -42.93 6.75 18.94
CA VAL B 170 -43.45 5.90 20.01
C VAL B 170 -44.02 6.76 21.10
N ASP B 171 -43.19 7.68 21.57
CA ASP B 171 -43.50 8.53 22.69
C ASP B 171 -44.90 9.06 22.53
N ARG B 172 -45.30 9.29 21.29
CA ARG B 172 -46.69 9.58 21.02
C ARG B 172 -47.30 8.63 19.98
N HIS B 173 -47.99 9.17 18.99
CA HIS B 173 -49.10 8.51 18.33
C HIS B 173 -49.61 7.28 19.08
N LEU B 174 -48.89 6.17 18.93
CA LEU B 174 -49.34 4.91 19.48
C LEU B 174 -49.42 4.95 21.02
N GLN B 175 -48.42 5.53 21.66
CA GLN B 175 -48.12 5.16 23.05
C GLN B 175 -47.76 6.30 24.02
N CYS B 176 -46.55 6.25 24.60
CA CYS B 176 -46.35 6.95 25.86
C CYS B 176 -45.06 7.63 26.31
N ARG B 177 -45.34 8.79 26.92
CA ARG B 177 -44.36 9.60 27.61
C ARG B 177 -43.98 8.98 28.93
N ALA B 178 -42.68 8.76 29.09
CA ALA B 178 -42.14 8.28 30.34
C ALA B 178 -41.56 6.96 30.01
N PRO B 179 -40.39 6.65 30.60
CA PRO B 179 -39.64 5.45 30.23
C PRO B 179 -40.17 4.23 30.95
N ARG B 180 -40.70 4.43 32.16
CA ARG B 180 -41.27 3.35 32.95
C ARG B 180 -42.65 2.98 32.36
N ASP B 181 -43.20 3.84 31.51
CA ASP B 181 -44.47 3.57 30.85
C ASP B 181 -44.30 2.58 29.71
N LEU B 182 -43.32 2.86 28.86
CA LEU B 182 -42.98 2.02 27.69
C LEU B 182 -42.79 0.55 28.03
N CYS B 183 -42.06 0.28 29.12
CA CYS B 183 -41.86 -1.09 29.60
C CYS B 183 -43.20 -1.75 29.94
N GLU B 184 -44.11 -0.98 30.55
CA GLU B 184 -45.39 -1.53 31.02
C GLU B 184 -46.31 -1.87 29.85
N ARG B 185 -46.15 -1.19 28.72
CA ARG B 185 -46.91 -1.51 27.51
C ARG B 185 -46.52 -2.88 27.00
N MET B 186 -45.22 -3.04 26.79
CA MET B 186 -44.64 -4.28 26.25
C MET B 186 -44.84 -5.51 27.17
N ALA B 187 -44.87 -5.27 28.49
CA ALA B 187 -45.17 -6.33 29.44
C ALA B 187 -46.58 -6.82 29.12
N ALA B 188 -47.56 -5.94 29.32
CA ALA B 188 -48.96 -6.27 29.05
C ALA B 188 -49.13 -6.75 27.60
N ALA B 189 -48.53 -6.01 26.67
CA ALA B 189 -48.61 -6.35 25.25
C ALA B 189 -48.25 -7.81 24.98
N LEU B 190 -47.28 -8.34 25.72
CA LEU B 190 -46.75 -9.66 25.41
C LEU B 190 -47.75 -10.73 25.81
N ARG B 191 -48.24 -10.65 27.04
CA ARG B 191 -49.06 -11.71 27.57
C ARG B 191 -50.42 -11.76 26.87
N GLU B 192 -50.46 -12.30 25.65
CA GLU B 192 -51.71 -12.51 24.92
C GLU B 192 -51.52 -13.31 23.62
N SER B 193 -50.70 -14.35 23.67
CA SER B 193 -50.38 -15.14 22.48
C SER B 193 -51.62 -15.41 21.65
N ARG B 199 -44.28 -17.07 28.86
CA ARG B 199 -44.65 -15.68 28.65
C ARG B 199 -45.23 -14.91 29.88
N GLY B 200 -45.67 -15.61 30.94
CA GLY B 200 -46.47 -14.98 32.00
C GLY B 200 -45.76 -14.14 33.05
N ILE B 201 -46.00 -12.83 33.01
CA ILE B 201 -45.58 -11.84 34.04
C ILE B 201 -44.40 -10.98 33.56
N SER B 202 -44.40 -9.70 33.90
CA SER B 202 -43.44 -8.77 33.31
C SER B 202 -43.41 -7.40 34.00
N ALA B 203 -42.80 -6.41 33.35
CA ALA B 203 -42.74 -5.02 33.80
C ALA B 203 -41.29 -4.61 34.01
N ASP B 204 -40.73 -4.99 35.16
CA ASP B 204 -39.33 -4.69 35.46
C ASP B 204 -38.37 -5.51 34.61
N HIS B 205 -38.90 -6.33 33.72
CA HIS B 205 -38.04 -7.25 33.00
C HIS B 205 -37.36 -6.58 31.78
N PHE B 206 -37.82 -5.37 31.46
CA PHE B 206 -37.27 -4.55 30.41
C PHE B 206 -36.52 -3.39 31.04
N GLU B 207 -35.99 -2.52 30.18
CA GLU B 207 -35.42 -1.25 30.60
C GLU B 207 -35.23 -0.32 29.38
N ALA B 208 -35.54 0.96 29.55
CA ALA B 208 -35.47 1.89 28.44
C ALA B 208 -34.64 3.09 28.81
N GLU B 209 -33.57 3.33 28.08
CA GLU B 209 -32.93 4.63 28.11
C GLU B 209 -33.41 5.32 26.86
N VAL B 210 -33.50 6.64 26.93
CA VAL B 210 -33.49 7.50 25.77
C VAL B 210 -32.01 7.72 25.46
N VAL B 211 -31.63 7.58 24.21
CA VAL B 211 -30.26 7.85 23.81
C VAL B 211 -30.46 8.69 22.58
N GLU B 212 -29.41 9.39 22.12
CA GLU B 212 -29.46 10.06 20.83
C GLU B 212 -28.56 9.36 19.81
N ARG B 213 -29.07 9.13 18.61
CA ARG B 213 -28.28 8.45 17.59
C ARG B 213 -28.76 8.88 16.21
N THR B 214 -28.24 8.25 15.16
CA THR B 214 -28.67 8.57 13.80
C THR B 214 -28.82 7.33 12.92
N ASP B 215 -29.91 7.28 12.14
CA ASP B 215 -30.16 6.26 11.13
C ASP B 215 -29.05 6.28 10.04
N VAL B 216 -28.46 5.13 9.70
CA VAL B 216 -27.37 5.10 8.73
C VAL B 216 -27.74 5.55 7.37
N TYR B 217 -29.01 5.46 7.00
CA TYR B 217 -29.39 5.83 5.64
C TYR B 217 -29.41 7.37 5.41
N TYR B 218 -28.72 7.78 4.35
CA TYR B 218 -28.76 9.14 3.79
C TYR B 218 -27.96 10.20 4.55
N TYR B 219 -27.14 10.92 3.80
CA TYR B 219 -26.48 12.14 4.25
C TYR B 219 -27.44 13.09 4.94
N GLU B 220 -28.64 13.21 4.38
CA GLU B 220 -29.70 14.15 4.86
C GLU B 220 -30.02 13.97 6.35
N THR B 221 -29.86 12.76 6.88
CA THR B 221 -30.48 12.46 8.18
C THR B 221 -29.83 13.22 9.32
N ARG B 222 -30.67 13.54 10.29
CA ARG B 222 -30.31 14.36 11.42
C ARG B 222 -30.58 13.49 12.63
N PRO B 223 -29.67 13.52 13.62
CA PRO B 223 -29.89 12.87 14.88
C PRO B 223 -31.29 13.08 15.44
N ALA B 224 -32.03 12.00 15.65
CA ALA B 224 -33.23 12.05 16.45
C ALA B 224 -32.95 11.31 17.77
N LEU B 225 -33.92 11.38 18.69
CA LEU B 225 -33.83 10.72 20.00
C LEU B 225 -34.55 9.37 19.91
N PHE B 226 -33.94 8.33 20.45
CA PHE B 226 -34.49 6.99 20.38
C PHE B 226 -34.52 6.42 21.76
N TYR B 227 -35.45 5.50 21.99
CA TYR B 227 -35.38 4.63 23.14
C TYR B 227 -34.43 3.46 22.85
N ARG B 228 -33.43 3.25 23.70
CA ARG B 228 -32.67 1.98 23.73
C ARG B 228 -33.35 1.04 24.73
N VAL B 229 -33.88 -0.08 24.26
CA VAL B 229 -34.71 -0.95 25.08
C VAL B 229 -33.99 -2.27 25.30
N TYR B 230 -33.42 -2.46 26.49
CA TYR B 230 -32.79 -3.74 26.86
C TYR B 230 -33.81 -4.82 27.23
N VAL B 231 -33.52 -6.04 26.82
CA VAL B 231 -34.38 -7.20 27.02
C VAL B 231 -33.50 -8.26 27.67
N ARG B 232 -34.11 -9.22 28.34
CA ARG B 232 -33.33 -10.25 29.07
C ARG B 232 -33.45 -11.62 28.43
N SER B 233 -33.68 -11.68 27.11
CA SER B 233 -34.15 -12.90 26.45
C SER B 233 -34.60 -12.63 25.03
N GLY B 234 -34.06 -13.38 24.09
CA GLY B 234 -34.37 -13.20 22.68
C GLY B 234 -35.68 -13.82 22.23
N ARG B 235 -36.21 -14.75 23.01
CA ARG B 235 -37.56 -15.29 22.80
C ARG B 235 -38.46 -14.05 22.76
N VAL B 236 -38.53 -13.36 23.89
CA VAL B 236 -39.23 -12.09 24.02
C VAL B 236 -38.94 -11.15 22.87
N LEU B 237 -37.66 -10.95 22.61
CA LEU B 237 -37.22 -9.96 21.65
C LEU B 237 -37.77 -10.24 20.28
N SER B 238 -37.78 -11.49 19.85
CA SER B 238 -38.10 -11.80 18.46
C SER B 238 -39.59 -11.57 18.19
N TYR B 239 -40.42 -11.86 19.18
CA TYR B 239 -41.85 -11.72 19.01
C TYR B 239 -42.34 -10.37 19.47
N LEU B 240 -41.43 -9.52 19.97
CA LEU B 240 -41.73 -8.08 20.13
C LEU B 240 -41.53 -7.38 18.79
N CYS B 241 -40.54 -7.83 18.02
CA CYS B 241 -40.28 -7.24 16.72
C CYS B 241 -41.36 -7.50 15.72
N ASP B 242 -42.06 -8.63 15.92
CA ASP B 242 -42.99 -9.13 14.93
C ASP B 242 -44.45 -8.91 15.33
N ASN B 243 -44.68 -8.25 16.47
CA ASN B 243 -46.05 -7.94 16.91
C ASN B 243 -46.27 -6.54 17.57
N PHE B 244 -45.24 -5.94 18.18
CA PHE B 244 -45.43 -4.73 19.04
C PHE B 244 -45.88 -3.52 18.25
N CYS B 245 -45.36 -3.36 17.03
CA CYS B 245 -45.84 -2.26 16.25
C CYS B 245 -46.43 -2.54 14.91
N PRO B 246 -47.52 -1.84 14.60
CA PRO B 246 -47.88 -1.82 13.20
C PRO B 246 -46.66 -1.28 12.45
N ALA B 247 -46.44 0.04 12.53
CA ALA B 247 -45.56 0.78 11.63
C ALA B 247 -44.34 1.47 12.28
N ILE B 248 -43.75 0.93 13.33
CA ILE B 248 -42.50 1.53 13.83
C ILE B 248 -41.23 0.77 13.40
N LYS B 249 -40.28 1.52 12.87
CA LYS B 249 -38.97 0.97 12.50
C LYS B 249 -38.32 0.49 13.76
N LYS B 250 -37.73 -0.68 13.66
CA LYS B 250 -37.08 -1.32 14.79
C LYS B 250 -35.61 -1.48 14.39
N TYR B 251 -34.70 -0.92 15.19
CA TYR B 251 -33.26 -0.94 14.93
C TYR B 251 -32.47 -1.92 15.78
N GLU B 252 -31.66 -2.75 15.10
CA GLU B 252 -30.66 -3.66 15.72
C GLU B 252 -31.36 -4.69 16.57
N GLY B 253 -32.62 -4.94 16.23
CA GLY B 253 -33.43 -5.96 16.83
C GLY B 253 -32.87 -7.33 16.59
N GLY B 254 -32.26 -7.58 15.44
CA GLY B 254 -31.76 -8.91 15.14
C GLY B 254 -30.28 -9.01 15.42
N VAL B 255 -29.82 -8.52 16.56
CA VAL B 255 -28.42 -8.56 16.94
C VAL B 255 -28.33 -9.40 18.24
N ASP B 256 -27.74 -10.59 18.17
CA ASP B 256 -27.79 -11.53 19.27
C ASP B 256 -26.90 -11.11 20.46
N ALA B 257 -27.04 -11.81 21.59
CA ALA B 257 -26.28 -11.42 22.79
C ALA B 257 -24.82 -11.65 22.56
N THR B 258 -24.44 -12.72 21.84
CA THR B 258 -23.01 -12.97 21.62
C THR B 258 -22.40 -11.73 20.98
N THR B 259 -23.07 -11.17 19.97
CA THR B 259 -22.48 -10.04 19.23
C THR B 259 -22.31 -8.80 20.15
N ARG B 260 -23.33 -8.54 20.97
CA ARG B 260 -23.27 -7.45 21.90
C ARG B 260 -22.07 -7.67 22.78
N PHE B 261 -21.93 -8.91 23.25
CA PHE B 261 -20.83 -9.26 24.08
C PHE B 261 -19.49 -9.02 23.38
N ILE B 262 -19.33 -9.42 22.12
CA ILE B 262 -18.08 -9.14 21.43
C ILE B 262 -17.94 -7.66 21.14
N LEU B 263 -18.96 -7.05 20.56
CA LEU B 263 -18.82 -5.65 20.13
C LEU B 263 -18.63 -4.67 21.29
N ASP B 264 -19.30 -4.90 22.42
CA ASP B 264 -19.27 -3.91 23.50
C ASP B 264 -18.08 -4.13 24.44
N ASN B 265 -17.19 -5.04 24.14
CA ASN B 265 -16.03 -5.21 24.99
C ASN B 265 -14.83 -5.08 24.09
N PRO B 266 -14.09 -3.97 24.21
CA PRO B 266 -12.98 -3.76 23.24
C PRO B 266 -12.09 -4.97 23.14
N GLY B 267 -11.74 -5.39 21.95
CA GLY B 267 -10.72 -6.42 21.83
C GLY B 267 -11.22 -7.83 21.96
N PHE B 268 -12.33 -8.07 22.64
CA PHE B 268 -12.81 -9.44 22.77
C PHE B 268 -12.96 -10.05 21.38
N VAL B 269 -12.81 -11.35 21.30
CA VAL B 269 -12.91 -12.08 20.07
C VAL B 269 -13.67 -13.39 20.33
N THR B 270 -14.18 -13.99 19.24
CA THR B 270 -14.97 -15.23 19.25
C THR B 270 -14.11 -16.47 19.05
N PHE B 271 -12.79 -16.30 19.00
CA PHE B 271 -11.87 -17.42 18.84
C PHE B 271 -10.47 -16.93 19.15
N GLY B 272 -9.85 -17.45 20.20
CA GLY B 272 -8.68 -16.81 20.77
C GLY B 272 -8.47 -17.01 22.27
N TRP B 273 -7.41 -16.43 22.81
CA TRP B 273 -7.04 -16.61 24.18
C TRP B 273 -7.57 -15.50 25.05
N TYR B 274 -7.96 -15.88 26.25
CA TYR B 274 -8.43 -14.97 27.21
C TYR B 274 -7.70 -15.28 28.47
N ARG B 275 -7.96 -14.42 29.45
CA ARG B 275 -7.40 -14.46 30.79
C ARG B 275 -8.48 -14.05 31.76
N LEU B 276 -8.59 -14.74 32.88
CA LEU B 276 -9.55 -14.38 33.92
C LEU B 276 -8.94 -13.26 34.72
N LYS B 277 -9.76 -12.35 35.24
CA LYS B 277 -9.19 -11.29 36.04
C LYS B 277 -10.21 -10.76 36.99
N PRO B 278 -9.73 -10.03 38.01
CA PRO B 278 -10.61 -9.31 38.92
C PRO B 278 -11.44 -8.24 38.20
N GLY B 279 -12.68 -8.03 38.65
CA GLY B 279 -13.57 -7.09 38.02
C GLY B 279 -13.81 -5.81 38.79
N ARG B 280 -14.75 -5.01 38.27
CA ARG B 280 -15.25 -3.80 38.89
C ARG B 280 -14.96 -3.64 40.40
N ASN B 281 -15.39 -4.58 41.24
CA ASN B 281 -15.21 -4.33 42.72
C ASN B 281 -14.28 -5.33 43.39
N ASN B 282 -13.19 -5.57 42.66
CA ASN B 282 -12.37 -6.75 42.80
C ASN B 282 -13.31 -7.93 42.94
N THR B 283 -14.05 -8.12 41.88
CA THR B 283 -15.02 -9.17 41.78
C THR B 283 -14.30 -10.30 41.05
N LEU B 284 -14.44 -11.54 41.50
CA LEU B 284 -13.76 -12.68 40.83
C LEU B 284 -14.71 -13.69 40.19
N ALA B 285 -14.26 -14.46 39.22
CA ALA B 285 -15.10 -15.52 38.64
C ALA B 285 -15.28 -16.51 39.75
N GLN B 286 -16.42 -17.20 39.74
CA GLN B 286 -16.76 -18.22 40.72
C GLN B 286 -16.72 -19.62 40.07
N PRO B 287 -15.99 -20.56 40.67
CA PRO B 287 -16.00 -21.89 40.07
C PRO B 287 -17.36 -22.56 40.36
N ARG B 288 -17.99 -23.20 39.38
CA ARG B 288 -19.23 -23.93 39.62
C ARG B 288 -18.96 -25.22 40.42
N ALA B 289 -19.89 -25.67 41.23
CA ALA B 289 -19.66 -26.97 41.85
C ALA B 289 -19.97 -27.98 40.74
N PRO B 290 -19.36 -29.15 40.79
CA PRO B 290 -19.65 -30.12 39.74
C PRO B 290 -21.11 -30.39 39.47
N MET B 291 -21.96 -30.47 40.48
CA MET B 291 -23.37 -30.81 40.22
C MET B 291 -24.10 -29.69 39.47
N ALA B 292 -23.50 -28.50 39.41
CA ALA B 292 -24.08 -27.37 38.68
C ALA B 292 -23.41 -27.17 37.32
N PHE B 293 -22.58 -28.10 36.92
CA PHE B 293 -21.96 -27.97 35.60
C PHE B 293 -23.03 -28.05 34.53
N GLY B 294 -23.04 -27.16 33.56
CA GLY B 294 -23.91 -27.35 32.40
C GLY B 294 -23.41 -28.18 31.21
N THR B 295 -22.14 -28.49 31.21
CA THR B 295 -21.53 -29.14 30.02
C THR B 295 -20.62 -30.23 30.43
N SER B 296 -20.17 -31.01 29.49
CA SER B 296 -19.17 -32.05 29.78
C SER B 296 -17.81 -31.41 29.76
N SER B 297 -17.37 -30.83 30.86
CA SER B 297 -16.11 -30.15 30.94
C SER B 297 -15.48 -30.48 32.28
N ASP B 298 -14.22 -30.12 32.41
CA ASP B 298 -13.44 -30.42 33.60
C ASP B 298 -13.61 -29.39 34.63
N VAL B 299 -13.89 -28.19 34.20
CA VAL B 299 -13.96 -27.05 35.09
C VAL B 299 -14.90 -26.04 34.45
N GLU B 300 -15.69 -25.35 35.27
CA GLU B 300 -16.69 -24.38 34.83
C GLU B 300 -16.71 -23.20 35.79
N PHE B 301 -16.96 -22.01 35.27
CA PHE B 301 -16.89 -20.74 36.01
C PHE B 301 -18.05 -19.83 35.65
N ASN B 302 -18.64 -19.18 36.64
CA ASN B 302 -19.55 -18.05 36.34
C ASN B 302 -18.67 -16.83 36.44
N CYS B 303 -18.94 -15.85 35.61
CA CYS B 303 -18.31 -14.58 35.76
C CYS B 303 -19.05 -13.54 34.96
N THR B 304 -18.38 -12.44 34.71
CA THR B 304 -18.99 -11.23 34.16
C THR B 304 -17.95 -10.59 33.16
N ALA B 305 -18.43 -9.89 32.13
CA ALA B 305 -17.53 -9.45 31.03
C ALA B 305 -16.25 -8.81 31.56
N ASP B 306 -16.36 -8.09 32.69
CA ASP B 306 -15.21 -7.41 33.31
C ASP B 306 -14.25 -8.33 34.12
N ASN B 307 -14.59 -9.61 34.20
CA ASN B 307 -13.63 -10.57 34.73
C ASN B 307 -12.79 -11.11 33.57
N LEU B 308 -12.96 -10.58 32.37
CA LEU B 308 -12.30 -11.19 31.22
C LEU B 308 -11.31 -10.22 30.53
N ALA B 309 -10.27 -10.79 29.92
CA ALA B 309 -9.40 -10.02 29.04
C ALA B 309 -8.82 -10.91 27.99
N ILE B 310 -8.64 -10.34 26.80
CA ILE B 310 -7.70 -10.83 25.81
C ILE B 310 -6.31 -10.98 26.38
N GLU B 311 -5.62 -12.09 26.00
CA GLU B 311 -4.16 -12.29 26.24
C GLU B 311 -3.45 -12.15 24.94
N GLY B 312 -2.76 -11.01 24.79
CA GLY B 312 -2.06 -10.68 23.57
C GLY B 312 -0.96 -11.59 23.05
N GLY B 313 -0.02 -11.96 23.90
CA GLY B 313 1.18 -12.70 23.40
C GLY B 313 0.92 -14.19 23.29
N MET B 314 -0.24 -14.60 23.77
CA MET B 314 -0.70 -15.96 23.71
C MET B 314 -1.38 -16.11 22.33
N SER B 315 -0.92 -17.14 21.63
CA SER B 315 -0.92 -17.22 20.19
C SER B 315 -1.64 -18.46 19.65
N ASP B 316 -1.05 -19.62 19.95
CA ASP B 316 -1.32 -20.88 19.26
C ASP B 316 -2.44 -21.77 19.83
N LEU B 317 -3.01 -22.64 18.99
CA LEU B 317 -4.04 -23.60 19.42
C LEU B 317 -3.55 -24.49 20.55
N PRO B 318 -4.40 -24.72 21.54
CA PRO B 318 -4.17 -25.73 22.53
C PRO B 318 -4.56 -27.08 22.01
N ALA B 319 -4.43 -28.09 22.86
CA ALA B 319 -4.63 -29.49 22.44
C ALA B 319 -6.12 -29.86 22.27
N TYR B 320 -6.84 -29.16 21.42
CA TYR B 320 -8.09 -29.66 20.94
C TYR B 320 -7.90 -30.97 20.21
N LYS B 321 -8.99 -31.69 20.02
CA LYS B 321 -8.97 -33.02 19.48
C LYS B 321 -9.91 -33.06 18.28
N LEU B 322 -9.57 -33.81 17.25
CA LEU B 322 -10.39 -33.95 16.01
C LEU B 322 -10.81 -35.40 15.84
N MET B 323 -12.10 -35.68 15.67
CA MET B 323 -12.54 -37.00 15.28
C MET B 323 -12.77 -36.99 13.80
N CYS B 324 -12.09 -37.87 13.08
CA CYS B 324 -12.36 -38.10 11.68
C CYS B 324 -13.05 -39.43 11.57
N PHE B 325 -14.30 -39.43 11.07
CA PHE B 325 -15.06 -40.67 10.96
C PHE B 325 -15.78 -40.96 9.68
N ASP B 326 -16.09 -42.22 9.50
CA ASP B 326 -16.75 -42.70 8.30
C ASP B 326 -17.57 -43.92 8.66
N ILE B 327 -18.75 -44.08 8.12
CA ILE B 327 -19.50 -45.29 8.36
C ILE B 327 -19.55 -46.16 7.10
N GLU B 328 -19.79 -47.43 7.31
CA GLU B 328 -20.13 -48.41 6.29
C GLU B 328 -21.53 -48.99 6.62
N CYS B 329 -22.38 -49.15 5.60
CA CYS B 329 -23.71 -49.75 5.76
C CYS B 329 -23.93 -50.95 4.87
N LYS B 330 -24.93 -51.76 5.21
CA LYS B 330 -25.20 -53.02 4.52
C LYS B 330 -26.69 -53.17 4.39
N ALA B 331 -27.21 -52.97 3.19
CA ALA B 331 -28.64 -53.21 2.94
C ALA B 331 -29.00 -54.64 3.36
N GLY B 332 -30.24 -54.87 3.76
CA GLY B 332 -30.65 -56.20 4.21
C GLY B 332 -32.03 -56.63 3.79
N GLY B 333 -32.61 -55.94 2.81
CA GLY B 333 -33.93 -56.31 2.31
C GLY B 333 -33.82 -57.44 1.32
N GLU B 334 -34.93 -57.77 0.66
CA GLU B 334 -34.92 -58.80 -0.33
C GLU B 334 -33.81 -58.57 -1.36
N ASP B 335 -33.51 -57.30 -1.69
CA ASP B 335 -32.39 -56.99 -2.56
C ASP B 335 -31.20 -56.34 -1.84
N GLU B 336 -30.16 -57.14 -1.63
CA GLU B 336 -28.97 -56.78 -0.88
C GLU B 336 -28.01 -55.79 -1.51
N LEU B 337 -28.19 -55.54 -2.79
CA LEU B 337 -27.44 -54.47 -3.43
C LEU B 337 -28.23 -53.17 -3.45
N ALA B 338 -29.46 -53.18 -2.93
CA ALA B 338 -30.26 -51.95 -2.91
C ALA B 338 -29.65 -50.93 -1.99
N PHE B 339 -29.73 -49.67 -2.38
CA PHE B 339 -29.13 -48.61 -1.62
C PHE B 339 -29.72 -48.59 -0.21
N PRO B 340 -28.88 -48.47 0.82
CA PRO B 340 -29.36 -48.59 2.19
C PRO B 340 -30.29 -47.46 2.54
N VAL B 341 -31.33 -47.69 3.34
CA VAL B 341 -32.21 -46.60 3.76
C VAL B 341 -32.40 -46.67 5.26
N ALA B 342 -32.00 -45.62 5.98
CA ALA B 342 -31.94 -45.68 7.44
C ALA B 342 -33.27 -46.10 8.13
N GLY B 343 -34.40 -45.59 7.64
CA GLY B 343 -35.69 -45.99 8.15
C GLY B 343 -36.07 -47.46 8.08
N HIS B 344 -35.36 -48.24 7.26
CA HIS B 344 -35.51 -49.68 7.22
C HIS B 344 -34.74 -50.32 8.37
N PRO B 345 -35.47 -50.98 9.27
CA PRO B 345 -34.71 -51.59 10.37
C PRO B 345 -33.60 -52.58 9.93
N GLU B 346 -33.77 -53.23 8.76
CA GLU B 346 -32.80 -54.22 8.23
C GLU B 346 -31.56 -53.60 7.60
N ASP B 347 -31.52 -52.32 7.33
CA ASP B 347 -30.38 -51.76 6.60
C ASP B 347 -29.46 -51.10 7.60
N LEU B 348 -28.38 -51.77 7.96
CA LEU B 348 -27.58 -51.47 9.15
C LEU B 348 -26.39 -50.60 8.90
N VAL B 349 -25.99 -49.82 9.89
CA VAL B 349 -24.63 -49.35 9.95
C VAL B 349 -23.88 -50.59 10.41
N ILE B 350 -22.92 -51.11 9.64
CA ILE B 350 -22.14 -52.25 10.10
C ILE B 350 -20.75 -51.91 10.66
N GLN B 351 -20.16 -50.80 10.23
CA GLN B 351 -18.85 -50.40 10.77
C GLN B 351 -18.74 -48.88 10.79
N ILE B 352 -17.95 -48.37 11.76
CA ILE B 352 -17.58 -46.95 11.88
C ILE B 352 -16.08 -46.84 12.20
N SER B 353 -15.29 -46.14 11.37
CA SER B 353 -13.85 -45.99 11.65
C SER B 353 -13.80 -44.66 12.28
N CYS B 354 -12.99 -44.50 13.30
CA CYS B 354 -13.04 -43.27 14.07
C CYS B 354 -11.64 -42.97 14.50
N LEU B 355 -11.08 -41.89 13.99
CA LEU B 355 -9.66 -41.56 14.15
C LEU B 355 -9.57 -40.27 14.95
N LEU B 356 -8.85 -40.34 16.06
CA LEU B 356 -8.76 -39.25 16.96
C LEU B 356 -7.37 -38.68 16.82
N TYR B 357 -7.25 -37.43 16.35
CA TYR B 357 -5.96 -36.71 16.24
C TYR B 357 -5.91 -35.57 17.20
N ASP B 358 -4.71 -35.11 17.52
CA ASP B 358 -4.55 -33.86 18.22
C ASP B 358 -4.40 -32.71 17.21
N LEU B 359 -5.15 -31.64 17.37
CA LEU B 359 -5.18 -30.61 16.32
C LEU B 359 -3.96 -29.79 16.46
N SER B 360 -3.39 -29.67 17.63
CA SER B 360 -2.33 -28.70 17.82
C SER B 360 -0.96 -29.26 17.47
N THR B 361 -0.77 -30.58 17.42
CA THR B 361 0.43 -31.22 16.92
C THR B 361 0.19 -32.03 15.66
N THR B 362 -1.07 -32.34 15.34
CA THR B 362 -1.37 -33.03 14.08
C THR B 362 -1.30 -34.50 14.23
N ALA B 363 -0.95 -34.95 15.42
CA ALA B 363 -0.62 -36.37 15.60
C ALA B 363 -1.89 -37.19 15.77
N LEU B 364 -1.87 -38.38 15.18
CA LEU B 364 -2.94 -39.30 15.21
C LEU B 364 -2.73 -40.04 16.48
N GLU B 365 -3.71 -40.01 17.37
CA GLU B 365 -3.54 -40.62 18.69
C GLU B 365 -4.38 -41.88 18.95
N HIS B 366 -5.46 -42.11 18.20
CA HIS B 366 -6.17 -43.39 18.29
C HIS B 366 -6.79 -43.77 16.98
N VAL B 367 -6.76 -45.03 16.62
CA VAL B 367 -7.45 -45.50 15.43
C VAL B 367 -8.48 -46.51 15.96
N LEU B 368 -9.77 -46.16 15.96
CA LEU B 368 -10.80 -47.05 16.55
C LEU B 368 -11.72 -47.52 15.44
N LEU B 369 -12.07 -48.80 15.44
CA LEU B 369 -12.98 -49.34 14.45
C LEU B 369 -14.15 -49.98 15.17
N PHE B 370 -15.33 -49.41 14.98
CA PHE B 370 -16.53 -50.00 15.52
C PHE B 370 -17.01 -51.04 14.53
N SER B 371 -17.21 -52.30 14.98
CA SER B 371 -17.69 -53.36 14.07
C SER B 371 -18.88 -54.13 14.57
N LEU B 372 -19.95 -54.20 13.76
CA LEU B 372 -21.11 -55.03 14.13
C LEU B 372 -20.71 -56.42 13.70
N GLY B 373 -20.36 -57.24 14.68
CA GLY B 373 -19.90 -58.59 14.37
C GLY B 373 -18.39 -58.64 14.51
N SER B 374 -17.84 -59.84 14.60
CA SER B 374 -16.46 -59.98 14.92
C SER B 374 -15.65 -59.55 13.73
N CYS B 375 -14.42 -59.17 13.99
CA CYS B 375 -13.62 -58.48 12.99
C CYS B 375 -12.13 -58.61 13.25
N ASP B 376 -11.46 -59.21 12.30
CA ASP B 376 -10.04 -59.47 12.43
C ASP B 376 -9.34 -58.71 11.36
N LEU B 377 -8.75 -57.58 11.72
CA LEU B 377 -7.99 -56.82 10.76
C LEU B 377 -6.86 -57.71 10.17
N PRO B 378 -6.57 -57.58 8.86
CA PRO B 378 -5.49 -58.33 8.27
C PRO B 378 -4.12 -57.92 8.80
N GLU B 379 -3.30 -58.93 9.09
CA GLU B 379 -1.92 -58.70 9.50
C GLU B 379 -1.12 -57.76 8.57
N SER B 380 -1.37 -57.81 7.26
CA SER B 380 -0.73 -56.84 6.37
C SER B 380 -1.13 -55.43 6.75
N HIS B 381 -2.39 -55.22 7.05
CA HIS B 381 -2.84 -53.90 7.46
C HIS B 381 -2.19 -53.41 8.74
N LEU B 382 -2.13 -54.25 9.76
CA LEU B 382 -1.58 -53.76 11.03
C LEU B 382 -0.11 -53.37 10.82
N ASN B 383 0.66 -54.28 10.23
CA ASN B 383 2.06 -54.05 9.94
C ASN B 383 2.30 -52.82 9.12
N GLU B 384 1.45 -52.53 8.16
CA GLU B 384 1.65 -51.31 7.48
C GLU B 384 1.46 -50.09 8.41
N LEU B 385 0.40 -50.05 9.21
CA LEU B 385 0.21 -48.91 10.12
C LEU B 385 1.35 -48.84 11.14
N ALA B 386 1.89 -50.02 11.47
CA ALA B 386 3.00 -50.11 12.40
C ALA B 386 4.17 -49.45 11.73
N ALA B 387 4.43 -49.84 10.48
CA ALA B 387 5.57 -49.29 9.73
C ALA B 387 5.37 -47.76 9.49
N ARG B 388 4.15 -47.25 9.49
CA ARG B 388 3.98 -45.81 9.41
C ARG B 388 4.08 -45.09 10.74
N GLY B 389 4.47 -45.76 11.81
CA GLY B 389 4.41 -45.19 13.15
C GLY B 389 3.00 -44.74 13.58
N LEU B 390 1.92 -45.38 13.09
CA LEU B 390 0.55 -45.06 13.53
C LEU B 390 0.08 -46.00 14.63
N PRO B 391 -0.88 -45.57 15.42
CA PRO B 391 -1.31 -46.40 16.52
C PRO B 391 -2.00 -47.71 16.13
N THR B 392 -1.93 -48.70 17.01
CA THR B 392 -2.45 -49.96 16.65
C THR B 392 -3.91 -49.79 16.81
N PRO B 393 -4.68 -50.17 15.79
CA PRO B 393 -6.09 -50.16 15.90
C PRO B 393 -6.62 -50.91 17.12
N VAL B 394 -7.69 -50.35 17.67
CA VAL B 394 -8.45 -50.97 18.70
C VAL B 394 -9.80 -51.21 18.09
N VAL B 395 -10.14 -52.46 17.94
CA VAL B 395 -11.38 -52.87 17.28
C VAL B 395 -12.44 -53.16 18.32
N LEU B 396 -13.52 -52.41 18.27
CA LEU B 396 -14.62 -52.55 19.21
C LEU B 396 -15.69 -53.27 18.46
N GLU B 397 -16.17 -54.35 19.05
CA GLU B 397 -17.06 -55.35 18.44
C GLU B 397 -18.36 -55.48 19.21
N PHE B 398 -19.45 -55.69 18.47
CA PHE B 398 -20.77 -55.69 19.03
C PHE B 398 -21.65 -56.73 18.38
N ASP B 399 -22.56 -57.30 19.16
CA ASP B 399 -23.54 -58.21 18.63
C ASP B 399 -24.74 -57.56 17.99
N SER B 400 -24.96 -56.25 18.20
CA SER B 400 -26.17 -55.53 17.64
C SER B 400 -25.89 -54.07 17.23
N GLU B 401 -26.65 -53.59 16.25
CA GLU B 401 -26.47 -52.22 15.78
C GLU B 401 -26.57 -51.23 16.94
N PHE B 402 -27.56 -51.40 17.82
CA PHE B 402 -27.80 -50.41 18.88
C PHE B 402 -26.64 -50.31 19.85
N GLU B 403 -26.10 -51.47 20.23
CA GLU B 403 -24.96 -51.45 21.13
C GLU B 403 -23.80 -50.69 20.50
N MET B 404 -23.62 -50.84 19.19
CA MET B 404 -22.53 -50.20 18.50
C MET B 404 -22.78 -48.70 18.40
N LEU B 405 -23.94 -48.30 17.90
CA LEU B 405 -24.31 -46.84 17.80
C LEU B 405 -24.31 -46.16 19.17
N LEU B 406 -24.73 -46.87 20.20
CA LEU B 406 -24.71 -46.27 21.52
C LEU B 406 -23.23 -46.12 21.92
N ALA B 407 -22.39 -47.09 21.58
CA ALA B 407 -20.98 -46.97 21.93
C ALA B 407 -20.38 -45.79 21.17
N PHE B 408 -20.70 -45.60 19.91
CA PHE B 408 -20.16 -44.43 19.24
C PHE B 408 -20.60 -43.12 19.91
N MET B 409 -21.88 -43.00 20.19
CA MET B 409 -22.44 -41.79 20.73
C MET B 409 -21.87 -41.62 22.10
N THR B 410 -21.72 -42.71 22.84
CA THR B 410 -21.07 -42.61 24.15
C THR B 410 -19.65 -42.05 24.02
N LEU B 411 -18.92 -42.49 23.01
CA LEU B 411 -17.58 -41.96 22.76
C LEU B 411 -17.68 -40.50 22.37
N VAL B 412 -18.61 -40.18 21.47
CA VAL B 412 -18.73 -38.78 21.03
C VAL B 412 -18.84 -37.86 22.24
N LYS B 413 -19.59 -38.29 23.24
CA LYS B 413 -19.82 -37.54 24.46
C LYS B 413 -18.66 -37.63 25.46
N GLN B 414 -18.17 -38.82 25.76
CA GLN B 414 -17.11 -38.94 26.77
C GLN B 414 -15.79 -38.29 26.39
N TYR B 415 -15.45 -38.39 25.11
CA TYR B 415 -14.22 -37.86 24.56
C TYR B 415 -14.39 -36.45 24.09
N GLY B 416 -15.63 -36.11 23.67
CA GLY B 416 -16.02 -34.75 23.31
C GLY B 416 -15.11 -34.04 22.33
N PRO B 417 -14.96 -34.58 21.14
CA PRO B 417 -14.12 -33.89 20.23
C PRO B 417 -14.69 -32.56 19.84
N GLU B 418 -13.88 -31.55 20.01
CA GLU B 418 -14.28 -30.21 19.65
C GLU B 418 -14.41 -30.06 18.15
N PHE B 419 -13.69 -30.84 17.37
CA PHE B 419 -13.76 -30.71 15.91
C PHE B 419 -14.00 -32.06 15.31
N VAL B 420 -14.87 -32.16 14.32
CA VAL B 420 -15.16 -33.44 13.75
C VAL B 420 -15.09 -33.27 12.26
N THR B 421 -14.59 -34.27 11.55
CA THR B 421 -14.53 -34.20 10.10
C THR B 421 -14.72 -35.58 9.49
N GLY B 422 -14.83 -35.62 8.17
CA GLY B 422 -14.97 -36.88 7.46
C GLY B 422 -15.31 -36.47 6.03
N TYR B 423 -15.65 -37.42 5.17
CA TYR B 423 -15.90 -37.07 3.76
C TYR B 423 -17.32 -37.40 3.40
N ASN B 424 -18.12 -36.40 3.13
CA ASN B 424 -19.56 -36.58 2.95
C ASN B 424 -20.33 -36.92 4.20
N ILE B 425 -19.76 -36.60 5.34
CA ILE B 425 -20.42 -36.91 6.57
C ILE B 425 -21.67 -36.09 6.82
N ILE B 426 -21.81 -34.97 6.15
CA ILE B 426 -23.01 -34.17 6.31
C ILE B 426 -24.19 -34.59 5.44
N ASN B 427 -23.93 -35.01 4.21
CA ASN B 427 -25.04 -35.37 3.32
C ASN B 427 -25.43 -36.79 3.52
N PHE B 428 -24.55 -37.60 4.10
CA PHE B 428 -24.81 -39.01 4.24
C PHE B 428 -24.65 -39.61 5.67
N ASP B 429 -23.44 -39.71 6.17
CA ASP B 429 -23.19 -40.40 7.42
C ASP B 429 -23.99 -39.87 8.65
N TRP B 430 -23.97 -38.56 8.85
CA TRP B 430 -24.60 -38.08 10.07
C TRP B 430 -26.11 -38.31 9.93
N PRO B 431 -26.68 -37.89 8.80
CA PRO B 431 -28.11 -38.15 8.65
C PRO B 431 -28.49 -39.61 8.86
N PHE B 432 -27.65 -40.52 8.41
CA PHE B 432 -27.98 -41.94 8.59
C PHE B 432 -27.91 -42.28 10.07
N LEU B 433 -26.86 -41.80 10.74
CA LEU B 433 -26.71 -42.11 12.16
C LEU B 433 -27.92 -41.58 12.91
N LEU B 434 -28.32 -40.34 12.60
CA LEU B 434 -29.39 -39.67 13.35
C LEU B 434 -30.75 -40.32 13.12
N ALA B 435 -31.00 -40.78 11.88
CA ALA B 435 -32.26 -41.43 11.54
C ALA B 435 -32.33 -42.74 12.35
N LYS B 436 -31.20 -43.41 12.51
CA LYS B 436 -31.18 -44.68 13.22
C LYS B 436 -31.43 -44.39 14.67
N LEU B 437 -30.75 -43.38 15.19
CA LEU B 437 -30.90 -43.07 16.63
C LEU B 437 -32.27 -42.53 16.97
N THR B 438 -32.85 -41.71 16.13
CA THR B 438 -34.14 -41.15 16.41
C THR B 438 -35.31 -42.09 16.09
N ASP B 439 -35.46 -42.42 14.83
CA ASP B 439 -36.58 -43.19 14.34
C ASP B 439 -36.49 -44.64 14.78
N ILE B 440 -35.38 -45.33 14.59
CA ILE B 440 -35.34 -46.74 14.99
C ILE B 440 -35.17 -46.89 16.50
N TYR B 441 -34.18 -46.26 17.11
CA TYR B 441 -33.97 -46.50 18.55
C TYR B 441 -34.65 -45.55 19.58
N LYS B 442 -35.29 -44.50 19.11
CA LYS B 442 -36.00 -43.51 19.98
C LYS B 442 -35.07 -42.94 21.04
N VAL B 443 -33.85 -42.58 20.71
CA VAL B 443 -32.88 -42.06 21.66
C VAL B 443 -32.85 -40.57 21.62
N PRO B 444 -33.06 -39.88 22.74
CA PRO B 444 -33.00 -38.42 22.65
C PRO B 444 -31.55 -38.02 22.46
N LEU B 445 -31.30 -36.93 21.71
CA LEU B 445 -29.94 -36.47 21.43
C LEU B 445 -29.60 -35.11 22.00
N ASP B 446 -30.53 -34.45 22.63
CA ASP B 446 -30.23 -33.14 23.22
C ASP B 446 -29.06 -33.10 24.24
N GLY B 447 -28.67 -34.26 24.75
CA GLY B 447 -27.57 -34.38 25.69
C GLY B 447 -26.22 -34.80 25.14
N TYR B 448 -26.21 -35.17 23.88
CA TYR B 448 -25.04 -35.81 23.29
C TYR B 448 -23.97 -34.84 22.72
N GLY B 449 -24.24 -33.55 22.67
CA GLY B 449 -23.18 -32.59 22.42
C GLY B 449 -22.56 -32.12 23.72
N ARG B 450 -22.02 -30.92 23.74
CA ARG B 450 -21.23 -30.49 24.92
C ARG B 450 -22.14 -30.17 26.11
N MET B 451 -23.32 -29.66 25.87
CA MET B 451 -24.28 -29.42 26.91
C MET B 451 -24.81 -30.73 27.40
N ASN B 452 -25.14 -30.80 28.67
CA ASN B 452 -25.57 -32.06 29.22
C ASN B 452 -26.98 -32.38 28.94
N GLY B 453 -27.67 -31.47 28.28
CA GLY B 453 -29.03 -31.68 27.93
C GLY B 453 -29.59 -30.42 27.37
N ARG B 454 -30.73 -30.53 26.68
CA ARG B 454 -31.42 -29.37 26.11
C ARG B 454 -30.59 -28.67 25.08
N GLY B 455 -29.59 -29.34 24.49
CA GLY B 455 -28.75 -28.73 23.46
C GLY B 455 -29.17 -29.15 22.05
N VAL B 456 -28.76 -28.37 21.06
CA VAL B 456 -29.10 -28.66 19.68
C VAL B 456 -28.11 -29.67 19.12
N PHE B 457 -28.65 -30.66 18.41
CA PHE B 457 -27.92 -31.74 17.76
C PHE B 457 -28.39 -31.87 16.30
N ARG B 458 -29.64 -32.16 16.01
CA ARG B 458 -30.07 -31.99 14.60
C ARG B 458 -30.88 -30.71 14.47
N VAL B 459 -30.95 -30.19 13.26
CA VAL B 459 -31.70 -28.99 12.92
C VAL B 459 -32.08 -29.13 11.43
N TRP B 460 -32.87 -28.19 10.94
CA TRP B 460 -33.04 -28.06 9.49
C TRP B 460 -31.81 -27.31 8.90
N ASP B 461 -31.86 -27.06 7.60
CA ASP B 461 -30.97 -26.09 6.90
C ASP B 461 -31.88 -25.28 5.98
N ILE B 462 -31.35 -24.19 5.41
CA ILE B 462 -32.19 -23.08 4.89
C ILE B 462 -33.10 -23.57 3.76
N GLY B 463 -34.33 -23.07 3.71
CA GLY B 463 -35.35 -23.60 2.81
C GLY B 463 -35.66 -25.05 3.20
N GLN B 464 -36.60 -25.20 4.12
CA GLN B 464 -37.09 -26.52 4.54
C GLN B 464 -38.39 -26.36 5.31
N SER B 465 -39.47 -26.93 4.77
CA SER B 465 -40.71 -27.05 5.54
C SER B 465 -40.35 -27.80 6.83
N HIS B 466 -40.60 -27.12 7.96
CA HIS B 466 -40.40 -27.65 9.31
C HIS B 466 -41.17 -29.00 9.51
N PHE B 467 -42.21 -29.25 8.68
CA PHE B 467 -42.85 -30.57 8.47
C PHE B 467 -41.82 -31.73 8.33
N GLN B 468 -40.79 -31.52 7.49
CA GLN B 468 -39.77 -32.55 7.23
C GLN B 468 -38.97 -32.85 8.50
N LYS B 469 -38.32 -34.02 8.51
CA LYS B 469 -37.36 -34.35 9.57
C LYS B 469 -36.19 -33.36 9.57
N ARG B 470 -35.77 -32.99 10.77
CA ARG B 470 -34.43 -32.41 10.99
C ARG B 470 -33.39 -33.51 10.79
N SER B 471 -32.62 -33.44 9.70
CA SER B 471 -31.45 -34.35 9.55
C SER B 471 -30.11 -33.56 9.45
N LYS B 472 -30.22 -32.22 9.48
CA LYS B 472 -29.08 -31.37 9.25
C LYS B 472 -28.31 -31.25 10.58
N ILE B 473 -27.02 -30.88 10.44
CA ILE B 473 -26.03 -31.05 11.49
C ILE B 473 -25.51 -29.71 12.07
N LYS B 474 -25.93 -29.50 13.31
CA LYS B 474 -25.43 -28.40 14.12
C LYS B 474 -25.40 -29.09 15.44
N VAL B 475 -24.22 -29.36 15.96
CA VAL B 475 -24.08 -30.00 17.26
C VAL B 475 -23.46 -29.03 18.22
N ASN B 476 -24.19 -28.61 19.24
CA ASN B 476 -23.65 -27.63 20.15
C ASN B 476 -22.27 -28.04 20.68
N GLY B 477 -21.31 -27.16 20.49
CA GLY B 477 -20.02 -27.36 21.05
C GLY B 477 -19.14 -28.18 20.19
N MET B 478 -19.59 -28.52 18.98
CA MET B 478 -18.80 -29.33 18.01
C MET B 478 -18.80 -28.77 16.59
N VAL B 479 -17.61 -28.51 16.07
CA VAL B 479 -17.46 -27.90 14.75
C VAL B 479 -17.29 -29.07 13.75
N ASN B 480 -18.35 -29.43 13.04
CA ASN B 480 -18.27 -30.38 11.95
C ASN B 480 -17.76 -29.72 10.67
N ILE B 481 -16.66 -30.22 10.09
CA ILE B 481 -16.11 -29.79 8.81
C ILE B 481 -16.05 -30.95 7.82
N ASP B 482 -16.91 -30.93 6.80
CA ASP B 482 -16.98 -32.02 5.84
C ASP B 482 -15.89 -31.73 4.78
N MET B 483 -14.93 -32.63 4.55
CA MET B 483 -13.90 -32.33 3.57
C MET B 483 -14.41 -32.35 2.15
N TYR B 484 -15.48 -33.08 1.86
CA TYR B 484 -16.14 -32.99 0.57
C TYR B 484 -16.36 -31.56 0.17
N GLY B 485 -16.89 -30.79 1.10
CA GLY B 485 -17.25 -29.40 0.82
C GLY B 485 -16.00 -28.60 0.63
N ILE B 486 -14.98 -28.87 1.42
CA ILE B 486 -13.73 -28.14 1.31
C ILE B 486 -13.01 -28.44 -0.01
N ILE B 487 -12.97 -29.71 -0.42
CA ILE B 487 -12.31 -30.05 -1.67
C ILE B 487 -13.08 -29.44 -2.85
N THR B 488 -14.40 -29.58 -2.91
CA THR B 488 -15.16 -29.00 -4.04
C THR B 488 -15.04 -27.48 -4.07
N ASP B 489 -14.55 -26.84 -3.01
CA ASP B 489 -14.31 -25.38 -3.06
C ASP B 489 -12.85 -25.00 -3.25
N LYS B 490 -12.00 -25.96 -3.58
CA LYS B 490 -10.60 -25.65 -3.78
C LYS B 490 -9.96 -26.26 -5.03
N ILE B 491 -10.52 -27.35 -5.55
CA ILE B 491 -9.99 -27.99 -6.72
C ILE B 491 -11.13 -28.31 -7.70
N LYS B 492 -10.88 -28.07 -8.98
CA LYS B 492 -11.74 -28.58 -10.05
C LYS B 492 -11.27 -29.99 -10.30
N LEU B 493 -12.21 -30.91 -10.39
CA LEU B 493 -11.88 -32.29 -10.66
C LEU B 493 -13.02 -32.92 -11.44
N SER B 494 -12.70 -34.02 -12.10
CA SER B 494 -13.65 -34.69 -12.96
C SER B 494 -14.68 -35.45 -12.14
N SER B 495 -14.22 -36.17 -11.09
CA SER B 495 -15.12 -36.74 -10.08
C SER B 495 -14.64 -36.33 -8.70
N TYR B 496 -15.56 -36.26 -7.76
CA TYR B 496 -15.22 -35.95 -6.37
C TYR B 496 -15.37 -37.17 -5.41
N LYS B 497 -15.54 -38.37 -5.96
CA LYS B 497 -15.35 -39.60 -5.21
C LYS B 497 -14.03 -39.58 -4.41
N LEU B 498 -14.00 -40.16 -3.22
CA LEU B 498 -12.80 -40.08 -2.38
C LEU B 498 -11.52 -40.56 -3.04
N ASN B 499 -11.49 -41.71 -3.70
CA ASN B 499 -10.22 -42.18 -4.34
C ASN B 499 -9.67 -41.27 -5.50
N ALA B 500 -10.56 -40.84 -6.38
CA ALA B 500 -10.21 -39.85 -7.38
C ALA B 500 -9.55 -38.65 -6.72
N VAL B 501 -10.03 -38.24 -5.54
CA VAL B 501 -9.47 -37.06 -4.88
C VAL B 501 -8.09 -37.42 -4.34
N ALA B 502 -8.02 -38.59 -3.72
CA ALA B 502 -6.79 -39.14 -3.17
C ALA B 502 -5.67 -39.16 -4.20
N GLU B 503 -6.02 -39.58 -5.41
CA GLU B 503 -5.09 -39.58 -6.52
C GLU B 503 -4.68 -38.17 -6.93
N ALA B 504 -5.61 -37.35 -7.39
CA ALA B 504 -5.29 -35.96 -7.75
C ALA B 504 -4.45 -35.24 -6.68
N VAL B 505 -4.95 -35.20 -5.45
CA VAL B 505 -4.44 -34.23 -4.47
C VAL B 505 -3.23 -34.72 -3.68
N LEU B 506 -3.32 -35.93 -3.15
CA LEU B 506 -2.22 -36.53 -2.43
C LEU B 506 -1.42 -37.47 -3.32
N LYS B 507 -1.76 -37.53 -4.61
CA LYS B 507 -1.00 -38.31 -5.59
C LYS B 507 -0.74 -39.71 -5.07
N ASP B 508 -1.79 -40.34 -4.57
CA ASP B 508 -1.68 -41.73 -4.09
C ASP B 508 -2.90 -42.54 -4.50
N LYS B 509 -2.61 -43.53 -5.32
CA LYS B 509 -3.63 -44.35 -5.92
C LYS B 509 -3.79 -45.47 -4.91
N LYS B 510 -5.04 -45.76 -4.57
CA LYS B 510 -5.37 -46.71 -3.54
C LYS B 510 -6.54 -47.57 -4.03
N LYS B 511 -6.50 -48.88 -3.78
CA LYS B 511 -7.59 -49.74 -4.21
C LYS B 511 -8.92 -49.46 -3.47
N ASP B 512 -9.97 -50.01 -4.06
CA ASP B 512 -11.31 -49.76 -3.66
C ASP B 512 -11.99 -51.05 -3.21
N LEU B 513 -13.15 -50.93 -2.58
CA LEU B 513 -14.01 -52.08 -2.31
C LEU B 513 -15.45 -51.74 -2.75
N SER B 514 -15.94 -52.47 -3.73
CA SER B 514 -17.24 -52.22 -4.30
C SER B 514 -18.33 -52.61 -3.32
N TYR B 515 -19.33 -51.76 -3.20
CA TYR B 515 -20.44 -52.03 -2.31
C TYR B 515 -20.97 -53.39 -2.70
N ARG B 516 -20.86 -53.75 -3.98
CA ARG B 516 -21.34 -55.04 -4.47
C ARG B 516 -20.65 -56.21 -3.76
N ASP B 517 -19.41 -55.99 -3.31
CA ASP B 517 -18.67 -57.07 -2.65
C ASP B 517 -19.02 -57.23 -1.18
N ILE B 518 -19.35 -56.12 -0.55
CA ILE B 518 -19.52 -56.07 0.89
C ILE B 518 -20.41 -57.15 1.55
N PRO B 519 -21.59 -57.43 1.00
CA PRO B 519 -22.38 -58.55 1.51
C PRO B 519 -21.67 -59.90 1.56
N ALA B 520 -21.03 -60.29 0.47
CA ALA B 520 -20.36 -61.58 0.40
C ALA B 520 -19.23 -61.60 1.45
N TYR B 521 -18.45 -60.51 1.46
CA TYR B 521 -17.45 -60.32 2.50
C TYR B 521 -18.04 -60.40 3.90
N TYR B 522 -19.06 -59.60 4.18
CA TYR B 522 -19.65 -59.54 5.54
C TYR B 522 -20.07 -60.92 5.97
N ALA B 523 -20.54 -61.78 5.08
CA ALA B 523 -21.03 -63.10 5.51
C ALA B 523 -19.96 -64.17 5.60
N THR B 524 -18.80 -64.00 4.98
CA THR B 524 -17.86 -65.11 4.99
C THR B 524 -17.32 -65.28 6.45
N GLY B 525 -17.25 -64.24 7.28
CA GLY B 525 -16.72 -64.35 8.66
C GLY B 525 -15.82 -63.17 9.09
N PRO B 526 -15.16 -63.29 10.26
CA PRO B 526 -14.31 -62.18 10.78
C PRO B 526 -13.14 -61.74 9.92
N ALA B 527 -12.54 -62.65 9.20
CA ALA B 527 -11.38 -62.29 8.34
C ALA B 527 -11.86 -61.31 7.28
N GLN B 528 -12.91 -61.70 6.58
CA GLN B 528 -13.42 -60.91 5.48
C GLN B 528 -14.08 -59.66 6.02
N ARG B 529 -14.83 -59.76 7.11
CA ARG B 529 -15.34 -58.53 7.72
C ARG B 529 -14.14 -57.66 8.10
N GLY B 530 -12.99 -58.28 8.36
CA GLY B 530 -11.76 -57.52 8.58
C GLY B 530 -11.24 -56.85 7.32
N VAL B 531 -11.50 -57.42 6.16
CA VAL B 531 -11.13 -56.68 4.99
C VAL B 531 -11.89 -55.38 4.92
N ILE B 532 -13.20 -55.39 5.18
CA ILE B 532 -14.05 -54.18 5.15
C ILE B 532 -13.50 -53.16 6.12
N GLY B 533 -13.12 -53.58 7.31
CA GLY B 533 -12.51 -52.66 8.27
C GLY B 533 -11.29 -51.97 7.72
N GLU B 534 -10.42 -52.71 7.06
CA GLU B 534 -9.21 -52.08 6.57
C GLU B 534 -9.58 -50.94 5.63
N TYR B 535 -10.53 -51.17 4.73
CA TYR B 535 -10.89 -50.13 3.74
C TYR B 535 -11.48 -48.97 4.43
N CYS B 536 -12.33 -49.24 5.39
CA CYS B 536 -12.74 -48.22 6.35
C CYS B 536 -11.69 -47.36 6.99
N ILE B 537 -10.70 -48.00 7.62
CA ILE B 537 -9.65 -47.27 8.26
C ILE B 537 -8.87 -46.50 7.21
N GLN B 538 -8.68 -47.12 6.04
CA GLN B 538 -8.02 -46.49 4.89
C GLN B 538 -8.60 -45.13 4.56
N ASP B 539 -9.93 -45.04 4.48
CA ASP B 539 -10.56 -43.80 4.06
C ASP B 539 -10.39 -42.71 5.08
N SER B 540 -10.54 -43.11 6.32
CA SER B 540 -10.37 -42.17 7.34
C SER B 540 -8.97 -41.62 7.34
N LEU B 541 -7.95 -42.38 6.96
CA LEU B 541 -6.63 -41.82 6.98
C LEU B 541 -6.43 -40.85 5.82
N LEU B 542 -7.00 -41.18 4.66
CA LEU B 542 -6.91 -40.26 3.52
C LEU B 542 -7.57 -38.95 3.90
N VAL B 543 -8.76 -39.05 4.50
CA VAL B 543 -9.48 -37.83 4.81
C VAL B 543 -8.72 -36.97 5.82
N GLY B 544 -8.02 -37.60 6.75
CA GLY B 544 -7.21 -36.87 7.73
C GLY B 544 -5.99 -36.23 7.07
N GLN B 545 -5.35 -36.94 6.16
CA GLN B 545 -4.30 -36.29 5.36
C GLN B 545 -4.85 -35.08 4.61
N LEU B 546 -6.06 -35.21 4.05
CA LEU B 546 -6.69 -34.08 3.38
C LEU B 546 -6.97 -32.93 4.32
N PHE B 547 -7.50 -33.21 5.50
CA PHE B 547 -7.68 -32.18 6.50
C PHE B 547 -6.37 -31.49 6.89
N PHE B 548 -5.26 -32.22 7.00
CA PHE B 548 -4.04 -31.56 7.52
C PHE B 548 -3.29 -30.82 6.44
N LYS B 549 -3.65 -31.13 5.19
CA LYS B 549 -3.15 -30.37 4.08
C LYS B 549 -3.85 -29.04 3.92
N PHE B 550 -5.18 -28.98 4.10
CA PHE B 550 -5.94 -27.73 3.84
C PHE B 550 -6.30 -26.89 5.06
N LEU B 551 -6.16 -27.47 6.24
CA LEU B 551 -6.30 -26.74 7.48
C LEU B 551 -7.58 -25.87 7.54
N PRO B 552 -8.70 -26.48 7.19
CA PRO B 552 -9.92 -25.73 7.04
C PRO B 552 -10.39 -25.08 8.33
N HIS B 553 -10.14 -25.71 9.47
CA HIS B 553 -10.35 -25.04 10.74
C HIS B 553 -9.57 -23.74 10.96
N LEU B 554 -8.33 -23.62 10.47
CA LEU B 554 -7.53 -22.39 10.68
C LEU B 554 -8.00 -21.21 9.83
N GLU B 555 -8.69 -21.61 8.79
CA GLU B 555 -9.28 -20.73 7.82
C GLU B 555 -10.57 -20.23 8.39
N LEU B 556 -11.42 -21.17 8.82
CA LEU B 556 -12.68 -20.79 9.41
C LEU B 556 -12.47 -19.92 10.65
N SER B 557 -11.48 -20.22 11.47
CA SER B 557 -11.26 -19.43 12.67
C SER B 557 -10.64 -18.08 12.36
N ALA B 558 -9.90 -18.02 11.27
CA ALA B 558 -9.41 -16.74 10.81
C ALA B 558 -10.58 -15.78 10.46
N VAL B 559 -11.59 -16.30 9.75
CA VAL B 559 -12.79 -15.51 9.40
C VAL B 559 -13.55 -15.11 10.66
N ALA B 560 -13.89 -16.09 11.48
CA ALA B 560 -14.40 -15.82 12.85
C ALA B 560 -13.73 -14.67 13.62
N ARG B 561 -12.40 -14.60 13.69
CA ARG B 561 -11.79 -13.49 14.42
C ARG B 561 -12.05 -12.20 13.69
N LEU B 562 -11.91 -12.23 12.37
CA LEU B 562 -12.11 -11.04 11.51
C LEU B 562 -13.53 -10.53 11.61
N ALA B 563 -14.54 -11.39 11.41
CA ALA B 563 -15.91 -10.92 11.26
C ALA B 563 -16.59 -10.70 12.62
N GLY B 564 -15.88 -11.13 13.66
CA GLY B 564 -16.41 -10.99 15.04
C GLY B 564 -17.64 -11.84 15.22
N ILE B 565 -17.63 -13.00 14.61
CA ILE B 565 -18.76 -13.91 14.55
C ILE B 565 -18.23 -15.28 14.98
N ASN B 566 -19.07 -16.05 15.60
CA ASN B 566 -18.59 -17.32 16.15
C ASN B 566 -18.34 -18.33 15.00
N ILE B 567 -17.62 -19.41 15.25
CA ILE B 567 -17.12 -20.27 14.14
C ILE B 567 -18.22 -21.10 13.48
N THR B 568 -19.26 -21.34 14.23
CA THR B 568 -20.44 -22.05 13.73
C THR B 568 -21.19 -21.34 12.63
N ARG B 569 -21.44 -20.08 12.85
CA ARG B 569 -22.14 -19.27 11.89
C ARG B 569 -21.24 -18.93 10.76
N THR B 570 -19.94 -18.98 11.02
CA THR B 570 -18.97 -18.78 9.98
C THR B 570 -19.09 -19.86 8.90
N ILE B 571 -19.46 -21.09 9.30
CA ILE B 571 -19.66 -22.20 8.34
C ILE B 571 -21.06 -22.21 7.72
N TYR B 572 -22.08 -21.96 8.53
CA TYR B 572 -23.50 -22.27 8.16
C TYR B 572 -24.31 -21.06 7.62
N ASP B 573 -24.31 -19.95 8.36
CA ASP B 573 -24.88 -18.68 7.88
C ASP B 573 -24.00 -18.28 6.71
N GLY B 574 -24.24 -17.19 6.03
CA GLY B 574 -23.45 -16.92 4.81
C GLY B 574 -22.60 -15.67 4.87
N GLN B 575 -22.35 -15.06 3.72
CA GLN B 575 -21.42 -13.92 3.65
C GLN B 575 -21.88 -12.67 4.35
N GLN B 576 -23.18 -12.43 4.42
CA GLN B 576 -23.65 -11.14 4.87
C GLN B 576 -23.39 -10.86 6.33
N ILE B 577 -23.46 -11.89 7.13
CA ILE B 577 -23.43 -11.71 8.57
C ILE B 577 -22.05 -11.17 8.96
N ARG B 578 -21.05 -11.54 8.15
CA ARG B 578 -19.68 -11.09 8.35
C ARG B 578 -19.51 -9.57 8.15
N VAL B 579 -19.89 -9.05 6.99
CA VAL B 579 -19.80 -7.62 6.73
C VAL B 579 -20.69 -6.87 7.75
N PHE B 580 -21.90 -7.41 7.95
CA PHE B 580 -22.83 -6.82 8.86
C PHE B 580 -22.14 -6.59 10.21
N THR B 581 -21.58 -7.64 10.79
CA THR B 581 -21.02 -7.49 12.14
C THR B 581 -19.85 -6.49 12.18
N CYS B 582 -19.08 -6.36 11.10
CA CYS B 582 -17.96 -5.42 11.10
C CYS B 582 -18.49 -4.04 10.90
N LEU B 583 -19.51 -3.95 10.07
CA LEU B 583 -20.18 -2.67 9.86
C LEU B 583 -20.89 -2.12 11.09
N LEU B 584 -21.59 -2.99 11.79
CA LEU B 584 -22.22 -2.65 13.07
C LEU B 584 -21.21 -2.04 14.04
N ARG B 585 -20.07 -2.72 14.21
CA ARG B 585 -19.06 -2.21 15.10
C ARG B 585 -18.76 -0.74 14.73
N LEU B 586 -18.34 -0.50 13.49
CA LEU B 586 -17.99 0.85 13.06
C LEU B 586 -19.21 1.79 13.12
N ALA B 587 -20.34 1.43 12.51
CA ALA B 587 -21.50 2.32 12.51
C ALA B 587 -21.72 2.85 13.91
N ASP B 588 -21.78 1.94 14.86
CA ASP B 588 -22.03 2.30 16.23
C ASP B 588 -20.93 3.16 16.86
N GLN B 589 -19.67 2.78 16.72
CA GLN B 589 -18.60 3.68 17.19
C GLN B 589 -18.76 5.08 16.65
N LYS B 590 -19.28 5.22 15.45
CA LYS B 590 -19.47 6.54 14.84
C LYS B 590 -20.64 7.30 15.40
N GLY B 591 -21.72 6.59 15.75
CA GLY B 591 -22.94 7.22 16.22
C GLY B 591 -24.19 6.80 15.45
N PHE B 592 -24.07 5.89 14.49
CA PHE B 592 -25.25 5.42 13.77
C PHE B 592 -25.97 4.28 14.49
N ILE B 593 -27.17 3.95 14.01
CA ILE B 593 -27.85 2.70 14.31
C ILE B 593 -28.46 2.15 13.05
N LEU B 594 -28.69 0.83 13.02
CA LEU B 594 -29.03 0.14 11.80
C LEU B 594 -30.46 -0.45 11.87
N PRO B 595 -31.31 -0.15 10.86
CA PRO B 595 -32.65 -0.70 10.85
C PRO B 595 -32.83 -2.16 10.36
N ASP B 596 -33.68 -2.88 11.08
CA ASP B 596 -34.16 -4.21 10.69
C ASP B 596 -35.17 -4.23 9.54
N THR B 597 -35.43 -5.45 9.05
CA THR B 597 -36.59 -5.79 8.18
C THR B 597 -37.08 -7.22 8.52
N VAL B 659 -22.97 0.18 -25.81
CA VAL B 659 -22.14 -0.73 -24.99
C VAL B 659 -21.68 -1.93 -25.83
N LEU B 660 -21.09 -1.63 -27.01
CA LEU B 660 -20.05 -2.46 -27.69
C LEU B 660 -19.47 -3.73 -26.94
N ASP B 661 -20.02 -4.90 -27.32
CA ASP B 661 -19.50 -6.20 -26.90
C ASP B 661 -18.85 -6.87 -28.12
N PRO B 662 -18.33 -8.08 -27.97
CA PRO B 662 -17.38 -8.60 -28.98
C PRO B 662 -17.93 -9.01 -30.36
N THR B 663 -17.08 -8.81 -31.37
CA THR B 663 -17.37 -9.28 -32.69
C THR B 663 -16.75 -10.67 -32.82
N SER B 664 -17.64 -11.64 -33.04
CA SER B 664 -17.32 -13.02 -32.85
C SER B 664 -16.39 -13.45 -33.93
N GLY B 665 -15.24 -14.02 -33.58
CA GLY B 665 -14.22 -14.29 -34.60
C GLY B 665 -12.86 -14.70 -34.09
N PHE B 666 -11.87 -14.69 -34.99
CA PHE B 666 -10.51 -15.20 -34.70
C PHE B 666 -9.38 -14.21 -35.02
N HIS B 667 -8.47 -14.00 -34.07
CA HIS B 667 -7.39 -13.02 -34.22
C HIS B 667 -6.00 -13.69 -34.13
N VAL B 668 -5.13 -13.32 -35.04
CA VAL B 668 -3.78 -13.84 -35.16
C VAL B 668 -2.78 -12.72 -34.75
N ASN B 669 -3.25 -11.48 -34.62
CA ASN B 669 -2.46 -10.38 -34.07
C ASN B 669 -2.57 -10.31 -32.57
N PRO B 670 -1.58 -9.72 -31.92
CA PRO B 670 -1.58 -9.70 -30.46
C PRO B 670 -2.73 -8.97 -29.87
N VAL B 671 -3.24 -9.48 -28.75
CA VAL B 671 -4.29 -8.79 -28.00
C VAL B 671 -3.87 -8.61 -26.54
N VAL B 672 -3.68 -7.34 -26.12
CA VAL B 672 -3.37 -6.99 -24.71
C VAL B 672 -4.62 -6.88 -23.85
N VAL B 673 -4.51 -7.37 -22.63
CA VAL B 673 -5.65 -7.42 -21.74
C VAL B 673 -5.45 -6.47 -20.56
N PHE B 674 -6.42 -5.60 -20.37
CA PHE B 674 -6.32 -4.58 -19.33
C PHE B 674 -7.35 -4.89 -18.31
N ASP B 675 -6.93 -4.99 -17.07
CA ASP B 675 -7.87 -5.34 -16.01
C ASP B 675 -7.75 -4.45 -14.79
N PHE B 676 -8.90 -4.18 -14.16
CA PHE B 676 -8.96 -3.43 -12.90
C PHE B 676 -8.76 -4.34 -11.72
N ALA B 677 -7.80 -4.01 -10.87
CA ALA B 677 -7.60 -4.69 -9.60
C ALA B 677 -8.72 -4.24 -8.67
N SER B 678 -9.61 -5.17 -8.34
CA SER B 678 -10.62 -4.94 -7.33
C SER B 678 -11.42 -3.76 -7.72
N LEU B 679 -12.06 -3.87 -8.85
CA LEU B 679 -12.79 -2.76 -9.38
C LEU B 679 -13.84 -2.32 -8.37
N TYR B 680 -14.65 -3.24 -7.84
CA TYR B 680 -15.77 -2.74 -7.02
C TYR B 680 -15.36 -2.19 -5.65
N PRO B 681 -14.63 -2.97 -4.87
CA PRO B 681 -14.07 -2.36 -3.66
C PRO B 681 -13.40 -0.99 -3.85
N SER B 682 -12.68 -0.83 -4.96
CA SER B 682 -11.95 0.40 -5.22
C SER B 682 -12.88 1.54 -5.66
N ILE B 683 -13.96 1.19 -6.36
CA ILE B 683 -14.98 2.19 -6.65
C ILE B 683 -15.54 2.77 -5.35
N ILE B 684 -15.91 1.89 -4.42
CA ILE B 684 -16.50 2.35 -3.14
C ILE B 684 -15.54 3.30 -2.42
N GLN B 685 -14.27 2.95 -2.44
CA GLN B 685 -13.23 3.79 -1.79
C GLN B 685 -12.94 5.07 -2.56
N ALA B 686 -12.64 4.96 -3.84
CA ALA B 686 -12.32 6.18 -4.60
C ALA B 686 -13.47 7.21 -4.60
N HIS B 687 -14.74 6.77 -4.66
CA HIS B 687 -15.92 7.69 -4.67
C HIS B 687 -16.74 7.68 -3.36
N ASN B 688 -16.14 7.22 -2.27
CA ASN B 688 -16.71 7.40 -0.95
C ASN B 688 -18.19 7.02 -0.82
N LEU B 689 -18.59 5.92 -1.46
CA LEU B 689 -19.99 5.49 -1.48
C LEU B 689 -20.36 4.85 -0.15
N CYS B 690 -21.59 5.11 0.29
CA CYS B 690 -22.07 4.51 1.54
C CYS B 690 -23.57 4.77 1.66
N PHE B 691 -24.23 3.97 2.48
CA PHE B 691 -25.51 4.38 3.04
C PHE B 691 -25.46 5.82 3.58
N SER B 692 -24.45 6.15 4.40
CA SER B 692 -24.36 7.44 5.13
C SER B 692 -23.91 8.66 4.29
N THR B 693 -23.48 8.39 3.06
CA THR B 693 -22.86 9.34 2.18
C THR B 693 -23.83 9.75 1.06
N LEU B 694 -24.95 9.01 0.97
CA LEU B 694 -25.84 9.05 -0.22
C LEU B 694 -26.90 10.06 0.01
N SER B 695 -27.43 10.64 -1.06
CA SER B 695 -28.73 11.24 -0.94
C SER B 695 -29.55 11.19 -2.19
N LEU B 696 -30.85 11.33 -2.00
CA LEU B 696 -31.77 11.35 -3.11
C LEU B 696 -32.16 12.75 -3.51
N ARG B 697 -31.75 13.76 -2.71
CA ARG B 697 -32.36 15.09 -2.74
C ARG B 697 -31.39 16.26 -2.74
N ALA B 698 -31.42 17.05 -3.82
CA ALA B 698 -30.63 18.29 -3.94
C ALA B 698 -30.76 19.25 -2.72
N ASP B 699 -31.93 19.25 -2.08
CA ASP B 699 -32.09 19.76 -0.71
C ASP B 699 -30.78 19.71 0.08
N ALA B 700 -30.47 18.50 0.55
CA ALA B 700 -29.52 18.31 1.62
C ALA B 700 -28.08 18.57 1.16
N VAL B 701 -27.86 18.52 -0.15
CA VAL B 701 -26.54 18.73 -0.74
C VAL B 701 -26.50 19.94 -1.63
N ALA B 702 -26.96 19.76 -2.87
CA ALA B 702 -26.72 20.69 -4.00
C ALA B 702 -26.58 22.06 -3.44
N HIS B 703 -27.44 22.33 -2.46
CA HIS B 703 -27.51 23.63 -1.86
C HIS B 703 -26.29 23.88 -0.94
N LEU B 704 -26.23 23.28 0.24
CA LEU B 704 -25.08 23.47 1.10
C LEU B 704 -23.75 23.51 0.32
N GLU B 705 -23.59 22.64 -0.68
CA GLU B 705 -22.25 22.25 -1.20
C GLU B 705 -21.85 22.64 -2.61
N ALA B 706 -20.53 22.68 -2.84
CA ALA B 706 -19.97 22.98 -4.16
C ALA B 706 -20.24 21.83 -5.14
N GLY B 707 -20.98 22.13 -6.19
CA GLY B 707 -21.67 21.14 -7.00
C GLY B 707 -20.81 20.10 -7.62
N LYS B 708 -19.50 20.19 -7.42
CA LYS B 708 -18.58 19.07 -7.70
C LYS B 708 -17.44 19.29 -6.71
N ASP B 709 -16.45 18.41 -6.70
CA ASP B 709 -15.32 18.57 -5.76
C ASP B 709 -15.76 18.39 -4.28
N TYR B 710 -17.04 18.11 -4.14
CA TYR B 710 -17.72 18.11 -2.86
C TYR B 710 -18.77 17.02 -2.84
N LEU B 711 -19.64 16.99 -3.85
CA LEU B 711 -20.67 15.99 -4.03
C LEU B 711 -20.34 15.17 -5.30
N GLU B 712 -21.36 14.59 -5.92
CA GLU B 712 -21.17 13.68 -7.01
C GLU B 712 -22.56 13.37 -7.52
N ILE B 713 -22.99 14.03 -8.60
CA ILE B 713 -24.27 13.71 -9.23
C ILE B 713 -23.95 12.55 -10.12
N GLU B 714 -24.86 11.59 -10.19
CA GLU B 714 -24.73 10.47 -11.11
C GLU B 714 -26.13 9.87 -11.26
N VAL B 715 -26.47 9.37 -12.44
CA VAL B 715 -27.77 8.74 -12.63
C VAL B 715 -27.69 7.21 -12.76
N GLY B 716 -28.36 6.48 -11.87
CA GLY B 716 -28.69 5.08 -12.10
C GLY B 716 -30.19 5.02 -12.20
N GLY B 717 -30.73 5.22 -13.39
CA GLY B 717 -32.17 5.54 -13.56
C GLY B 717 -32.45 6.99 -13.16
N ARG B 718 -32.51 7.25 -11.84
CA ARG B 718 -32.77 8.59 -11.26
C ARG B 718 -31.50 9.36 -10.81
N ARG B 719 -31.67 10.60 -10.30
CA ARG B 719 -30.55 11.48 -9.88
C ARG B 719 -30.05 11.08 -8.47
N LEU B 720 -28.74 10.90 -8.30
CA LEU B 720 -28.14 10.48 -7.01
C LEU B 720 -26.90 11.31 -6.62
N PHE B 721 -26.72 11.50 -5.32
CA PHE B 721 -25.61 12.32 -4.79
C PHE B 721 -24.78 11.59 -3.73
N PHE B 722 -23.47 11.72 -3.83
CA PHE B 722 -22.58 11.10 -2.84
C PHE B 722 -21.52 12.09 -2.42
N VAL B 723 -21.54 12.41 -1.15
CA VAL B 723 -20.63 13.38 -0.63
C VAL B 723 -19.23 12.78 -0.52
N LYS B 724 -18.23 13.63 -0.71
CA LYS B 724 -16.84 13.23 -0.55
C LYS B 724 -16.32 13.10 0.92
N ALA B 725 -15.17 12.42 1.03
CA ALA B 725 -14.61 12.04 2.32
C ALA B 725 -14.34 13.21 3.29
N HIS B 726 -14.21 14.42 2.78
CA HIS B 726 -13.93 15.55 3.65
C HIS B 726 -15.22 16.19 4.13
N VAL B 727 -16.34 15.95 3.47
CA VAL B 727 -17.64 16.28 4.04
C VAL B 727 -17.93 15.16 5.07
N ARG B 728 -17.89 13.91 4.62
CA ARG B 728 -18.17 12.80 5.49
C ARG B 728 -17.67 11.51 4.90
N GLU B 729 -17.00 10.70 5.72
CA GLU B 729 -16.47 9.41 5.28
C GLU B 729 -17.51 8.30 5.33
N SER B 730 -17.66 7.65 4.19
CA SER B 730 -18.31 6.37 4.01
C SER B 730 -17.81 5.29 4.97
N LEU B 731 -18.74 4.65 5.65
CA LEU B 731 -18.38 3.57 6.55
C LEU B 731 -17.74 2.41 5.74
N LEU B 732 -18.26 2.15 4.56
CA LEU B 732 -17.79 0.99 3.81
C LEU B 732 -16.40 1.23 3.26
N SER B 733 -16.12 2.49 2.99
CA SER B 733 -14.79 2.88 2.59
C SER B 733 -13.82 2.68 3.73
N ILE B 734 -14.17 3.13 4.92
CA ILE B 734 -13.26 2.97 6.04
C ILE B 734 -13.01 1.49 6.30
N LEU B 735 -14.05 0.66 6.22
CA LEU B 735 -13.84 -0.76 6.43
C LEU B 735 -12.79 -1.29 5.42
N LEU B 736 -13.00 -0.98 4.14
CA LEU B 736 -12.15 -1.51 3.09
C LEU B 736 -10.74 -1.02 3.28
N ARG B 737 -10.61 0.25 3.59
CA ARG B 737 -9.30 0.84 3.67
C ARG B 737 -8.54 0.22 4.80
N ASP B 738 -9.16 0.13 5.98
CA ASP B 738 -8.53 -0.61 7.08
C ASP B 738 -8.17 -2.06 6.73
N TRP B 739 -9.10 -2.77 6.13
CA TRP B 739 -8.84 -4.14 5.67
C TRP B 739 -7.59 -4.27 4.75
N LEU B 740 -7.52 -3.44 3.72
CA LEU B 740 -6.39 -3.46 2.83
C LEU B 740 -5.09 -3.06 3.53
N ALA B 741 -5.16 -2.08 4.41
CA ALA B 741 -3.97 -1.64 5.12
C ALA B 741 -3.50 -2.78 6.05
N MET B 742 -4.42 -3.53 6.59
CA MET B 742 -4.05 -4.64 7.46
C MET B 742 -3.48 -5.78 6.64
N ARG B 743 -4.15 -6.08 5.55
CA ARG B 743 -3.71 -7.11 4.65
C ARG B 743 -2.32 -6.83 4.13
N LYS B 744 -1.96 -5.57 3.96
CA LYS B 744 -0.65 -5.22 3.45
C LYS B 744 0.40 -5.44 4.53
N GLN B 745 0.14 -4.90 5.71
CA GLN B 745 0.97 -5.07 6.90
C GLN B 745 1.25 -6.59 7.18
N ILE B 746 0.23 -7.44 7.11
CA ILE B 746 0.52 -8.82 7.47
C ILE B 746 1.43 -9.43 6.41
N ARG B 747 1.15 -9.18 5.15
CA ARG B 747 1.93 -9.82 4.11
C ARG B 747 3.39 -9.36 4.16
N SER B 748 3.65 -8.15 4.61
CA SER B 748 5.04 -7.70 4.71
C SER B 748 5.80 -8.42 5.81
N ARG B 749 5.10 -9.14 6.69
CA ARG B 749 5.74 -9.80 7.82
C ARG B 749 5.89 -11.31 7.66
N ILE B 750 5.15 -11.90 6.71
CA ILE B 750 5.16 -13.35 6.57
C ILE B 750 6.58 -13.90 6.48
N PRO B 751 7.38 -13.38 5.54
CA PRO B 751 8.67 -13.98 5.28
C PRO B 751 9.61 -14.02 6.48
N GLN B 752 9.57 -13.05 7.37
CA GLN B 752 10.50 -13.06 8.53
C GLN B 752 9.95 -13.84 9.76
N SER B 753 8.73 -14.37 9.61
CA SER B 753 8.02 -15.02 10.68
C SER B 753 8.41 -16.48 10.77
N SER B 754 8.10 -17.05 11.92
CA SER B 754 8.30 -18.43 12.14
C SER B 754 7.33 -19.18 11.23
N PRO B 755 7.59 -20.47 10.99
CA PRO B 755 6.63 -21.33 10.31
C PRO B 755 5.26 -21.28 10.96
N GLU B 756 5.23 -21.36 12.29
CA GLU B 756 3.96 -21.34 13.05
C GLU B 756 3.18 -20.03 12.82
N GLU B 757 3.87 -18.90 12.97
CA GLU B 757 3.26 -17.60 12.81
C GLU B 757 2.88 -17.33 11.38
N ALA B 758 3.69 -17.83 10.45
CA ALA B 758 3.47 -17.60 9.03
C ALA B 758 2.13 -18.22 8.60
N VAL B 759 1.83 -19.40 9.11
CA VAL B 759 0.63 -20.13 8.76
C VAL B 759 -0.62 -19.36 9.19
N LEU B 760 -0.66 -18.92 10.45
CA LEU B 760 -1.79 -18.15 10.95
C LEU B 760 -2.00 -16.87 10.15
N LEU B 761 -0.87 -16.20 9.89
CA LEU B 761 -0.82 -14.95 9.16
C LEU B 761 -1.37 -15.15 7.76
N ASP B 762 -1.08 -16.29 7.15
CA ASP B 762 -1.46 -16.49 5.76
C ASP B 762 -2.95 -16.79 5.60
N LYS B 763 -3.51 -17.42 6.61
CA LYS B 763 -4.94 -17.60 6.68
C LYS B 763 -5.69 -16.27 6.93
N GLN B 764 -5.13 -15.48 7.83
CA GLN B 764 -5.65 -14.12 8.11
C GLN B 764 -5.81 -13.33 6.80
N GLN B 765 -4.70 -13.13 6.06
CA GLN B 765 -4.79 -12.26 4.89
C GLN B 765 -5.64 -12.92 3.80
N ALA B 766 -5.64 -14.23 3.70
CA ALA B 766 -6.60 -14.86 2.80
C ALA B 766 -8.06 -14.45 3.24
N ALA B 767 -8.35 -14.46 4.53
CA ALA B 767 -9.72 -14.14 5.00
C ALA B 767 -10.14 -12.69 4.66
N ILE B 768 -9.22 -11.76 4.87
CA ILE B 768 -9.46 -10.35 4.60
C ILE B 768 -9.88 -10.13 3.16
N LYS B 769 -9.19 -10.78 2.23
CA LYS B 769 -9.53 -10.69 0.79
C LYS B 769 -10.98 -11.12 0.52
N VAL B 770 -11.36 -12.20 1.21
CA VAL B 770 -12.66 -12.76 1.01
C VAL B 770 -13.67 -11.75 1.49
N VAL B 771 -13.53 -11.17 2.69
CA VAL B 771 -14.60 -10.24 3.11
C VAL B 771 -14.59 -8.96 2.27
N CYS B 772 -13.42 -8.47 1.89
CA CYS B 772 -13.35 -7.24 1.09
C CYS B 772 -14.14 -7.43 -0.16
N ASN B 773 -14.08 -8.61 -0.75
CA ASN B 773 -14.78 -8.84 -2.00
C ASN B 773 -16.28 -9.10 -1.83
N SER B 774 -16.73 -8.98 -0.60
CA SER B 774 -18.05 -9.37 -0.23
C SER B 774 -18.91 -8.16 -0.07
N VAL B 775 -18.29 -7.06 0.33
CA VAL B 775 -18.93 -5.78 0.54
C VAL B 775 -19.95 -5.38 -0.53
N TYR B 776 -19.52 -5.49 -1.79
CA TYR B 776 -20.33 -5.02 -2.91
C TYR B 776 -21.61 -5.80 -2.94
N GLY B 777 -21.53 -7.11 -2.71
CA GLY B 777 -22.67 -7.99 -2.78
C GLY B 777 -23.62 -7.75 -1.63
N PHE B 778 -23.05 -7.42 -0.46
CA PHE B 778 -23.85 -7.19 0.78
C PHE B 778 -24.87 -6.10 0.54
N THR B 779 -24.42 -5.20 -0.31
CA THR B 779 -25.08 -3.99 -0.68
C THR B 779 -26.27 -4.30 -1.57
N GLY B 780 -26.06 -5.26 -2.47
CA GLY B 780 -27.01 -5.59 -3.49
C GLY B 780 -28.04 -6.61 -3.09
N VAL B 781 -27.85 -7.31 -1.98
CA VAL B 781 -28.75 -8.40 -1.64
C VAL B 781 -30.11 -7.83 -1.27
N GLN B 782 -31.13 -8.09 -2.10
CA GLN B 782 -32.47 -7.51 -1.83
C GLN B 782 -33.18 -8.34 -0.73
N HIS B 783 -33.73 -7.61 0.24
CA HIS B 783 -34.27 -8.20 1.48
C HIS B 783 -33.17 -8.90 2.25
N GLY B 784 -31.93 -8.44 2.05
CA GLY B 784 -30.78 -8.95 2.79
C GLY B 784 -30.69 -8.20 4.11
N LEU B 785 -29.63 -8.45 4.85
CA LEU B 785 -29.34 -7.61 5.98
C LEU B 785 -28.88 -6.27 5.37
N LEU B 786 -29.31 -5.20 5.99
CA LEU B 786 -28.94 -3.86 5.55
C LEU B 786 -28.65 -3.58 4.03
N PRO B 787 -29.64 -3.83 3.16
CA PRO B 787 -29.39 -3.58 1.76
C PRO B 787 -29.45 -2.10 1.39
N CYS B 788 -28.79 -1.75 0.29
CA CYS B 788 -28.96 -0.45 -0.34
C CYS B 788 -28.61 -0.51 -1.81
N LEU B 789 -29.60 -0.84 -2.63
CA LEU B 789 -29.33 -1.16 -4.03
C LEU B 789 -28.81 0.06 -4.79
N HIS B 790 -29.12 1.22 -4.28
CA HIS B 790 -28.59 2.43 -4.85
C HIS B 790 -27.08 2.35 -4.86
N VAL B 791 -26.50 2.00 -3.71
CA VAL B 791 -25.04 1.84 -3.63
C VAL B 791 -24.55 0.77 -4.60
N ALA B 792 -25.29 -0.33 -4.72
CA ALA B 792 -24.96 -1.37 -5.70
C ALA B 792 -24.96 -0.78 -7.11
N ALA B 793 -26.11 -0.24 -7.48
CA ALA B 793 -26.32 0.30 -8.81
C ALA B 793 -25.28 1.34 -9.22
N THR B 794 -24.93 2.25 -8.32
CA THR B 794 -23.88 3.23 -8.60
C THR B 794 -22.54 2.57 -8.93
N VAL B 795 -22.17 1.56 -8.14
CA VAL B 795 -20.90 0.83 -8.37
C VAL B 795 -20.83 0.21 -9.77
N THR B 796 -21.91 -0.42 -10.23
CA THR B 796 -21.91 -1.01 -11.56
C THR B 796 -21.98 0.06 -12.65
N THR B 797 -22.64 1.17 -12.38
CA THR B 797 -22.66 2.26 -13.33
C THR B 797 -21.31 2.94 -13.42
N ILE B 798 -20.71 3.31 -12.31
CA ILE B 798 -19.39 3.91 -12.40
C ILE B 798 -18.41 2.93 -13.15
N GLY B 799 -18.54 1.64 -12.91
CA GLY B 799 -17.71 0.64 -13.59
C GLY B 799 -17.91 0.61 -15.12
N ARG B 800 -19.15 0.58 -15.56
CA ARG B 800 -19.46 0.78 -16.96
C ARG B 800 -18.70 2.02 -17.54
N GLU B 801 -18.79 3.16 -16.84
CA GLU B 801 -18.17 4.39 -17.33
C GLU B 801 -16.66 4.24 -17.45
N MET B 802 -16.04 3.69 -16.42
CA MET B 802 -14.61 3.59 -16.40
C MET B 802 -14.11 2.75 -17.57
N LEU B 803 -14.90 1.77 -18.03
CA LEU B 803 -14.48 0.92 -19.13
C LEU B 803 -14.55 1.70 -20.41
N LEU B 804 -15.72 2.27 -20.70
CA LEU B 804 -15.89 3.19 -21.84
C LEU B 804 -14.91 4.38 -21.88
N ALA B 805 -14.52 4.90 -20.71
CA ALA B 805 -13.53 5.98 -20.68
C ALA B 805 -12.15 5.41 -21.07
N THR B 806 -11.88 4.16 -20.68
CA THR B 806 -10.61 3.54 -21.02
C THR B 806 -10.55 3.20 -22.51
N ARG B 807 -11.68 2.82 -23.09
CA ARG B 807 -11.74 2.55 -24.50
C ARG B 807 -11.42 3.89 -25.17
N GLU B 808 -12.28 4.85 -24.92
CA GLU B 808 -12.14 6.15 -25.50
C GLU B 808 -10.71 6.72 -25.34
N TYR B 809 -10.10 6.57 -24.17
CA TYR B 809 -8.75 7.09 -23.98
C TYR B 809 -7.74 6.42 -24.92
N VAL B 810 -7.69 5.10 -24.94
CA VAL B 810 -6.77 4.38 -25.82
C VAL B 810 -6.99 4.83 -27.28
N HIS B 811 -8.25 4.81 -27.73
CA HIS B 811 -8.55 5.24 -29.12
C HIS B 811 -8.18 6.71 -29.42
N ALA B 812 -8.27 7.54 -28.41
CA ALA B 812 -7.93 8.94 -28.58
C ALA B 812 -6.42 9.09 -28.66
N ARG B 813 -5.71 8.57 -27.66
CA ARG B 813 -4.30 8.93 -27.53
C ARG B 813 -3.39 8.23 -28.52
N TRP B 814 -3.70 6.96 -28.79
CA TRP B 814 -2.80 6.07 -29.48
C TRP B 814 -3.41 5.63 -30.80
N ALA B 815 -4.34 6.45 -31.28
CA ALA B 815 -4.83 6.32 -32.64
C ALA B 815 -3.68 5.94 -33.56
N ALA B 816 -2.56 6.67 -33.49
CA ALA B 816 -1.39 6.45 -34.38
C ALA B 816 -0.10 6.09 -33.62
N PHE B 817 0.78 5.30 -34.25
CA PHE B 817 2.06 4.90 -33.66
C PHE B 817 2.89 6.05 -33.11
N GLU B 818 3.05 7.12 -33.89
CA GLU B 818 3.81 8.30 -33.46
C GLU B 818 3.59 8.60 -31.98
N GLN B 819 2.33 8.77 -31.58
CA GLN B 819 2.03 9.07 -30.19
C GLN B 819 2.48 7.95 -29.27
N LEU B 820 2.16 6.73 -29.65
CA LEU B 820 2.54 5.60 -28.84
C LEU B 820 4.04 5.64 -28.57
N LEU B 821 4.82 5.94 -29.61
CA LEU B 821 6.27 5.95 -29.51
C LEU B 821 6.73 7.12 -28.64
N ALA B 822 5.90 8.15 -28.58
CA ALA B 822 6.21 9.32 -27.79
C ALA B 822 6.08 8.97 -26.30
N ASP B 823 4.98 8.34 -25.90
CA ASP B 823 4.83 7.95 -24.51
C ASP B 823 5.70 6.76 -24.13
N PHE B 824 6.16 6.00 -25.12
CA PHE B 824 6.82 4.73 -24.85
C PHE B 824 7.91 4.43 -25.86
N PRO B 825 9.12 4.96 -25.59
CA PRO B 825 10.26 4.70 -26.49
C PRO B 825 10.82 3.26 -26.46
N GLU B 826 10.01 2.28 -26.06
CA GLU B 826 10.34 0.86 -26.25
C GLU B 826 9.56 0.29 -27.43
N ALA B 827 8.47 0.96 -27.82
CA ALA B 827 7.74 0.61 -29.02
C ALA B 827 8.64 0.65 -30.30
N ALA B 828 9.78 1.35 -30.21
CA ALA B 828 10.80 1.33 -31.25
C ALA B 828 11.10 -0.08 -31.72
N ASP B 829 11.32 -1.05 -30.83
CA ASP B 829 11.48 -2.42 -31.35
C ASP B 829 10.34 -3.36 -31.04
N MET B 830 9.13 -2.84 -31.02
CA MET B 830 7.94 -3.70 -31.02
C MET B 830 7.12 -3.54 -32.28
N ARG B 831 7.63 -2.75 -33.24
CA ARG B 831 6.92 -2.50 -34.48
C ARG B 831 7.07 -3.69 -35.45
N ALA B 832 5.96 -4.36 -35.76
CA ALA B 832 5.94 -5.46 -36.74
C ALA B 832 5.48 -4.91 -38.08
N PRO B 833 5.61 -5.72 -39.16
CA PRO B 833 5.38 -5.35 -40.56
C PRO B 833 4.14 -4.52 -40.94
N GLY B 834 2.94 -5.00 -40.59
CA GLY B 834 1.71 -4.45 -41.15
C GLY B 834 1.46 -2.97 -40.90
N PRO B 835 0.24 -2.52 -41.23
CA PRO B 835 -0.17 -1.21 -40.75
C PRO B 835 -0.55 -1.35 -39.29
N TYR B 836 -0.45 -0.26 -38.55
CA TYR B 836 -0.72 -0.21 -37.11
C TYR B 836 -2.10 0.35 -36.81
N SER B 837 -2.93 -0.39 -36.07
CA SER B 837 -4.11 0.18 -35.47
C SER B 837 -4.20 -0.45 -34.13
N MET B 838 -4.85 0.24 -33.19
CA MET B 838 -4.93 -0.20 -31.80
C MET B 838 -6.34 -0.02 -31.29
N ARG B 839 -7.13 -1.08 -31.34
CA ARG B 839 -8.58 -1.04 -31.13
C ARG B 839 -9.08 -1.95 -30.03
N ILE B 840 -10.01 -1.47 -29.21
CA ILE B 840 -10.66 -2.30 -28.19
C ILE B 840 -11.65 -3.16 -28.93
N ILE B 841 -11.59 -4.45 -28.68
CA ILE B 841 -12.51 -5.38 -29.33
C ILE B 841 -13.35 -6.24 -28.36
N TYR B 842 -13.10 -6.11 -27.06
CA TYR B 842 -13.85 -6.86 -26.04
C TYR B 842 -13.76 -6.17 -24.69
N GLY B 843 -14.90 -6.07 -24.04
CA GLY B 843 -14.98 -5.57 -22.66
C GLY B 843 -15.87 -6.51 -21.87
N ASP B 844 -15.77 -6.45 -20.55
CA ASP B 844 -16.74 -7.16 -19.74
C ASP B 844 -16.92 -6.38 -18.46
N THR B 845 -16.76 -6.96 -17.28
CA THR B 845 -17.06 -6.23 -16.07
C THR B 845 -15.89 -5.42 -15.58
N ASP B 846 -14.70 -5.94 -15.74
CA ASP B 846 -13.53 -5.25 -15.25
C ASP B 846 -12.34 -5.35 -16.16
N SER B 847 -12.51 -5.90 -17.35
CA SER B 847 -11.42 -6.01 -18.24
C SER B 847 -11.82 -5.58 -19.64
N ILE B 848 -10.79 -5.21 -20.41
CA ILE B 848 -10.90 -4.79 -21.80
C ILE B 848 -9.81 -5.49 -22.63
N PHE B 849 -10.18 -6.05 -23.77
CA PHE B 849 -9.19 -6.63 -24.67
C PHE B 849 -8.84 -5.62 -25.77
N VAL B 850 -7.55 -5.36 -25.98
CA VAL B 850 -7.14 -4.37 -26.96
C VAL B 850 -6.32 -5.09 -28.08
N LEU B 851 -6.87 -5.10 -29.29
CA LEU B 851 -6.19 -5.71 -30.44
C LEU B 851 -5.07 -4.81 -30.97
N CYS B 852 -3.87 -5.32 -31.16
CA CYS B 852 -2.78 -4.48 -31.63
C CYS B 852 -2.25 -4.84 -33.02
N ARG B 853 -2.90 -4.40 -34.08
CA ARG B 853 -2.36 -4.63 -35.39
C ARG B 853 -1.09 -3.80 -35.51
N GLY B 854 0.01 -4.43 -35.91
CA GLY B 854 1.26 -3.73 -36.14
C GLY B 854 2.29 -3.75 -35.02
N LEU B 855 2.01 -4.47 -33.93
CA LEU B 855 3.00 -4.70 -32.86
C LEU B 855 3.30 -6.17 -32.65
N THR B 856 4.54 -6.44 -32.25
CA THR B 856 4.95 -7.80 -31.90
C THR B 856 4.37 -8.15 -30.55
N ALA B 857 4.15 -9.43 -30.31
CA ALA B 857 3.71 -9.88 -28.97
C ALA B 857 4.86 -9.74 -28.00
N ALA B 858 6.09 -9.79 -28.52
CA ALA B 858 7.35 -9.68 -27.79
C ALA B 858 7.32 -8.92 -26.47
N GLY B 859 7.39 -7.59 -26.52
CA GLY B 859 7.47 -6.85 -25.27
C GLY B 859 6.16 -6.30 -24.76
N LEU B 860 5.05 -6.84 -25.25
CA LEU B 860 3.80 -6.10 -25.28
C LEU B 860 3.09 -6.04 -23.95
N THR B 861 3.31 -7.03 -23.09
CA THR B 861 2.61 -7.07 -21.83
C THR B 861 3.32 -6.12 -20.93
N ALA B 862 4.64 -6.03 -21.07
CA ALA B 862 5.44 -5.16 -20.18
C ALA B 862 5.02 -3.74 -20.43
N MET B 863 4.91 -3.41 -21.71
CA MET B 863 4.53 -2.08 -22.11
C MET B 863 3.05 -1.83 -21.88
N GLY B 864 2.25 -2.87 -22.03
CA GLY B 864 0.84 -2.78 -21.69
C GLY B 864 0.65 -2.33 -20.25
N ASP B 865 1.55 -2.75 -19.37
CA ASP B 865 1.46 -2.32 -17.98
C ASP B 865 1.77 -0.82 -17.78
N LYS B 866 2.78 -0.32 -18.51
CA LYS B 866 3.10 1.11 -18.45
C LYS B 866 1.93 1.94 -18.98
N MET B 867 1.23 1.42 -20.00
CA MET B 867 -0.01 2.01 -20.51
C MET B 867 -1.15 2.01 -19.47
N ALA B 868 -1.33 0.86 -18.84
CA ALA B 868 -2.37 0.70 -17.89
C ALA B 868 -2.15 1.77 -16.84
N SER B 869 -0.98 1.79 -16.25
CA SER B 869 -0.70 2.71 -15.14
C SER B 869 -0.65 4.13 -15.60
N HIS B 870 -0.28 4.35 -16.85
CA HIS B 870 -0.41 5.67 -17.43
C HIS B 870 -1.89 6.06 -17.49
N ILE B 871 -2.75 5.18 -18.01
CA ILE B 871 -4.18 5.51 -18.09
C ILE B 871 -4.74 5.75 -16.71
N SER B 872 -4.31 4.95 -15.74
CA SER B 872 -4.77 5.10 -14.34
C SER B 872 -4.55 6.49 -13.77
N ARG B 873 -3.30 6.97 -13.85
CA ARG B 873 -2.86 8.25 -13.29
C ARG B 873 -3.66 9.36 -13.95
N ALA B 874 -4.11 9.10 -15.18
CA ALA B 874 -4.77 10.09 -15.99
C ALA B 874 -6.29 10.15 -15.79
N LEU B 875 -6.93 9.07 -15.40
CA LEU B 875 -8.38 9.12 -15.38
C LEU B 875 -9.00 8.87 -14.02
N PHE B 876 -8.31 8.17 -13.14
CA PHE B 876 -8.94 7.52 -11.99
C PHE B 876 -8.31 7.87 -10.64
N LEU B 877 -9.14 8.00 -9.59
CA LEU B 877 -8.65 8.30 -8.26
C LEU B 877 -8.15 7.03 -7.61
N PRO B 878 -6.96 7.07 -6.99
CA PRO B 878 -6.55 5.89 -6.23
C PRO B 878 -7.59 5.66 -5.13
N PRO B 879 -7.82 4.39 -4.77
CA PRO B 879 -7.00 3.23 -5.10
C PRO B 879 -7.37 2.45 -6.39
N ILE B 880 -8.20 3.03 -7.26
CA ILE B 880 -8.45 2.39 -8.57
C ILE B 880 -7.11 2.16 -9.26
N LYS B 881 -6.98 1.04 -9.95
CA LYS B 881 -5.69 0.66 -10.53
C LYS B 881 -5.95 -0.30 -11.70
N LEU B 882 -5.73 0.20 -12.91
CA LEU B 882 -5.78 -0.61 -14.12
C LEU B 882 -4.42 -1.33 -14.28
N GLU B 883 -4.44 -2.54 -14.79
CA GLU B 883 -3.21 -3.26 -15.01
C GLU B 883 -3.22 -4.05 -16.31
N CYS B 884 -2.07 -4.60 -16.59
CA CYS B 884 -1.91 -5.53 -17.65
C CYS B 884 -1.12 -6.75 -17.17
N GLU B 885 -1.78 -7.92 -17.18
CA GLU B 885 -1.15 -9.20 -16.87
C GLU B 885 -0.85 -10.09 -18.03
N LYS B 886 -1.44 -9.83 -19.18
CA LYS B 886 -1.64 -10.88 -20.16
C LYS B 886 -1.74 -10.40 -21.59
N THR B 887 -1.06 -11.08 -22.49
CA THR B 887 -1.27 -10.88 -23.92
C THR B 887 -1.60 -12.16 -24.60
N PHE B 888 -2.59 -12.12 -25.48
CA PHE B 888 -2.94 -13.24 -26.34
C PHE B 888 -2.21 -13.15 -27.66
N THR B 889 -1.50 -14.20 -28.03
CA THR B 889 -0.94 -14.29 -29.38
C THR B 889 -2.02 -14.66 -30.40
N LYS B 890 -3.04 -15.40 -29.94
CA LYS B 890 -4.22 -15.77 -30.76
C LYS B 890 -5.48 -15.88 -29.90
N LEU B 891 -6.62 -15.53 -30.44
CA LEU B 891 -7.84 -15.46 -29.66
C LEU B 891 -9.06 -15.69 -30.51
N LEU B 892 -9.84 -16.70 -30.14
CA LEU B 892 -11.19 -16.92 -30.69
C LEU B 892 -12.19 -16.25 -29.74
N LEU B 893 -12.70 -15.10 -30.14
CA LEU B 893 -13.76 -14.45 -29.35
C LEU B 893 -15.06 -15.06 -29.79
N ILE B 894 -15.77 -15.69 -28.86
CA ILE B 894 -16.98 -16.45 -29.20
C ILE B 894 -18.27 -15.69 -28.97
N ALA B 895 -18.35 -15.05 -27.80
CA ALA B 895 -19.54 -14.34 -27.42
C ALA B 895 -19.25 -13.53 -26.17
N LYS B 896 -20.23 -12.70 -25.80
CA LYS B 896 -20.16 -11.86 -24.62
C LYS B 896 -19.12 -12.25 -23.59
N LYS B 897 -19.17 -13.49 -23.14
CA LYS B 897 -18.48 -13.88 -21.93
C LYS B 897 -17.91 -15.25 -22.18
N LYS B 898 -17.52 -15.49 -23.42
CA LYS B 898 -16.88 -16.71 -23.79
C LYS B 898 -15.79 -16.44 -24.86
N TYR B 899 -14.61 -17.04 -24.66
CA TYR B 899 -13.52 -16.99 -25.62
C TYR B 899 -12.50 -18.06 -25.31
N ILE B 900 -11.64 -18.32 -26.26
CA ILE B 900 -10.53 -19.25 -26.08
C ILE B 900 -9.34 -18.53 -26.68
N GLY B 901 -8.20 -18.59 -26.01
CA GLY B 901 -7.00 -18.00 -26.58
C GLY B 901 -5.75 -18.57 -26.04
N VAL B 902 -4.64 -18.26 -26.72
CA VAL B 902 -3.34 -18.64 -26.24
C VAL B 902 -2.55 -17.42 -25.72
N ILE B 903 -2.13 -17.54 -24.46
CA ILE B 903 -1.37 -16.54 -23.70
C ILE B 903 0.08 -16.60 -24.15
N TYR B 904 0.69 -15.44 -24.37
CA TYR B 904 2.10 -15.38 -24.78
C TYR B 904 2.92 -16.22 -23.78
N GLY B 905 3.58 -17.24 -24.33
CA GLY B 905 3.96 -18.44 -23.59
C GLY B 905 3.61 -19.70 -24.43
N GLY B 906 2.33 -19.83 -24.80
CA GLY B 906 1.81 -21.05 -25.44
C GLY B 906 0.67 -21.69 -24.65
N LYS B 907 0.48 -21.31 -23.39
CA LYS B 907 -0.60 -21.85 -22.53
C LYS B 907 -2.01 -21.36 -22.94
N MET B 908 -2.95 -22.27 -23.05
CA MET B 908 -4.29 -21.96 -23.53
C MET B 908 -5.21 -21.60 -22.38
N LEU B 909 -6.20 -20.76 -22.67
CA LEU B 909 -7.10 -20.23 -21.66
C LEU B 909 -8.50 -20.34 -22.20
N ILE B 910 -9.27 -21.30 -21.69
CA ILE B 910 -10.67 -21.47 -22.10
C ILE B 910 -11.52 -20.66 -21.15
N LYS B 911 -12.52 -19.96 -21.64
CA LYS B 911 -13.32 -19.14 -20.77
C LYS B 911 -14.76 -19.05 -21.27
N GLY B 912 -15.70 -19.33 -20.38
CA GLY B 912 -17.12 -19.23 -20.71
C GLY B 912 -17.67 -20.53 -21.25
N VAL B 913 -16.80 -21.46 -21.63
CA VAL B 913 -17.27 -22.64 -22.33
C VAL B 913 -16.57 -23.87 -21.78
N ASP B 914 -17.17 -25.05 -22.01
CA ASP B 914 -16.52 -26.35 -21.81
C ASP B 914 -16.21 -27.07 -23.11
N LEU B 915 -14.96 -27.45 -23.32
CA LEU B 915 -14.62 -28.36 -24.43
C LEU B 915 -14.81 -29.80 -24.02
N VAL B 916 -14.73 -30.09 -22.74
CA VAL B 916 -14.94 -31.45 -22.25
C VAL B 916 -16.29 -31.57 -21.58
N ARG B 917 -17.28 -32.20 -22.20
CA ARG B 917 -18.49 -32.59 -21.46
C ARG B 917 -18.26 -34.02 -20.98
N LYS B 918 -18.58 -34.28 -19.71
CA LYS B 918 -18.46 -35.63 -19.13
C LYS B 918 -19.54 -36.59 -19.65
N ASN B 919 -20.58 -36.04 -20.31
CA ASN B 919 -21.54 -36.85 -21.09
C ASN B 919 -21.12 -37.19 -22.54
N ASN B 920 -19.87 -36.91 -22.90
CA ASN B 920 -19.29 -37.43 -24.13
C ASN B 920 -18.39 -38.62 -23.81
N CYS B 921 -18.11 -39.42 -24.81
CA CYS B 921 -17.09 -40.45 -24.72
C CYS B 921 -15.73 -39.81 -24.89
N ALA B 922 -14.69 -40.55 -24.49
CA ALA B 922 -13.33 -40.12 -24.60
C ALA B 922 -13.02 -39.65 -26.03
N PHE B 923 -13.55 -40.38 -27.03
CA PHE B 923 -13.29 -40.09 -28.43
C PHE B 923 -13.65 -38.68 -28.80
N ILE B 924 -14.88 -38.29 -28.53
CA ILE B 924 -15.38 -36.96 -28.88
C ILE B 924 -14.59 -35.87 -28.19
N ASN B 925 -14.53 -35.94 -26.87
CA ASN B 925 -13.78 -34.99 -26.05
C ASN B 925 -12.39 -34.82 -26.61
N ARG B 926 -11.62 -35.90 -26.66
CA ARG B 926 -10.27 -35.79 -27.19
C ARG B 926 -10.23 -35.21 -28.58
N THR B 927 -11.02 -35.75 -29.48
CA THR B 927 -10.93 -35.33 -30.88
C THR B 927 -11.39 -33.89 -30.98
N SER B 928 -12.53 -33.63 -30.38
CA SER B 928 -13.05 -32.29 -30.34
C SER B 928 -11.96 -31.33 -29.92
N ARG B 929 -11.11 -31.74 -29.00
CA ARG B 929 -10.04 -30.84 -28.56
C ARG B 929 -8.95 -30.78 -29.65
N ALA B 930 -8.61 -31.93 -30.23
CA ALA B 930 -7.65 -31.96 -31.30
C ALA B 930 -8.01 -30.88 -32.31
N LEU B 931 -9.29 -30.72 -32.62
CA LEU B 931 -9.70 -29.71 -33.61
C LEU B 931 -9.38 -28.29 -33.14
N VAL B 932 -9.66 -28.01 -31.86
CA VAL B 932 -9.41 -26.69 -31.35
C VAL B 932 -7.93 -26.41 -31.31
N ASP B 933 -7.14 -27.38 -30.88
CA ASP B 933 -5.70 -27.18 -30.88
C ASP B 933 -5.14 -26.93 -32.31
N LEU B 934 -5.73 -27.55 -33.33
CA LEU B 934 -5.24 -27.36 -34.67
C LEU B 934 -5.37 -25.90 -35.08
N LEU B 935 -6.49 -25.30 -34.70
CA LEU B 935 -6.75 -23.92 -35.03
C LEU B 935 -5.74 -22.98 -34.41
N PHE B 936 -5.26 -23.29 -33.21
CA PHE B 936 -4.41 -22.38 -32.47
C PHE B 936 -2.93 -22.66 -32.65
N TYR B 937 -2.58 -23.90 -32.98
CA TYR B 937 -1.17 -24.29 -32.94
C TYR B 937 -0.50 -24.56 -34.29
N ASP B 938 -1.30 -24.67 -35.34
CA ASP B 938 -0.82 -24.68 -36.70
C ASP B 938 -1.01 -23.31 -37.31
N ASP B 939 0.08 -22.59 -37.47
CA ASP B 939 0.00 -21.21 -37.96
C ASP B 939 -0.81 -21.05 -39.26
N THR B 940 -0.66 -21.99 -40.17
CA THR B 940 -1.35 -21.95 -41.44
C THR B 940 -2.87 -21.94 -41.24
N VAL B 941 -3.35 -22.95 -40.50
CA VAL B 941 -4.74 -23.03 -40.18
C VAL B 941 -5.17 -21.77 -39.48
N SER B 942 -4.28 -21.23 -38.63
CA SER B 942 -4.61 -20.05 -37.85
C SER B 942 -4.81 -18.88 -38.78
N GLY B 943 -3.90 -18.76 -39.75
CA GLY B 943 -3.99 -17.70 -40.76
C GLY B 943 -5.33 -17.77 -41.44
N ALA B 944 -5.66 -18.94 -41.99
CA ALA B 944 -6.92 -19.14 -42.67
C ALA B 944 -8.11 -18.71 -41.81
N ALA B 945 -8.15 -19.20 -40.58
CA ALA B 945 -9.29 -18.90 -39.71
C ALA B 945 -9.46 -17.38 -39.57
N ALA B 946 -8.35 -16.66 -39.34
CA ALA B 946 -8.33 -15.19 -39.31
C ALA B 946 -8.84 -14.58 -40.61
N ALA B 947 -8.52 -15.21 -41.74
CA ALA B 947 -9.01 -14.78 -43.04
C ALA B 947 -10.52 -14.88 -43.15
N LEU B 948 -11.14 -15.81 -42.44
CA LEU B 948 -12.60 -15.99 -42.49
C LEU B 948 -13.40 -14.76 -42.08
N ALA B 949 -12.75 -13.77 -41.45
CA ALA B 949 -13.40 -12.47 -41.16
C ALA B 949 -12.97 -11.35 -42.11
N GLU B 950 -12.38 -11.66 -43.27
CA GLU B 950 -12.20 -10.67 -44.35
C GLU B 950 -13.32 -10.93 -45.37
N ARG B 951 -14.52 -11.20 -44.85
CA ARG B 951 -15.71 -11.56 -45.63
C ARG B 951 -16.85 -12.02 -44.70
N PRO B 952 -18.10 -11.73 -45.08
CA PRO B 952 -19.17 -11.99 -44.13
C PRO B 952 -19.54 -13.43 -44.22
N ALA B 953 -20.11 -13.97 -43.14
CA ALA B 953 -20.37 -15.41 -43.02
C ALA B 953 -21.05 -15.97 -44.27
N GLU B 954 -22.28 -15.52 -44.53
CA GLU B 954 -23.08 -15.96 -45.71
C GLU B 954 -22.36 -15.96 -47.06
N GLU B 955 -21.36 -15.11 -47.24
CA GLU B 955 -20.63 -15.09 -48.51
C GLU B 955 -19.81 -16.36 -48.75
N TRP B 956 -19.47 -17.10 -47.69
CA TRP B 956 -18.54 -18.24 -47.78
C TRP B 956 -19.10 -19.48 -48.47
N LEU B 957 -20.43 -19.55 -48.59
CA LEU B 957 -21.10 -20.58 -49.41
C LEU B 957 -20.72 -20.40 -50.92
N ALA B 958 -20.48 -19.14 -51.31
CA ALA B 958 -20.02 -18.83 -52.65
C ALA B 958 -18.62 -19.39 -52.84
N ARG B 959 -17.63 -18.75 -52.23
CA ARG B 959 -16.23 -19.07 -52.53
C ARG B 959 -15.78 -20.40 -51.88
N PRO B 960 -14.71 -21.00 -52.44
CA PRO B 960 -13.96 -22.02 -51.71
C PRO B 960 -13.40 -21.43 -50.40
N LEU B 961 -13.34 -22.21 -49.34
CA LEU B 961 -12.76 -21.75 -48.09
C LEU B 961 -11.27 -21.47 -48.26
N PRO B 962 -10.72 -20.48 -47.55
CA PRO B 962 -9.29 -20.21 -47.66
C PRO B 962 -8.49 -21.49 -47.49
N GLU B 963 -7.47 -21.70 -48.30
CA GLU B 963 -6.81 -23.01 -48.38
C GLU B 963 -6.28 -23.53 -47.06
N GLY B 964 -5.81 -22.60 -46.23
CA GLY B 964 -5.14 -22.94 -44.98
C GLY B 964 -5.86 -24.01 -44.20
N LEU B 965 -7.19 -23.97 -44.26
CA LEU B 965 -8.01 -24.92 -43.53
C LEU B 965 -7.93 -26.41 -43.98
N GLN B 966 -7.37 -26.71 -45.14
CA GLN B 966 -7.16 -28.10 -45.60
C GLN B 966 -6.96 -29.10 -44.46
N ALA B 967 -6.02 -28.78 -43.57
CA ALA B 967 -5.64 -29.66 -42.46
C ALA B 967 -6.80 -30.14 -41.63
N PHE B 968 -7.89 -29.38 -41.57
CA PHE B 968 -9.09 -29.86 -40.87
C PHE B 968 -9.67 -31.14 -41.47
N GLY B 969 -9.54 -31.30 -42.78
CA GLY B 969 -9.99 -32.55 -43.37
C GLY B 969 -9.24 -33.76 -42.83
N ALA B 970 -7.97 -33.59 -42.45
CA ALA B 970 -7.15 -34.73 -42.08
C ALA B 970 -7.55 -35.18 -40.70
N VAL B 971 -7.90 -34.24 -39.83
CA VAL B 971 -8.25 -34.62 -38.47
C VAL B 971 -9.57 -35.33 -38.46
N LEU B 972 -10.52 -34.85 -39.25
CA LEU B 972 -11.83 -35.51 -39.35
C LEU B 972 -11.75 -36.93 -39.96
N VAL B 973 -10.95 -37.09 -41.00
CA VAL B 973 -10.85 -38.41 -41.65
C VAL B 973 -10.30 -39.45 -40.69
N ASP B 974 -9.23 -39.14 -39.97
CA ASP B 974 -8.72 -40.05 -38.94
C ASP B 974 -9.78 -40.35 -37.90
N ALA B 975 -10.51 -39.33 -37.46
CA ALA B 975 -11.59 -39.51 -36.52
C ALA B 975 -12.45 -40.67 -36.97
N HIS B 976 -12.95 -40.53 -38.21
CA HIS B 976 -13.91 -41.47 -38.82
C HIS B 976 -13.34 -42.84 -38.86
N ARG B 977 -12.09 -42.91 -39.27
CA ARG B 977 -11.42 -44.19 -39.40
C ARG B 977 -11.26 -44.86 -38.04
N ARG B 978 -11.25 -44.04 -36.98
CA ARG B 978 -11.04 -44.54 -35.64
C ARG B 978 -12.30 -45.19 -35.09
N ILE B 979 -13.45 -44.77 -35.61
CA ILE B 979 -14.74 -45.36 -35.32
C ILE B 979 -14.84 -46.70 -36.00
N THR B 980 -14.58 -46.73 -37.30
CA THR B 980 -14.89 -47.91 -38.15
C THR B 980 -13.81 -48.98 -38.13
N ASP B 981 -12.68 -48.72 -37.51
CA ASP B 981 -11.61 -49.73 -37.40
C ASP B 981 -12.07 -50.94 -36.62
N PRO B 982 -12.19 -52.11 -37.29
CA PRO B 982 -12.42 -53.30 -36.46
C PRO B 982 -11.25 -53.42 -35.49
N GLU B 983 -11.55 -53.93 -34.31
CA GLU B 983 -10.59 -53.89 -33.23
C GLU B 983 -10.04 -52.43 -33.10
N ARG B 984 -11.00 -51.53 -32.92
CA ARG B 984 -10.77 -50.27 -32.27
C ARG B 984 -10.85 -50.52 -30.77
N ASP B 985 -10.83 -49.43 -30.01
CA ASP B 985 -10.78 -49.50 -28.56
C ASP B 985 -12.13 -49.08 -27.98
N ILE B 986 -13.01 -50.05 -27.80
CA ILE B 986 -14.39 -49.77 -27.47
C ILE B 986 -14.51 -48.89 -26.25
N GLN B 987 -13.64 -49.11 -25.27
CA GLN B 987 -13.61 -48.24 -24.10
C GLN B 987 -13.74 -46.77 -24.53
N ASP B 988 -12.98 -46.39 -25.53
CA ASP B 988 -12.90 -45.00 -25.99
C ASP B 988 -14.27 -44.33 -26.36
N PHE B 989 -15.27 -45.17 -26.63
CA PHE B 989 -16.57 -44.71 -27.12
C PHE B 989 -17.69 -44.91 -26.09
N VAL B 990 -17.34 -45.43 -24.93
CA VAL B 990 -18.26 -45.67 -23.83
C VAL B 990 -18.82 -44.38 -23.28
N LEU B 991 -20.14 -44.23 -23.34
CA LEU B 991 -20.89 -43.23 -22.57
C LEU B 991 -21.44 -43.84 -21.25
N THR B 992 -21.80 -43.01 -20.29
CA THR B 992 -22.36 -43.50 -19.02
C THR B 992 -23.60 -42.71 -18.66
N ALA B 993 -24.53 -43.32 -17.93
CA ALA B 993 -25.71 -42.60 -17.47
C ALA B 993 -26.10 -43.11 -16.05
N GLU B 994 -26.61 -42.23 -15.21
CA GLU B 994 -26.99 -42.69 -13.91
C GLU B 994 -28.38 -43.31 -13.96
N LEU B 995 -28.57 -44.44 -13.27
CA LEU B 995 -29.86 -45.04 -13.13
C LEU B 995 -30.40 -44.40 -11.87
N SER B 996 -31.02 -43.25 -12.03
CA SER B 996 -31.51 -42.51 -10.86
C SER B 996 -32.72 -43.16 -10.15
N ARG B 997 -33.57 -43.88 -10.89
CA ARG B 997 -34.70 -44.61 -10.29
C ARG B 997 -34.83 -45.96 -10.93
N HIS B 998 -35.79 -46.75 -10.48
CA HIS B 998 -36.12 -47.96 -11.19
C HIS B 998 -36.58 -47.53 -12.58
N PRO B 999 -36.30 -48.33 -13.61
CA PRO B 999 -36.75 -47.98 -14.96
C PRO B 999 -38.23 -47.58 -15.04
N ARG B 1000 -39.10 -48.48 -14.60
CA ARG B 1000 -40.51 -48.26 -14.69
C ARG B 1000 -40.91 -46.92 -14.08
N ALA B 1001 -40.10 -46.38 -13.18
CA ALA B 1001 -40.33 -45.07 -12.53
C ALA B 1001 -39.99 -43.87 -13.41
N TYR B 1002 -39.02 -44.05 -14.33
CA TYR B 1002 -38.66 -43.02 -15.31
C TYR B 1002 -39.87 -42.65 -16.17
N THR B 1003 -40.01 -41.35 -16.39
CA THR B 1003 -41.10 -40.83 -17.19
C THR B 1003 -40.68 -40.89 -18.67
N ASN B 1004 -39.46 -40.45 -18.98
CA ASN B 1004 -38.88 -40.71 -20.30
C ASN B 1004 -38.19 -42.08 -20.28
N LYS B 1005 -38.97 -43.13 -20.57
CA LYS B 1005 -38.50 -44.52 -20.45
C LYS B 1005 -37.77 -45.04 -21.73
N ARG B 1006 -37.44 -44.15 -22.66
CA ARG B 1006 -36.83 -44.56 -23.91
C ARG B 1006 -35.33 -44.22 -23.98
N LEU B 1007 -34.64 -44.26 -22.85
CA LEU B 1007 -33.24 -43.88 -22.78
C LEU B 1007 -32.34 -45.08 -22.93
N ALA B 1008 -31.18 -44.83 -23.52
CA ALA B 1008 -30.19 -45.86 -23.83
C ALA B 1008 -29.90 -46.77 -22.64
N HIS B 1009 -29.53 -46.19 -21.50
CA HIS B 1009 -29.10 -47.01 -20.37
C HIS B 1009 -30.23 -47.91 -19.85
N LEU B 1010 -31.49 -47.58 -20.15
CA LEU B 1010 -32.57 -48.49 -19.80
C LEU B 1010 -32.58 -49.69 -20.75
N THR B 1011 -32.14 -49.50 -21.98
CA THR B 1011 -31.96 -50.63 -22.86
C THR B 1011 -30.91 -51.52 -22.28
N VAL B 1012 -29.80 -50.95 -21.81
CA VAL B 1012 -28.72 -51.81 -21.33
C VAL B 1012 -29.17 -52.55 -20.06
N TYR B 1013 -29.92 -51.87 -19.20
CA TYR B 1013 -30.46 -52.55 -18.01
C TYR B 1013 -31.10 -53.93 -18.37
N TYR B 1014 -31.95 -53.93 -19.40
CA TYR B 1014 -32.73 -55.10 -19.77
C TYR B 1014 -32.01 -56.11 -20.64
N LYS B 1015 -31.00 -55.66 -21.38
CA LYS B 1015 -30.15 -56.59 -22.07
C LYS B 1015 -29.38 -57.40 -21.00
N LEU B 1016 -28.91 -56.72 -19.95
CA LEU B 1016 -28.16 -57.40 -18.89
C LEU B 1016 -29.04 -58.45 -18.18
N MET B 1017 -30.28 -58.07 -17.91
CA MET B 1017 -31.19 -58.95 -17.24
C MET B 1017 -31.53 -60.10 -18.15
N ALA B 1018 -31.74 -59.80 -19.44
CA ALA B 1018 -32.06 -60.84 -20.43
C ALA B 1018 -30.98 -61.93 -20.39
N ARG B 1019 -29.73 -61.49 -20.33
CA ARG B 1019 -28.59 -62.39 -20.36
C ARG B 1019 -28.19 -62.99 -19.01
N ARG B 1020 -28.96 -62.69 -17.96
CA ARG B 1020 -28.57 -63.00 -16.61
C ARG B 1020 -27.15 -62.54 -16.23
N ALA B 1021 -26.77 -61.34 -16.69
CA ALA B 1021 -25.53 -60.69 -16.27
C ALA B 1021 -25.85 -59.98 -14.96
N GLN B 1022 -24.87 -59.28 -14.37
CA GLN B 1022 -25.13 -58.48 -13.14
C GLN B 1022 -26.04 -57.32 -13.56
N VAL B 1023 -27.18 -57.20 -12.90
CA VAL B 1023 -28.11 -56.15 -13.24
C VAL B 1023 -27.70 -54.93 -12.41
N PRO B 1024 -27.69 -53.76 -13.03
CA PRO B 1024 -27.29 -52.60 -12.25
C PRO B 1024 -28.25 -52.28 -11.12
N SER B 1025 -27.70 -51.61 -10.10
CA SER B 1025 -28.46 -51.08 -9.03
C SER B 1025 -28.65 -49.63 -9.19
N ILE B 1026 -29.78 -49.18 -8.66
CA ILE B 1026 -30.21 -47.81 -8.70
C ILE B 1026 -29.11 -47.00 -8.04
N LYS B 1027 -28.62 -46.02 -8.79
CA LYS B 1027 -27.56 -45.08 -8.42
C LYS B 1027 -26.17 -45.48 -8.98
N ASP B 1028 -26.07 -46.70 -9.54
CA ASP B 1028 -24.91 -47.06 -10.37
C ASP B 1028 -24.91 -46.25 -11.66
N ARG B 1029 -23.72 -46.08 -12.22
CA ARG B 1029 -23.61 -45.53 -13.54
C ARG B 1029 -23.61 -46.75 -14.46
N ILE B 1030 -24.42 -46.68 -15.51
CA ILE B 1030 -24.48 -47.73 -16.52
C ILE B 1030 -23.69 -47.29 -17.73
N PRO B 1031 -22.56 -47.94 -17.97
CA PRO B 1031 -21.87 -47.70 -19.20
C PRO B 1031 -22.51 -48.41 -20.42
N TYR B 1032 -22.38 -47.78 -21.59
CA TYR B 1032 -22.95 -48.32 -22.80
C TYR B 1032 -22.26 -47.72 -23.98
N VAL B 1033 -22.44 -48.37 -25.14
CA VAL B 1033 -22.01 -47.83 -26.45
C VAL B 1033 -23.13 -47.98 -27.47
N ILE B 1034 -23.15 -47.15 -28.52
CA ILE B 1034 -24.18 -47.28 -29.52
C ILE B 1034 -23.64 -48.10 -30.68
N VAL B 1035 -24.33 -49.20 -30.93
CA VAL B 1035 -23.92 -50.24 -31.82
C VAL B 1035 -24.52 -50.07 -33.25
N ALA B 1036 -23.82 -50.60 -34.26
CA ALA B 1036 -24.34 -50.73 -35.64
C ALA B 1036 -25.56 -51.66 -35.66
N GLN B 1037 -26.59 -51.25 -36.40
CA GLN B 1037 -27.81 -52.03 -36.62
C GLN B 1037 -27.58 -53.28 -37.50
N THR B 1038 -28.28 -54.36 -37.16
CA THR B 1038 -27.89 -55.74 -37.50
C THR B 1038 -29.07 -56.68 -37.28
N ARG B 1039 -29.27 -57.64 -38.18
CA ARG B 1039 -30.27 -58.70 -37.93
C ARG B 1039 -30.25 -59.16 -36.48
N GLU B 1040 -29.04 -59.43 -35.98
CA GLU B 1040 -28.80 -59.93 -34.61
C GLU B 1040 -29.40 -58.96 -33.59
N VAL B 1041 -29.06 -57.67 -33.73
CA VAL B 1041 -29.67 -56.59 -32.92
C VAL B 1041 -31.16 -56.46 -33.27
N GLU B 1042 -31.48 -56.45 -34.56
CA GLU B 1042 -32.86 -56.32 -35.03
C GLU B 1042 -33.78 -57.38 -34.45
N GLU B 1043 -33.30 -58.61 -34.36
CA GLU B 1043 -34.13 -59.73 -33.92
C GLU B 1043 -34.44 -59.74 -32.41
N THR B 1044 -33.54 -59.19 -31.59
CA THR B 1044 -33.74 -59.21 -30.12
C THR B 1044 -34.48 -57.99 -29.56
N VAL B 1045 -35.00 -57.14 -30.44
CA VAL B 1045 -35.81 -56.00 -30.02
C VAL B 1045 -37.05 -56.48 -29.29
N ALA B 1046 -37.66 -57.54 -29.78
CA ALA B 1046 -38.95 -57.94 -29.28
C ALA B 1046 -38.86 -58.73 -27.96
N ARG B 1047 -37.80 -59.53 -27.80
CA ARG B 1047 -37.57 -60.26 -26.54
C ARG B 1047 -37.40 -59.28 -25.38
N LEU B 1048 -36.77 -58.14 -25.66
CA LEU B 1048 -36.59 -57.08 -24.67
C LEU B 1048 -37.88 -56.35 -24.35
N ALA B 1049 -38.68 -56.00 -25.36
CA ALA B 1049 -39.97 -55.37 -25.09
C ALA B 1049 -40.82 -56.26 -24.18
N ALA B 1050 -40.77 -57.57 -24.42
CA ALA B 1050 -41.55 -58.56 -23.69
C ALA B 1050 -41.08 -58.68 -22.26
N LEU B 1051 -39.76 -58.69 -22.07
CA LEU B 1051 -39.16 -58.72 -20.75
C LEU B 1051 -39.61 -57.49 -19.99
N ARG B 1052 -39.63 -56.37 -20.69
CA ARG B 1052 -39.80 -55.09 -20.04
C ARG B 1052 -41.25 -54.90 -19.64
N GLU B 1053 -42.11 -55.19 -20.60
CA GLU B 1053 -43.54 -55.29 -20.36
C GLU B 1053 -43.75 -55.97 -19.02
N LEU B 1054 -43.15 -57.15 -18.86
CA LEU B 1054 -43.30 -57.95 -17.64
C LEU B 1054 -42.59 -57.35 -16.41
N ASP B 1055 -42.49 -56.02 -16.29
CA ASP B 1055 -41.71 -55.38 -15.20
C ASP B 1055 -42.20 -53.96 -14.87
N LYS B 1094 -34.85 -47.90 -39.31
CA LYS B 1094 -35.52 -48.62 -38.25
C LYS B 1094 -34.73 -48.27 -37.00
N LEU B 1095 -35.08 -48.84 -35.86
CA LEU B 1095 -34.30 -48.79 -34.60
C LEU B 1095 -33.76 -47.46 -34.13
N LEU B 1096 -34.32 -46.93 -33.05
CA LEU B 1096 -33.85 -45.67 -32.48
C LEU B 1096 -32.45 -45.83 -31.88
N VAL B 1097 -31.79 -44.70 -31.60
CA VAL B 1097 -30.48 -44.70 -30.94
C VAL B 1097 -30.51 -45.49 -29.63
N SER B 1098 -31.53 -45.27 -28.81
CA SER B 1098 -31.67 -45.97 -27.54
C SER B 1098 -31.80 -47.48 -27.68
N GLU B 1099 -32.39 -47.94 -28.78
CA GLU B 1099 -32.54 -49.36 -29.02
C GLU B 1099 -31.22 -49.96 -29.43
N LEU B 1100 -30.30 -49.13 -29.93
CA LEU B 1100 -28.99 -49.59 -30.35
C LEU B 1100 -27.94 -49.55 -29.21
N ALA B 1101 -28.34 -49.23 -27.98
CA ALA B 1101 -27.40 -49.19 -26.85
C ALA B 1101 -27.01 -50.58 -26.40
N GLU B 1102 -25.78 -50.72 -25.91
CA GLU B 1102 -25.22 -52.03 -25.63
C GLU B 1102 -24.07 -51.99 -24.61
N ASP B 1103 -24.07 -52.97 -23.70
CA ASP B 1103 -23.02 -53.12 -22.69
C ASP B 1103 -21.69 -53.17 -23.40
N PRO B 1104 -20.67 -52.49 -22.87
CA PRO B 1104 -19.40 -52.56 -23.61
C PRO B 1104 -18.79 -53.96 -23.65
N ALA B 1105 -18.74 -54.63 -22.50
CA ALA B 1105 -18.19 -56.00 -22.37
C ALA B 1105 -18.68 -56.91 -23.51
N TYR B 1106 -20.00 -56.96 -23.66
CA TYR B 1106 -20.66 -57.70 -24.69
C TYR B 1106 -20.18 -57.25 -26.07
N ALA B 1107 -20.15 -55.94 -26.28
CA ALA B 1107 -19.69 -55.39 -27.54
C ALA B 1107 -18.31 -55.93 -27.89
N ILE B 1108 -17.40 -55.89 -26.93
CA ILE B 1108 -16.05 -56.42 -27.12
C ILE B 1108 -16.06 -57.91 -27.45
N ALA B 1109 -16.87 -58.66 -26.72
CA ALA B 1109 -16.92 -60.10 -26.85
C ALA B 1109 -17.62 -60.58 -28.14
N HIS B 1110 -18.33 -59.70 -28.83
CA HIS B 1110 -18.94 -60.07 -30.11
C HIS B 1110 -18.37 -59.27 -31.27
N GLY B 1111 -17.32 -58.50 -31.00
CA GLY B 1111 -16.69 -57.63 -31.98
C GLY B 1111 -17.71 -56.93 -32.85
N VAL B 1112 -18.67 -56.27 -32.22
CA VAL B 1112 -19.76 -55.68 -32.98
C VAL B 1112 -19.25 -54.36 -33.51
N ALA B 1113 -19.75 -53.91 -34.67
CA ALA B 1113 -19.38 -52.56 -35.15
C ALA B 1113 -20.09 -51.48 -34.35
N LEU B 1114 -19.35 -50.39 -34.10
CA LEU B 1114 -19.87 -49.18 -33.52
C LEU B 1114 -20.79 -48.51 -34.53
N ASN B 1115 -21.66 -47.62 -34.07
CA ASN B 1115 -22.59 -46.94 -34.97
C ASN B 1115 -21.91 -45.74 -35.55
N THR B 1116 -21.40 -45.86 -36.78
CA THR B 1116 -20.62 -44.80 -37.37
C THR B 1116 -21.38 -43.48 -37.31
N ASP B 1117 -22.61 -43.50 -37.75
CA ASP B 1117 -23.39 -42.27 -37.81
C ASP B 1117 -23.66 -41.61 -36.45
N TYR B 1118 -23.83 -42.39 -35.39
CA TYR B 1118 -24.09 -41.85 -34.11
C TYR B 1118 -22.90 -41.03 -33.71
N TYR B 1119 -21.74 -41.67 -33.66
CA TYR B 1119 -20.54 -41.00 -33.14
C TYR B 1119 -20.15 -39.84 -34.02
N PHE B 1120 -19.92 -40.13 -35.30
CA PHE B 1120 -19.43 -39.10 -36.17
C PHE B 1120 -20.36 -37.87 -36.17
N SER B 1121 -21.64 -38.13 -36.11
CA SER B 1121 -22.61 -37.06 -36.03
C SER B 1121 -22.36 -36.17 -34.82
N HIS B 1122 -22.14 -36.81 -33.68
CA HIS B 1122 -21.91 -36.07 -32.48
C HIS B 1122 -20.61 -35.32 -32.61
N LEU B 1123 -19.55 -35.96 -33.11
CA LEU B 1123 -18.30 -35.20 -33.34
C LEU B 1123 -18.52 -33.88 -34.12
N LEU B 1124 -19.21 -33.92 -35.24
CA LEU B 1124 -19.46 -32.72 -36.06
C LEU B 1124 -20.28 -31.69 -35.28
N GLY B 1125 -21.19 -32.18 -34.44
CA GLY B 1125 -21.89 -31.35 -33.46
C GLY B 1125 -21.00 -30.60 -32.47
N ALA B 1126 -20.13 -31.30 -31.75
CA ALA B 1126 -19.20 -30.64 -30.84
C ALA B 1126 -18.38 -29.55 -31.55
N ALA B 1127 -17.77 -29.89 -32.69
CA ALA B 1127 -16.94 -28.94 -33.46
C ALA B 1127 -17.74 -27.70 -33.79
N CYS B 1128 -18.96 -27.96 -34.23
CA CYS B 1128 -19.83 -26.94 -34.72
C CYS B 1128 -20.25 -25.94 -33.62
N VAL B 1129 -20.43 -26.46 -32.42
CA VAL B 1129 -20.68 -25.64 -31.24
C VAL B 1129 -19.49 -24.68 -30.99
N THR B 1130 -18.25 -25.14 -31.19
CA THR B 1130 -17.12 -24.23 -31.08
C THR B 1130 -17.01 -23.35 -32.33
N PHE B 1131 -16.79 -23.99 -33.47
CA PHE B 1131 -16.34 -23.32 -34.68
C PHE B 1131 -17.30 -22.40 -35.36
N LYS B 1132 -18.56 -22.42 -34.95
CA LYS B 1132 -19.54 -21.42 -35.39
C LYS B 1132 -19.11 -19.98 -35.12
N ALA B 1133 -18.28 -19.77 -34.11
CA ALA B 1133 -17.73 -18.43 -33.84
C ALA B 1133 -16.90 -17.89 -35.00
N LEU B 1134 -16.48 -18.76 -35.91
CA LEU B 1134 -15.84 -18.29 -37.12
C LEU B 1134 -16.83 -17.70 -38.14
N PHE B 1135 -18.14 -17.87 -37.89
CA PHE B 1135 -19.20 -17.54 -38.85
C PHE B 1135 -20.38 -16.88 -38.13
N GLY B 1136 -20.07 -15.91 -37.27
CA GLY B 1136 -21.08 -15.14 -36.55
C GLY B 1136 -22.06 -15.97 -35.74
N ASN B 1137 -21.65 -17.13 -35.29
CA ASN B 1137 -22.52 -18.01 -34.50
C ASN B 1137 -23.79 -18.50 -35.22
N ASN B 1138 -23.77 -18.53 -36.55
CA ASN B 1138 -24.81 -19.23 -37.32
C ASN B 1138 -24.64 -20.77 -37.36
N ALA B 1139 -25.34 -21.48 -36.47
CA ALA B 1139 -25.22 -22.96 -36.36
C ALA B 1139 -25.52 -23.70 -37.66
N LYS B 1140 -26.43 -23.18 -38.47
CA LYS B 1140 -26.64 -23.73 -39.81
C LYS B 1140 -25.40 -23.44 -40.66
N ILE B 1141 -25.24 -22.20 -41.16
CA ILE B 1141 -24.11 -21.91 -42.05
C ILE B 1141 -22.85 -22.72 -41.67
N THR B 1142 -22.50 -22.74 -40.38
CA THR B 1142 -21.34 -23.48 -39.86
C THR B 1142 -21.40 -24.94 -40.28
N GLU B 1143 -22.54 -25.56 -40.00
CA GLU B 1143 -22.77 -26.96 -40.33
C GLU B 1143 -22.46 -27.21 -41.83
N SER B 1144 -23.04 -26.42 -42.72
CA SER B 1144 -22.80 -26.56 -44.15
C SER B 1144 -21.34 -26.51 -44.57
N LEU B 1145 -20.52 -25.71 -43.89
CA LEU B 1145 -19.14 -25.51 -44.35
C LEU B 1145 -18.22 -26.58 -43.74
N LEU B 1146 -18.62 -27.09 -42.59
CA LEU B 1146 -17.91 -28.17 -41.96
C LEU B 1146 -18.05 -29.41 -42.82
N LYS B 1147 -19.15 -29.48 -43.58
CA LYS B 1147 -19.32 -30.52 -44.63
C LYS B 1147 -18.23 -30.47 -45.70
N ARG B 1148 -17.75 -29.29 -46.07
CA ARG B 1148 -16.62 -29.20 -46.98
C ARG B 1148 -15.45 -29.98 -46.40
N PHE B 1149 -15.45 -30.24 -45.11
CA PHE B 1149 -14.28 -30.84 -44.53
C PHE B 1149 -14.32 -32.32 -44.49
N ILE B 1150 -15.43 -32.93 -44.92
CA ILE B 1150 -15.52 -34.36 -44.89
C ILE B 1150 -16.04 -34.89 -46.23
N PRO B 1151 -15.70 -36.11 -46.59
CA PRO B 1151 -16.31 -36.66 -47.78
C PRO B 1151 -17.84 -36.70 -47.79
N GLU B 1152 -18.40 -36.27 -48.91
CA GLU B 1152 -19.81 -36.34 -49.19
C GLU B 1152 -20.33 -37.66 -48.73
N VAL B 1153 -19.65 -38.73 -49.10
CA VAL B 1153 -20.11 -40.06 -48.72
C VAL B 1153 -20.27 -40.29 -47.22
N TRP B 1154 -19.99 -39.30 -46.38
CA TRP B 1154 -20.17 -39.41 -44.92
C TRP B 1154 -21.12 -38.34 -44.36
N HIS B 1155 -21.76 -37.64 -45.29
CA HIS B 1155 -22.76 -36.65 -44.96
C HIS B 1155 -24.01 -37.40 -44.56
#